data_5T5M
#
_entry.id   5T5M
#
_cell.length_a   105.543
_cell.length_b   105.543
_cell.length_c   340.549
_cell.angle_alpha   90.00
_cell.angle_beta   90.00
_cell.angle_gamma   120.00
#
_symmetry.space_group_name_H-M   'P 32 2 1'
#
loop_
_entity.id
_entity.type
_entity.pdbx_description
1 polymer 'Tungsten formylmethanofuran dehydrogenase subunit fwdA'
2 polymer 'Tungsten formylmethanofuran dehydrogenase subunit fwdB'
3 polymer 'Tungsten-containing formylmethanofuran dehydrogenase 2 subunit C'
4 polymer 'Tungsten formylmethanofuran dehydrogenase subunit fwdD'
5 polymer 'Tungsten formylmethanofuran dehydrogenase subunit fwdF'
6 polymer 'Tungsten formylmethanofuran dehydrogenase subunit fwdG'
7 non-polymer 'MAGNESIUM ION'
8 non-polymer 'ZINC ION'
9 non-polymer GLYCEROL
10 non-polymer 'POTASSIUM ION'
11 non-polymer 'IRON/SULFUR CLUSTER'
12 non-polymer 'TUNGSTEN ION'
13 non-polymer '2-AMINO-5,6-DIMERCAPTO-7-METHYL-3,7,8A,9-TETRAHYDRO-8-OXA-1,3,9,10-TETRAAZA-ANTHRACEN-4-ONE GUANOSINE DINUCLEOTIDE'
14 non-polymer 'HYDROSULFURIC ACID'
15 water water
#
loop_
_entity_poly.entity_id
_entity_poly.type
_entity_poly.pdbx_seq_one_letter_code
_entity_poly.pdbx_strand_id
1 'polypeptide(L)'
;MEYIIKNGFVYCPLNGVDGEKMDICVKDGKIVESVSDSAKVIDASGKIVMPGGVDPHSHIAGAKVNVGRMYRPEDSKRDA
EKFKGGRAGSGFSVPSTFMTGYRYAQMGYTTAMEAAMPPLLARHTHEEFHDTPIIDHAAYPLFGNNWFVMEYLKEGDVDA
CAAYASWLLRATKGYTI(KCX)IVNPAGTEAWGWGGNVHGIYDPAPYFDITPAEIIKGLAEVNEKLQLPHSIHLHCNDLG
HPGNYETTLASFDVPKNIKPNPATGSRDTVLYATHVQFHSYGGTTWRDFVSEAPKIADYVNKNDHIVIDVGQITLDETTT
MTADGPMEYDLHSLNGLKWANCDVELETGSGVVPFIYSARAPVPAVQWAIGMELFLLIDNPEKVCLTTDSPNAGPFTRYP
RVIAWLMSNKYRMNLIEGELHKWAQRKSTVATIDREYTFSEIAQITRATSAKVLGLSDTKGHLGVGADADIAVYDINPET
VDPSAEYMAIEEAFSRAACVLKDGEIVVKDGEVVASPHGRTYWVDTQVDESIYSEVLANVESKFKQYYSVNFANYPVQDD
YLPKSAPVKGVML
;
A
2 'polypeptide(L)'
;MEYVKNVVCPFCGTLCDDIICKVEGNEIVGTINACRIGHSKFVHAEGAMRYKKPLIRKNGEFVEVSYDEAIDKAAKILAE
SKRPLMYGWSCTECEAQAVGVELAEEAGAVIDNTASVCHGPSVLALQDVGYPICTFGEVKNRADVVVYWGCNPMHAHPRH
MSRNVFARGFFRERGRSDRTLIVVDPRKTDSAKLADIHLQLDFDRDYELLDAMRACLLGHEILYDEVAGVPREQIEEAVE
VLKNAQFGILFFGMGITHSRGKHRNIDTAIMMVQDLNDYAKWTLIPMRGHYNVTGFNQVCTWESGYPYCVDFSGGEPRYN
PGETGANDLLQNREADAMMVIASDPGAHFPQRALERMAEIPVIAIEPHRTPTTEMADIIIPPAIVGMEAEGTAYRMEGVP
IRMKKVVDSDLLSDREILERLLEKVREYKASK
;
B
3 'polypeptide(L)'
;MSEIILTPKEQPEVPLEAPNIKPDVFAGKSIEEIKNIQIMHGNEVVKLGDFFEVSGEPADAPEDIKIIIDGDVYNTKRIG
QEMTAGEIIVRGNVNMYVGAGMKGGKITVEGNAGSWAGQDMRGGEIEILGDAGDYVGSSYRGDWRGMSGGTITVHGNADN
EIGEYMNGGKIIIKGDVNIMPGIHMNNGLIIIEGNVVARAGGEMAGGTIVVKGMMQEFLAGFKYLGVEKDIEVDGEELPG
AFYKFEGDHAIKGAKGIVYAAVGCNGHIAP
;
C
4 'polypeptide(L)'
;MRVILNTGRTIWQGQAIESGKDLKMYVDAAAIIQMNPEMMKQLGIAEGDNVKVISEYGDVVVKAVEAKEPLPEGMVYIPM
GPWANRVIRPYTDSTATPSFKNIPVEIIPTDEEVLDMPTLMKVYGKVGQI
;
D
5 'polypeptide(L)'
;METTEVIEGKNITVERTGEENRRLIFQDCLCAVCGLCGEICPVSAIEVNPTGAMVRTEQEKSKIAIDENKCVLCGMCSSI
CPFQALDLQIDGTSIKELAEYPKIIKSAEIDDETCIQCKACETACPQDAITITRELPERKDLVTGEIEIDKDTCIYCGMC
EEMCPVDAIEIDHQTPSSASPVVATDIRVDEDKCVHCGICKRICPVDAIMQVCRICPYGEYEIKTPEVTGTSYIDPELCV
NCGWCQEICPVDAATVTKPFEGELIIDQDTCQACETCVMVCPCNVLSFPKPEKPGEKTTKLHKDERFCIYCGACERSCPV
TAITVKRNRINTTPIRSKAWKNAFDSLLK
;
F
6 'polypeptide(L)'
;MAIGLKAYPELCHGCGNCVIACPVNALRSPEVAGGKGPTDDVEIIMIVEDGVVNIKNPDLCGKCGTCVESCPVDAIRLEE
LE
;
G
#
# COMPACT_ATOMS: atom_id res chain seq x y z
N MET A 1 -39.71 31.61 -1.81
CA MET A 1 -40.92 31.11 -1.10
C MET A 1 -41.17 31.89 0.20
N GLU A 2 -42.24 31.53 0.90
CA GLU A 2 -42.55 32.12 2.19
C GLU A 2 -43.01 31.04 3.14
N TYR A 3 -42.54 31.13 4.39
CA TYR A 3 -42.89 30.21 5.44
C TYR A 3 -43.04 30.98 6.74
N ILE A 4 -43.92 30.50 7.62
CA ILE A 4 -44.02 31.02 8.98
C ILE A 4 -44.24 29.86 9.94
N ILE A 5 -43.38 29.78 10.95
CA ILE A 5 -43.42 28.72 11.95
C ILE A 5 -44.14 29.27 13.19
N LYS A 6 -45.28 28.68 13.53
CA LYS A 6 -46.20 29.26 14.49
C LYS A 6 -46.12 28.58 15.85
N ASN A 7 -46.16 29.41 16.91
CA ASN A 7 -46.45 28.99 18.28
C ASN A 7 -45.44 27.98 18.82
N GLY A 8 -44.26 27.90 18.22
CA GLY A 8 -43.22 27.04 18.74
C GLY A 8 -42.46 27.72 19.86
N PHE A 9 -42.05 26.94 20.84
CA PHE A 9 -41.18 27.43 21.90
C PHE A 9 -39.78 27.62 21.31
N VAL A 10 -39.36 28.88 21.19
CA VAL A 10 -38.11 29.20 20.51
C VAL A 10 -36.97 29.23 21.52
N TYR A 11 -35.86 28.62 21.13
CA TYR A 11 -34.62 28.63 21.90
C TYR A 11 -33.51 29.15 20.97
N CYS A 12 -33.09 30.38 21.17
CA CYS A 12 -31.99 30.97 20.41
C CYS A 12 -31.08 31.73 21.38
N PRO A 13 -29.97 31.12 21.81
CA PRO A 13 -29.15 31.77 22.85
C PRO A 13 -28.42 33.01 22.36
N LEU A 14 -28.14 33.12 21.06
CA LEU A 14 -27.48 34.31 20.55
C LEU A 14 -28.37 35.54 20.60
N ASN A 15 -29.69 35.37 20.70
CA ASN A 15 -30.62 36.48 20.79
C ASN A 15 -31.45 36.39 22.07
N GLY A 16 -30.89 35.78 23.12
CA GLY A 16 -31.47 35.81 24.44
C GLY A 16 -32.84 35.16 24.62
N VAL A 17 -33.30 34.40 23.62
CA VAL A 17 -34.61 33.76 23.69
C VAL A 17 -34.44 32.41 24.38
N ASP A 18 -35.17 32.23 25.49
CA ASP A 18 -35.10 31.01 26.30
C ASP A 18 -36.49 30.39 26.38
N GLY A 19 -36.90 29.76 25.28
CA GLY A 19 -38.17 29.06 25.26
C GLY A 19 -39.36 29.98 25.31
N GLU A 20 -39.42 30.95 24.41
CA GLU A 20 -40.53 31.88 24.32
C GLU A 20 -41.39 31.55 23.12
N LYS A 21 -42.69 31.36 23.36
CA LYS A 21 -43.65 31.26 22.26
C LYS A 21 -43.49 32.44 21.32
N MET A 22 -43.22 32.15 20.05
CA MET A 22 -42.81 33.17 19.11
C MET A 22 -42.83 32.58 17.72
N ASP A 23 -43.29 33.36 16.74
CA ASP A 23 -43.33 32.92 15.37
C ASP A 23 -42.06 33.33 14.63
N ILE A 24 -41.56 32.44 13.78
CA ILE A 24 -40.39 32.70 12.94
C ILE A 24 -40.85 32.83 11.49
N CYS A 25 -40.38 33.88 10.82
CA CYS A 25 -40.80 34.19 9.46
C CYS A 25 -39.63 33.99 8.50
N VAL A 26 -39.89 33.28 7.42
CA VAL A 26 -38.87 32.86 6.47
C VAL A 26 -39.27 33.30 5.07
N LYS A 27 -38.30 33.81 4.30
CA LYS A 27 -38.52 34.11 2.89
C LYS A 27 -37.23 33.91 2.12
N ASP A 28 -37.32 33.18 1.00
CA ASP A 28 -36.22 33.03 0.04
C ASP A 28 -34.91 32.64 0.72
N GLY A 29 -35.00 31.79 1.75
CA GLY A 29 -33.83 31.23 2.37
C GLY A 29 -33.35 31.98 3.60
N LYS A 30 -33.86 33.18 3.86
CA LYS A 30 -33.47 33.98 5.00
C LYS A 30 -34.60 34.01 6.02
N ILE A 31 -34.25 34.32 7.26
CA ILE A 31 -35.22 34.65 8.29
C ILE A 31 -35.47 36.15 8.22
N VAL A 32 -36.74 36.54 8.13
CA VAL A 32 -37.09 37.92 7.81
C VAL A 32 -38.01 38.49 8.90
N GLU A 33 -38.28 39.78 8.76
CA GLU A 33 -39.19 40.50 9.65
C GLU A 33 -40.55 39.83 9.70
N SER A 34 -41.24 39.79 8.55
CA SER A 34 -42.53 39.14 8.44
C SER A 34 -42.74 38.75 6.97
N VAL A 35 -43.93 38.23 6.67
CA VAL A 35 -44.27 37.82 5.32
C VAL A 35 -45.75 38.06 5.08
N SER A 36 -46.13 38.06 3.81
CA SER A 36 -47.54 38.09 3.45
C SER A 36 -48.24 36.86 4.00
N ASP A 37 -49.54 37.01 4.25
CA ASP A 37 -50.30 35.94 4.88
C ASP A 37 -50.63 34.79 3.91
N SER A 38 -50.13 34.83 2.69
CA SER A 38 -50.13 33.66 1.82
C SER A 38 -48.93 32.76 2.08
N ALA A 39 -48.22 32.97 3.20
CA ALA A 39 -47.07 32.16 3.55
C ALA A 39 -47.50 30.81 4.09
N LYS A 40 -46.78 29.76 3.70
CA LYS A 40 -47.08 28.42 4.18
C LYS A 40 -46.80 28.34 5.68
N VAL A 41 -47.76 27.83 6.44
CA VAL A 41 -47.71 27.85 7.90
C VAL A 41 -47.28 26.49 8.42
N ILE A 42 -46.28 26.48 9.29
CA ILE A 42 -45.77 25.25 9.90
C ILE A 42 -46.10 25.32 11.39
N ASP A 43 -47.13 24.57 11.81
CA ASP A 43 -47.58 24.62 13.20
C ASP A 43 -46.55 23.93 14.08
N ALA A 44 -45.70 24.72 14.73
CA ALA A 44 -44.76 24.22 15.73
C ALA A 44 -45.34 24.28 17.14
N SER A 45 -46.66 24.39 17.27
CA SER A 45 -47.27 24.50 18.58
C SER A 45 -46.99 23.23 19.38
N GLY A 46 -46.65 23.41 20.65
CA GLY A 46 -46.26 22.30 21.49
C GLY A 46 -44.96 21.65 21.10
N LYS A 47 -44.09 22.37 20.38
CA LYS A 47 -42.84 21.83 19.90
C LYS A 47 -41.74 22.87 20.06
N ILE A 48 -40.50 22.40 20.09
CA ILE A 48 -39.33 23.24 20.29
C ILE A 48 -38.77 23.65 18.93
N VAL A 49 -38.44 24.93 18.79
CA VAL A 49 -37.80 25.47 17.60
C VAL A 49 -36.39 25.94 17.96
N MET A 50 -35.39 25.43 17.27
CA MET A 50 -34.01 25.83 17.41
C MET A 50 -33.43 26.21 16.06
N PRO A 51 -32.26 26.83 16.03
CA PRO A 51 -31.52 26.96 14.76
C PRO A 51 -31.03 25.60 14.29
N GLY A 52 -30.61 25.57 13.02
CA GLY A 52 -29.97 24.37 12.50
C GLY A 52 -28.66 24.11 13.23
N GLY A 53 -28.41 22.83 13.50
CA GLY A 53 -27.21 22.45 14.24
C GLY A 53 -25.95 22.66 13.43
N VAL A 54 -24.88 23.05 14.14
CA VAL A 54 -23.59 23.36 13.53
C VAL A 54 -22.52 22.50 14.19
N ASP A 55 -22.03 21.50 13.47
CA ASP A 55 -21.02 20.58 13.98
C ASP A 55 -19.64 21.14 13.66
N PRO A 56 -18.84 21.55 14.65
CA PRO A 56 -17.52 22.13 14.35
C PRO A 56 -16.42 21.12 14.07
N HIS A 57 -16.65 19.81 14.30
CA HIS A 57 -15.53 18.85 14.26
C HIS A 57 -16.07 17.44 14.00
N SER A 58 -15.97 17.00 12.75
CA SER A 58 -16.42 15.69 12.33
C SER A 58 -15.52 15.17 11.23
N HIS A 59 -15.39 13.86 11.13
CA HIS A 59 -14.58 13.25 10.08
C HIS A 59 -15.53 12.59 9.09
N ILE A 60 -15.83 13.31 8.01
CA ILE A 60 -16.91 12.94 7.11
C ILE A 60 -16.52 12.97 5.64
N ALA A 61 -15.38 13.58 5.25
CA ALA A 61 -15.05 13.71 3.84
C ALA A 61 -13.54 13.64 3.66
N GLY A 62 -13.06 12.67 2.88
CA GLY A 62 -11.68 12.63 2.49
C GLY A 62 -11.06 11.27 2.66
N ALA A 63 -9.72 11.25 2.54
CA ALA A 63 -8.97 10.01 2.35
C ALA A 63 -9.08 9.09 3.57
N LYS A 64 -8.77 9.61 4.76
CA LYS A 64 -8.78 8.75 5.95
C LYS A 64 -10.19 8.23 6.22
N VAL A 65 -11.21 9.04 5.95
CA VAL A 65 -12.58 8.59 6.15
C VAL A 65 -12.90 7.46 5.18
N ASN A 66 -12.45 7.56 3.93
CA ASN A 66 -12.85 6.56 2.94
C ASN A 66 -12.08 5.26 3.13
N VAL A 67 -10.88 5.31 3.72
CA VAL A 67 -10.19 4.09 4.08
C VAL A 67 -10.99 3.34 5.14
N GLY A 68 -11.46 4.07 6.16
CA GLY A 68 -12.31 3.45 7.16
C GLY A 68 -13.57 2.86 6.55
N ARG A 69 -14.18 3.57 5.60
CA ARG A 69 -15.31 3.01 4.87
C ARG A 69 -14.90 1.74 4.14
N MET A 70 -13.78 1.78 3.42
CA MET A 70 -13.41 0.68 2.55
C MET A 70 -13.03 -0.56 3.35
N TYR A 71 -12.18 -0.39 4.37
CA TYR A 71 -11.59 -1.54 5.02
C TYR A 71 -12.46 -2.06 6.17
N ARG A 72 -13.69 -1.54 6.29
CA ARG A 72 -14.67 -2.07 7.26
C ARG A 72 -15.98 -2.40 6.54
N PRO A 73 -15.96 -3.41 5.66
CA PRO A 73 -17.23 -3.86 5.09
C PRO A 73 -18.19 -4.38 6.14
N GLU A 74 -17.67 -4.87 7.26
CA GLU A 74 -18.52 -5.37 8.34
C GLU A 74 -19.26 -4.24 9.04
N ASP A 75 -18.68 -3.04 9.07
CA ASP A 75 -19.40 -1.86 9.57
C ASP A 75 -20.56 -1.50 8.64
N SER A 76 -20.33 -1.61 7.33
CA SER A 76 -21.42 -1.42 6.37
C SER A 76 -22.51 -2.47 6.53
N LYS A 77 -22.11 -3.74 6.75
CA LYS A 77 -23.13 -4.80 6.82
C LYS A 77 -24.00 -4.68 8.07
N ARG A 78 -23.44 -4.10 9.12
CA ARG A 78 -24.20 -3.84 10.34
C ARG A 78 -25.35 -2.86 10.12
N ASP A 79 -25.19 -1.91 9.17
CA ASP A 79 -26.08 -0.74 9.06
C ASP A 79 -26.10 -0.31 7.59
N ALA A 80 -26.92 -1.00 6.79
CA ALA A 80 -27.12 -0.69 5.38
C ALA A 80 -28.58 -0.30 5.16
N GLU A 81 -28.79 0.74 4.38
CA GLU A 81 -30.10 1.37 4.29
C GLU A 81 -30.37 1.82 2.86
N LYS A 82 -31.65 1.94 2.54
CA LYS A 82 -32.12 2.43 1.24
C LYS A 82 -33.58 2.81 1.42
N PHE A 83 -33.88 4.10 1.37
CA PHE A 83 -35.27 4.54 1.49
C PHE A 83 -35.68 5.26 0.20
N LYS A 84 -36.98 5.16 -0.10
CA LYS A 84 -37.48 5.64 -1.38
C LYS A 84 -37.10 7.10 -1.59
N GLY A 85 -36.68 7.42 -2.81
CA GLY A 85 -36.22 8.74 -3.15
C GLY A 85 -34.78 9.03 -2.79
N GLY A 86 -34.15 8.19 -1.93
CA GLY A 86 -32.80 8.42 -1.51
C GLY A 86 -31.83 7.47 -2.19
N ARG A 87 -30.56 7.82 -2.10
CA ARG A 87 -29.48 6.95 -2.54
C ARG A 87 -29.23 5.85 -1.51
N ALA A 88 -28.74 4.72 -1.99
CA ALA A 88 -28.32 3.64 -1.12
C ALA A 88 -27.07 4.04 -0.33
N GLY A 89 -26.92 3.44 0.85
CA GLY A 89 -25.76 3.71 1.68
C GLY A 89 -25.63 2.72 2.80
N SER A 90 -24.44 2.70 3.41
CA SER A 90 -24.16 1.80 4.51
C SER A 90 -23.04 2.38 5.36
N GLY A 91 -22.93 1.86 6.59
CA GLY A 91 -21.88 2.26 7.50
C GLY A 91 -22.39 2.74 8.84
N PHE A 92 -22.26 1.93 9.89
CA PHE A 92 -22.74 2.34 11.20
C PHE A 92 -21.89 3.49 11.77
N SER A 93 -20.58 3.26 11.91
CA SER A 93 -19.71 4.29 12.47
C SER A 93 -19.03 5.14 11.40
N VAL A 94 -18.85 4.61 10.19
CA VAL A 94 -18.29 5.40 9.08
C VAL A 94 -19.27 5.38 7.92
N PRO A 95 -20.39 6.10 8.01
CA PRO A 95 -21.39 6.08 6.93
C PRO A 95 -20.84 6.63 5.62
N SER A 96 -21.46 6.19 4.53
CA SER A 96 -21.20 6.74 3.20
C SER A 96 -21.73 8.17 3.11
N THR A 97 -21.39 8.83 2.00
CA THR A 97 -21.58 10.28 1.94
C THR A 97 -23.07 10.65 1.94
N PHE A 98 -23.88 9.99 1.11
CA PHE A 98 -25.30 10.33 1.09
C PHE A 98 -25.93 10.06 2.44
N MET A 99 -25.62 8.89 3.01
CA MET A 99 -26.09 8.55 4.34
C MET A 99 -25.65 9.59 5.36
N THR A 100 -24.40 10.03 5.28
CA THR A 100 -23.88 11.05 6.19
C THR A 100 -24.76 12.29 6.18
N GLY A 101 -25.07 12.81 5.00
CA GLY A 101 -25.90 13.99 4.92
C GLY A 101 -27.31 13.75 5.44
N TYR A 102 -27.90 12.60 5.08
CA TYR A 102 -29.24 12.29 5.55
C TYR A 102 -29.32 12.28 7.07
N ARG A 103 -28.32 11.67 7.72
CA ARG A 103 -28.38 11.46 9.16
C ARG A 103 -28.10 12.73 9.95
N TYR A 104 -27.28 13.63 9.41
CA TYR A 104 -27.13 14.95 10.04
C TYR A 104 -28.44 15.72 10.02
N ALA A 105 -29.13 15.70 8.88
CA ALA A 105 -30.39 16.45 8.77
C ALA A 105 -31.48 15.86 9.65
N GLN A 106 -31.60 14.52 9.71
CA GLN A 106 -32.65 13.92 10.51
C GLN A 106 -32.64 14.43 11.95
N MET A 107 -31.45 14.65 12.51
CA MET A 107 -31.34 15.11 13.89
C MET A 107 -31.17 16.62 13.97
N GLY A 108 -31.49 17.33 12.88
CA GLY A 108 -31.63 18.78 12.91
C GLY A 108 -30.37 19.56 12.61
N TYR A 109 -29.33 18.92 12.08
CA TYR A 109 -28.07 19.59 11.78
C TYR A 109 -28.05 20.02 10.33
N THR A 110 -27.62 21.25 10.08
CA THR A 110 -27.57 21.83 8.75
C THR A 110 -26.16 22.24 8.32
N THR A 111 -25.19 22.23 9.23
CA THR A 111 -23.81 22.60 8.91
C THR A 111 -22.85 21.74 9.71
N ALA A 112 -21.85 21.17 9.01
CA ALA A 112 -20.86 20.32 9.66
C ALA A 112 -19.53 20.48 8.94
N MET A 113 -18.45 20.48 9.71
CA MET A 113 -17.10 20.76 9.20
C MET A 113 -16.24 19.50 9.18
N GLU A 114 -15.60 19.25 8.03
CA GLU A 114 -14.56 18.23 7.95
C GLU A 114 -13.29 18.72 8.64
N ALA A 115 -12.79 17.91 9.58
CA ALA A 115 -11.86 18.40 10.58
C ALA A 115 -10.38 18.25 10.22
N ALA A 116 -10.02 17.39 9.25
CA ALA A 116 -8.60 17.14 8.97
C ALA A 116 -8.40 16.76 7.51
N MET A 117 -8.05 17.75 6.67
CA MET A 117 -7.88 17.53 5.24
C MET A 117 -6.41 17.62 4.84
N PRO A 118 -5.78 16.54 4.38
CA PRO A 118 -4.41 16.65 3.83
C PRO A 118 -4.42 17.47 2.55
N PRO A 119 -3.60 18.54 2.48
CA PRO A 119 -3.62 19.43 1.29
C PRO A 119 -3.45 18.75 -0.06
N LEU A 120 -2.51 17.81 -0.20
CA LEU A 120 -2.35 17.11 -1.46
C LEU A 120 -3.59 16.30 -1.82
N LEU A 121 -4.43 15.97 -0.84
CA LEU A 121 -5.61 15.13 -1.06
C LEU A 121 -6.90 15.94 -1.02
N ALA A 122 -6.81 17.25 -1.25
CA ALA A 122 -7.97 18.12 -1.09
C ALA A 122 -9.07 17.81 -2.11
N ARG A 123 -8.70 17.42 -3.34
CA ARG A 123 -9.72 17.11 -4.33
C ARG A 123 -10.62 15.99 -3.83
N HIS A 124 -10.07 15.03 -3.09
CA HIS A 124 -10.85 13.90 -2.58
C HIS A 124 -11.90 14.36 -1.58
N THR A 125 -11.51 15.23 -0.65
CA THR A 125 -12.47 15.77 0.31
C THR A 125 -13.63 16.45 -0.39
N HIS A 126 -13.33 17.34 -1.35
CA HIS A 126 -14.40 18.10 -2.00
C HIS A 126 -15.31 17.20 -2.84
N GLU A 127 -14.75 16.17 -3.46
CA GLU A 127 -15.57 15.26 -4.24
C GLU A 127 -16.58 14.53 -3.36
N GLU A 128 -16.16 14.09 -2.16
CA GLU A 128 -17.13 13.46 -1.26
C GLU A 128 -18.15 14.50 -0.78
N PHE A 129 -17.71 15.72 -0.49
CA PHE A 129 -18.65 16.77 -0.14
C PHE A 129 -19.76 16.90 -1.18
N HIS A 130 -19.39 16.89 -2.46
CA HIS A 130 -20.41 17.01 -3.51
C HIS A 130 -21.46 15.91 -3.38
N ASP A 131 -21.06 14.71 -2.96
CA ASP A 131 -22.01 13.63 -2.76
C ASP A 131 -22.53 13.57 -1.33
N THR A 132 -22.38 14.66 -0.56
CA THR A 132 -22.94 14.75 0.79
C THR A 132 -24.12 15.72 0.78
N PRO A 133 -25.35 15.28 0.98
CA PRO A 133 -26.51 16.15 0.76
C PRO A 133 -26.78 17.11 1.91
N ILE A 134 -27.48 18.18 1.56
CA ILE A 134 -28.14 19.09 2.49
C ILE A 134 -27.15 20.00 3.23
N ILE A 135 -26.26 19.42 4.03
CA ILE A 135 -25.49 20.25 4.95
C ILE A 135 -24.52 21.14 4.18
N ASP A 136 -24.40 22.38 4.63
CA ASP A 136 -23.26 23.23 4.30
C ASP A 136 -22.03 22.72 5.04
N HIS A 137 -20.85 23.09 4.54
CA HIS A 137 -19.64 22.40 4.98
C HIS A 137 -18.40 23.23 4.70
N ALA A 138 -17.29 22.74 5.24
CA ALA A 138 -15.95 23.28 5.02
C ALA A 138 -14.96 22.23 5.52
N ALA A 139 -13.72 22.33 5.07
CA ALA A 139 -12.68 21.39 5.46
C ALA A 139 -11.49 22.14 6.06
N TYR A 140 -10.85 21.51 7.04
CA TYR A 140 -9.70 22.11 7.72
C TYR A 140 -8.41 21.55 7.17
N PRO A 141 -7.63 22.31 6.40
CA PRO A 141 -6.30 21.82 6.01
C PRO A 141 -5.39 21.66 7.22
N LEU A 142 -4.45 20.72 7.11
CA LEU A 142 -3.53 20.39 8.19
C LEU A 142 -2.23 21.17 8.00
N PHE A 143 -1.76 21.82 9.08
CA PHE A 143 -0.57 22.66 9.06
C PHE A 143 0.50 22.27 10.07
N GLY A 144 0.14 21.60 11.16
CA GLY A 144 1.05 21.39 12.28
C GLY A 144 2.25 20.49 12.01
N ASN A 145 2.26 19.79 10.88
CA ASN A 145 3.42 18.97 10.49
C ASN A 145 3.85 19.27 9.06
N ASN A 146 3.43 20.42 8.52
CA ASN A 146 3.78 20.82 7.16
C ASN A 146 5.23 21.29 7.08
N TRP A 147 5.93 20.87 6.02
CA TRP A 147 7.36 21.19 5.90
C TRP A 147 7.59 22.67 5.67
N PHE A 148 6.78 23.31 4.82
CA PHE A 148 6.91 24.75 4.65
C PHE A 148 6.66 25.48 5.97
N VAL A 149 5.63 25.07 6.71
CA VAL A 149 5.31 25.72 7.98
C VAL A 149 6.47 25.57 8.95
N MET A 150 7.02 24.37 9.06
CA MET A 150 8.14 24.16 9.99
C MET A 150 9.36 24.94 9.54
N GLU A 151 9.66 24.92 8.23
CA GLU A 151 10.85 25.63 7.75
C GLU A 151 10.73 27.13 7.97
N TYR A 152 9.57 27.69 7.66
CA TYR A 152 9.41 29.14 7.74
C TYR A 152 9.42 29.62 9.18
N LEU A 153 8.75 28.90 10.08
CA LEU A 153 8.72 29.34 11.47
C LEU A 153 10.09 29.19 12.11
N LYS A 154 10.84 28.14 11.74
CA LYS A 154 12.19 27.98 12.25
C LYS A 154 13.15 29.03 11.71
N GLU A 155 12.83 29.63 10.56
CA GLU A 155 13.62 30.74 10.04
C GLU A 155 13.28 32.05 10.72
N GLY A 156 12.26 32.07 11.58
CA GLY A 156 11.79 33.29 12.18
C GLY A 156 10.90 34.11 11.29
N ASP A 157 10.36 33.52 10.24
CA ASP A 157 9.69 34.24 9.16
C ASP A 157 8.19 33.99 9.25
N VAL A 158 7.55 34.61 10.24
CA VAL A 158 6.11 34.46 10.40
C VAL A 158 5.37 35.02 9.19
N ASP A 159 5.88 36.11 8.61
CA ASP A 159 5.22 36.72 7.46
C ASP A 159 5.19 35.78 6.27
N ALA A 160 6.30 35.10 5.99
CA ALA A 160 6.31 34.16 4.88
C ALA A 160 5.39 32.98 5.15
N CYS A 161 5.36 32.51 6.40
CA CYS A 161 4.43 31.45 6.77
C CYS A 161 3.00 31.88 6.55
N ALA A 162 2.69 33.15 6.83
CA ALA A 162 1.33 33.64 6.63
C ALA A 162 0.98 33.66 5.14
N ALA A 163 1.92 34.05 4.30
CA ALA A 163 1.65 34.03 2.86
C ALA A 163 1.48 32.59 2.36
N TYR A 164 2.27 31.66 2.87
CA TYR A 164 2.07 30.26 2.48
C TYR A 164 0.67 29.79 2.86
N ALA A 165 0.26 30.06 4.09
CA ALA A 165 -1.09 29.70 4.54
C ALA A 165 -2.15 30.31 3.62
N SER A 166 -2.03 31.61 3.31
CA SER A 166 -2.97 32.24 2.38
C SER A 166 -3.07 31.45 1.09
N TRP A 167 -1.91 31.07 0.53
CA TRP A 167 -1.92 30.30 -0.71
C TRP A 167 -2.55 28.92 -0.50
N LEU A 168 -2.17 28.25 0.59
CA LEU A 168 -2.66 26.89 0.81
C LEU A 168 -4.16 26.88 1.06
N LEU A 169 -4.64 27.77 1.93
CA LEU A 169 -6.08 27.90 2.15
C LEU A 169 -6.84 28.10 0.85
N ARG A 170 -6.32 28.95 -0.04
CA ARG A 170 -6.97 29.16 -1.33
C ARG A 170 -6.80 27.94 -2.23
N ALA A 171 -5.59 27.40 -2.29
CA ALA A 171 -5.33 26.27 -3.18
C ALA A 171 -6.11 25.02 -2.79
N THR A 172 -6.34 24.80 -1.49
CA THR A 172 -7.13 23.65 -1.04
C THR A 172 -8.58 24.01 -0.75
N LYS A 173 -8.95 25.29 -0.88
CA LYS A 173 -10.30 25.74 -0.53
C LYS A 173 -10.66 25.28 0.88
N GLY A 174 -9.79 25.63 1.83
CA GLY A 174 -9.97 25.31 3.23
C GLY A 174 -10.43 26.51 4.05
N TYR A 175 -10.70 26.24 5.33
CA TYR A 175 -11.36 27.22 6.19
C TYR A 175 -10.61 27.52 7.49
N THR A 176 -9.97 26.54 8.12
CA THR A 176 -9.21 26.82 9.33
C THR A 176 -7.82 26.21 9.25
N ILE A 177 -6.94 26.75 10.10
CA ILE A 177 -5.63 26.21 10.34
C ILE A 177 -5.79 25.15 11.42
N ILE A 179 -4.29 21.96 13.57
CA ILE A 179 -2.99 21.53 14.08
C ILE A 179 -3.16 20.21 14.83
N VAL A 180 -2.57 19.13 14.32
CA VAL A 180 -2.72 17.80 14.91
C VAL A 180 -1.33 17.30 15.30
N ASN A 181 -1.12 17.09 16.60
CA ASN A 181 0.13 16.54 17.11
C ASN A 181 1.32 17.25 16.46
N PRO A 182 1.48 18.55 16.69
CA PRO A 182 2.54 19.30 16.00
C PRO A 182 3.90 18.65 16.20
N ALA A 183 4.60 18.46 15.07
CA ALA A 183 5.93 17.86 14.99
C ALA A 183 5.90 16.33 15.13
N GLY A 184 4.91 15.79 15.84
CA GLY A 184 4.93 14.37 16.16
C GLY A 184 4.62 13.48 14.98
N THR A 185 3.70 13.92 14.10
CA THR A 185 3.40 13.16 12.90
C THR A 185 4.55 13.20 11.90
N GLU A 186 5.27 14.33 11.81
CA GLU A 186 6.49 14.35 11.04
C GLU A 186 7.50 13.35 11.60
N ALA A 187 7.63 13.31 12.94
CA ALA A 187 8.47 12.30 13.59
C ALA A 187 7.98 10.89 13.27
N TRP A 188 6.68 10.70 13.12
CA TRP A 188 6.15 9.39 12.74
C TRP A 188 6.55 9.00 11.32
N GLY A 189 6.98 9.96 10.49
CA GLY A 189 7.53 9.62 9.20
C GLY A 189 8.77 8.74 9.27
N TRP A 190 9.41 8.66 10.44
CA TRP A 190 10.48 7.72 10.70
C TRP A 190 10.10 6.68 11.75
N GLY A 191 8.80 6.50 11.98
CA GLY A 191 8.35 5.60 13.01
C GLY A 191 8.52 6.11 14.42
N GLY A 192 8.63 7.42 14.60
CA GLY A 192 8.74 8.00 15.93
C GLY A 192 7.57 8.89 16.33
N ASN A 193 7.79 9.70 17.35
CA ASN A 193 6.80 10.65 17.83
C ASN A 193 7.51 11.68 18.69
N VAL A 194 6.82 12.75 19.04
CA VAL A 194 7.34 13.70 20.02
C VAL A 194 6.55 13.54 21.31
N HIS A 195 7.17 13.97 22.41
CA HIS A 195 6.59 13.87 23.74
C HIS A 195 6.72 15.21 24.45
N GLY A 196 5.58 15.83 24.74
CA GLY A 196 5.57 17.19 25.25
C GLY A 196 5.69 18.21 24.14
N ILE A 197 5.48 19.47 24.51
CA ILE A 197 5.48 20.55 23.53
C ILE A 197 6.86 21.15 23.30
N TYR A 198 7.90 20.60 23.93
CA TYR A 198 9.26 21.10 23.79
C TYR A 198 10.17 20.10 23.10
N ASP A 199 9.60 19.07 22.49
CA ASP A 199 10.36 17.99 21.88
C ASP A 199 10.24 18.08 20.36
N PRO A 200 11.27 18.50 19.65
CA PRO A 200 11.17 18.68 18.20
C PRO A 200 11.30 17.36 17.43
N ALA A 201 10.84 17.40 16.19
CA ALA A 201 11.02 16.30 15.26
C ALA A 201 12.41 16.31 14.65
N PRO A 202 12.85 15.18 14.09
CA PRO A 202 14.17 15.14 13.46
C PRO A 202 14.30 16.18 12.34
N TYR A 203 15.53 16.65 12.16
CA TYR A 203 15.94 17.65 11.16
C TYR A 203 15.33 19.05 11.35
N PHE A 204 14.01 19.14 11.46
CA PHE A 204 13.36 20.45 11.42
C PHE A 204 13.62 21.29 12.67
N ASP A 205 13.95 20.68 13.80
CA ASP A 205 14.51 21.39 14.94
C ASP A 205 13.60 22.53 15.40
N ILE A 206 12.29 22.33 15.31
CA ILE A 206 11.33 23.29 15.82
C ILE A 206 10.37 22.54 16.71
N THR A 207 10.12 23.08 17.91
CA THR A 207 9.28 22.44 18.92
C THR A 207 7.80 22.63 18.62
N PRO A 208 6.95 21.74 19.12
CA PRO A 208 5.50 21.96 19.01
C PRO A 208 5.06 23.33 19.51
N ALA A 209 5.61 23.77 20.64
CA ALA A 209 5.23 25.08 21.17
C ALA A 209 5.45 26.18 20.14
N GLU A 210 6.62 26.19 19.50
CA GLU A 210 6.89 27.20 18.47
C GLU A 210 5.89 27.10 17.33
N ILE A 211 5.55 25.89 16.91
CA ILE A 211 4.55 25.70 15.85
C ILE A 211 3.21 26.30 16.27
N ILE A 212 2.77 26.00 17.50
CA ILE A 212 1.47 26.48 17.96
C ILE A 212 1.45 27.99 17.96
N LYS A 213 2.46 28.60 18.59
CA LYS A 213 2.49 30.05 18.74
C LYS A 213 2.71 30.74 17.39
N GLY A 214 3.61 30.19 16.56
CA GLY A 214 3.80 30.74 15.23
C GLY A 214 2.52 30.70 14.41
N LEU A 215 1.80 29.58 14.46
CA LEU A 215 0.58 29.42 13.67
C LEU A 215 -0.58 30.24 14.23
N ALA A 216 -0.60 30.50 15.53
CA ALA A 216 -1.62 31.39 16.08
C ALA A 216 -1.39 32.83 15.67
N GLU A 217 -0.13 33.23 15.46
CA GLU A 217 0.16 34.56 14.94
C GLU A 217 -0.29 34.68 13.49
N VAL A 218 0.04 33.65 12.68
CA VAL A 218 -0.41 33.61 11.29
C VAL A 218 -1.92 33.77 11.20
N ASN A 219 -2.63 32.97 12.00
CA ASN A 219 -4.09 32.97 11.96
C ASN A 219 -4.66 34.38 12.11
N GLU A 220 -4.14 35.14 13.08
CA GLU A 220 -4.69 36.47 13.34
C GLU A 220 -4.13 37.52 12.40
N LYS A 221 -2.90 37.34 11.90
CA LYS A 221 -2.40 38.23 10.86
C LYS A 221 -3.19 38.09 9.57
N LEU A 222 -3.73 36.91 9.29
CA LEU A 222 -4.62 36.71 8.16
C LEU A 222 -6.09 36.97 8.51
N GLN A 223 -6.37 37.32 9.77
CA GLN A 223 -7.72 37.69 10.19
C GLN A 223 -8.73 36.61 9.80
N LEU A 224 -8.38 35.36 10.04
CA LEU A 224 -9.26 34.27 9.67
C LEU A 224 -10.48 34.24 10.58
N PRO A 225 -11.63 33.78 10.06
CA PRO A 225 -12.85 33.79 10.87
C PRO A 225 -12.78 32.88 12.08
N HIS A 226 -12.14 31.73 11.95
CA HIS A 226 -11.94 30.80 13.05
C HIS A 226 -10.53 30.98 13.62
N SER A 227 -10.31 30.42 14.80
CA SER A 227 -8.98 30.42 15.41
C SER A 227 -8.20 29.20 14.93
N ILE A 228 -6.98 29.03 15.45
CA ILE A 228 -6.32 27.75 15.29
C ILE A 228 -7.17 26.68 15.99
N HIS A 229 -7.18 25.50 15.40
CA HIS A 229 -7.97 24.35 15.86
C HIS A 229 -6.95 23.31 16.32
N LEU A 230 -6.79 23.14 17.63
CA LEU A 230 -5.65 22.41 18.17
C LEU A 230 -6.05 21.05 18.73
N HIS A 231 -5.36 20.01 18.23
CA HIS A 231 -5.38 18.63 18.73
C HIS A 231 -4.00 18.42 19.37
N CYS A 232 -3.95 18.38 20.70
CA CYS A 232 -2.69 18.51 21.43
C CYS A 232 -1.78 17.29 21.25
N ASN A 233 -0.50 17.51 21.53
CA ASN A 233 0.45 16.43 21.65
C ASN A 233 0.05 15.48 22.79
N ASP A 234 0.59 14.26 22.75
CA ASP A 234 0.42 13.27 23.81
C ASP A 234 -1.04 12.87 24.03
N LEU A 235 -1.81 12.77 22.94
CA LEU A 235 -3.21 12.34 23.05
C LEU A 235 -3.32 10.93 23.66
N GLY A 236 -4.24 10.77 24.59
CA GLY A 236 -4.53 9.46 25.13
C GLY A 236 -3.49 8.88 26.07
N HIS A 237 -2.63 9.71 26.65
CA HIS A 237 -1.60 9.22 27.55
C HIS A 237 -1.93 9.59 28.99
N PRO A 238 -1.88 8.65 29.92
CA PRO A 238 -1.93 9.00 31.34
C PRO A 238 -0.98 10.13 31.68
N GLY A 239 -1.49 11.12 32.40
CA GLY A 239 -0.70 12.29 32.76
C GLY A 239 -0.53 13.33 31.69
N ASN A 240 -1.30 13.26 30.60
CA ASN A 240 -1.15 14.24 29.54
C ASN A 240 -1.83 15.56 29.85
N TYR A 241 -2.58 15.65 30.96
CA TYR A 241 -3.24 16.91 31.28
C TYR A 241 -2.24 18.04 31.48
N GLU A 242 -1.02 17.72 31.92
CA GLU A 242 0.00 18.76 32.07
C GLU A 242 0.46 19.27 30.71
N THR A 243 0.68 18.36 29.75
CA THR A 243 0.96 18.80 28.40
C THR A 243 -0.16 19.67 27.87
N THR A 244 -1.41 19.31 28.15
CA THR A 244 -2.56 20.00 27.60
C THR A 244 -2.67 21.41 28.17
N LEU A 245 -2.40 21.56 29.47
CA LEU A 245 -2.49 22.87 30.08
C LEU A 245 -1.40 23.79 29.56
N ALA A 246 -0.21 23.25 29.34
CA ALA A 246 0.86 24.05 28.77
C ALA A 246 0.54 24.44 27.33
N SER A 247 -0.07 23.53 26.56
CA SER A 247 -0.46 23.87 25.20
C SER A 247 -1.47 25.02 25.18
N PHE A 248 -2.40 25.03 26.13
CA PHE A 248 -3.43 26.06 26.15
C PHE A 248 -2.82 27.44 26.39
N ASP A 249 -1.79 27.52 27.23
CA ASP A 249 -1.19 28.81 27.56
C ASP A 249 -0.35 29.39 26.43
N VAL A 250 0.19 28.56 25.53
CA VAL A 250 1.15 29.05 24.53
C VAL A 250 0.64 30.29 23.79
N PRO A 251 -0.58 30.33 23.25
CA PRO A 251 -1.00 31.48 22.43
C PRO A 251 -1.94 32.47 23.13
N LYS A 252 -2.09 32.42 24.46
CA LYS A 252 -3.16 33.16 25.12
C LYS A 252 -2.90 34.66 25.18
N ASN A 253 -1.67 35.10 24.97
CA ASN A 253 -1.39 36.53 24.93
C ASN A 253 -1.54 37.12 23.53
N ILE A 254 -1.91 36.32 22.55
CA ILE A 254 -2.17 36.80 21.20
C ILE A 254 -3.62 37.25 21.13
N LYS A 255 -3.85 38.41 20.50
CA LYS A 255 -5.22 38.93 20.51
C LYS A 255 -5.94 38.53 19.23
N PRO A 256 -7.16 38.00 19.33
CA PRO A 256 -7.88 37.59 18.11
C PRO A 256 -8.31 38.78 17.27
N ASN A 257 -8.12 38.66 15.95
CA ASN A 257 -8.43 39.74 15.02
C ASN A 257 -9.13 39.21 13.78
N PRO A 258 -10.30 38.58 13.94
CA PRO A 258 -11.02 38.11 12.76
C PRO A 258 -11.64 39.26 11.97
N ALA A 259 -11.52 39.18 10.64
CA ALA A 259 -12.12 40.17 9.75
C ALA A 259 -13.61 39.95 9.52
N THR A 260 -14.10 38.74 9.76
CA THR A 260 -15.50 38.38 9.57
C THR A 260 -15.96 37.68 10.84
N GLY A 261 -17.13 38.06 11.34
CA GLY A 261 -17.74 37.35 12.46
C GLY A 261 -17.35 37.90 13.81
N SER A 262 -17.79 37.21 14.85
CA SER A 262 -17.69 37.69 16.22
C SER A 262 -16.84 36.79 17.11
N ARG A 263 -15.85 36.09 16.55
CA ARG A 263 -14.98 35.26 17.38
C ARG A 263 -14.13 36.16 18.28
N ASP A 264 -14.09 35.84 19.57
CA ASP A 264 -13.32 36.60 20.54
C ASP A 264 -12.37 35.71 21.34
N THR A 265 -11.99 34.57 20.76
CA THR A 265 -11.09 33.61 21.38
C THR A 265 -10.04 33.20 20.35
N VAL A 266 -8.81 33.02 20.82
CA VAL A 266 -7.68 32.79 19.92
C VAL A 266 -7.29 31.31 19.83
N LEU A 267 -7.84 30.47 20.70
CA LEU A 267 -7.52 29.05 20.73
C LEU A 267 -8.80 28.24 20.79
N TYR A 268 -8.92 27.27 19.87
CA TYR A 268 -9.97 26.26 19.91
C TYR A 268 -9.29 24.92 20.12
N ALA A 269 -9.58 24.26 21.24
CA ALA A 269 -8.98 22.98 21.58
C ALA A 269 -10.03 21.88 21.40
N THR A 270 -9.74 20.91 20.54
CA THR A 270 -10.74 19.92 20.17
C THR A 270 -10.56 18.62 20.96
N HIS A 271 -11.66 17.87 21.04
CA HIS A 271 -11.79 16.63 21.82
C HIS A 271 -10.88 16.59 23.04
N VAL A 272 -11.13 17.50 23.98
CA VAL A 272 -10.29 17.67 25.15
C VAL A 272 -10.39 16.49 26.10
N GLN A 273 -11.45 15.68 26.03
CA GLN A 273 -11.54 14.49 26.86
C GLN A 273 -10.27 13.66 26.75
N PHE A 274 -9.84 13.39 25.52
CA PHE A 274 -8.63 12.59 25.27
C PHE A 274 -7.36 13.24 25.80
N HIS A 275 -7.48 14.46 26.36
CA HIS A 275 -6.33 15.24 26.80
C HIS A 275 -6.41 15.61 28.28
N SER A 276 -7.28 14.95 29.04
CA SER A 276 -7.56 15.28 30.44
C SER A 276 -7.18 14.15 31.38
N TYR A 277 -6.15 13.38 31.05
CA TYR A 277 -5.81 12.18 31.78
C TYR A 277 -4.78 12.46 32.87
N GLY A 278 -5.04 11.95 34.07
CA GLY A 278 -4.08 11.97 35.15
C GLY A 278 -3.31 10.67 35.26
N GLY A 279 -2.53 10.58 36.33
CA GLY A 279 -1.71 9.42 36.57
C GLY A 279 -0.42 9.43 35.76
N THR A 280 0.19 8.24 35.67
CA THR A 280 1.46 8.04 34.99
C THR A 280 1.41 6.81 34.09
N THR A 281 0.58 5.83 34.48
CA THR A 281 0.35 4.62 33.69
C THR A 281 -1.14 4.31 33.72
N TRP A 282 -1.53 3.28 32.96
CA TRP A 282 -2.93 2.89 32.95
C TRP A 282 -3.39 2.33 34.28
N ARG A 283 -2.46 1.98 35.18
CA ARG A 283 -2.85 1.38 36.44
C ARG A 283 -3.11 2.41 37.54
N ASP A 284 -2.40 3.55 37.53
CA ASP A 284 -2.74 4.65 38.43
C ASP A 284 -3.54 5.75 37.72
N PHE A 285 -4.13 5.42 36.58
CA PHE A 285 -4.92 6.35 35.79
C PHE A 285 -6.09 6.93 36.58
N VAL A 286 -6.30 8.23 36.44
CA VAL A 286 -7.40 8.96 37.08
C VAL A 286 -7.83 10.07 36.14
N SER A 287 -9.00 10.64 36.41
CA SER A 287 -9.51 11.76 35.63
C SER A 287 -8.96 13.09 36.17
N GLU A 288 -8.45 13.92 35.27
CA GLU A 288 -8.06 15.28 35.61
C GLU A 288 -8.98 16.31 34.98
N ALA A 289 -10.19 15.90 34.62
CA ALA A 289 -11.15 16.82 34.01
C ALA A 289 -11.45 18.02 34.87
N PRO A 290 -11.55 17.92 36.20
CA PRO A 290 -11.78 19.14 37.00
C PRO A 290 -10.70 20.19 36.83
N LYS A 291 -9.43 19.80 36.73
CA LYS A 291 -8.38 20.80 36.50
C LYS A 291 -8.53 21.45 35.14
N ILE A 292 -8.90 20.67 34.12
CA ILE A 292 -9.09 21.23 32.79
C ILE A 292 -10.28 22.18 32.79
N ALA A 293 -11.39 21.75 33.39
CA ALA A 293 -12.57 22.58 33.51
C ALA A 293 -12.25 23.87 34.25
N ASP A 294 -11.50 23.77 35.34
CA ASP A 294 -11.12 24.95 36.10
C ASP A 294 -10.34 25.93 35.23
N TYR A 295 -9.39 25.44 34.42
CA TYR A 295 -8.66 26.30 33.50
C TYR A 295 -9.60 26.98 32.51
N VAL A 296 -10.49 26.20 31.89
CA VAL A 296 -11.44 26.75 30.94
C VAL A 296 -12.29 27.83 31.60
N ASN A 297 -12.78 27.57 32.81
CA ASN A 297 -13.62 28.55 33.49
C ASN A 297 -12.86 29.85 33.74
N LYS A 298 -11.60 29.75 34.17
CA LYS A 298 -10.84 30.90 34.61
C LYS A 298 -10.20 31.68 33.48
N ASN A 299 -10.29 31.19 32.25
CA ASN A 299 -9.63 31.81 31.10
C ASN A 299 -10.65 32.12 30.03
N ASP A 300 -10.38 33.20 29.27
CA ASP A 300 -11.33 33.73 28.30
C ASP A 300 -10.71 33.87 26.92
N HIS A 301 -9.72 33.03 26.62
CA HIS A 301 -9.07 32.97 25.31
C HIS A 301 -9.31 31.64 24.59
N ILE A 302 -10.15 30.76 25.15
CA ILE A 302 -10.21 29.38 24.68
C ILE A 302 -11.66 28.91 24.57
N VAL A 303 -11.94 28.18 23.50
CA VAL A 303 -13.17 27.39 23.34
C VAL A 303 -12.75 25.93 23.19
N ILE A 304 -13.52 25.00 23.76
CA ILE A 304 -13.22 23.59 23.63
C ILE A 304 -14.46 22.85 23.13
N ASP A 305 -14.22 21.69 22.51
CA ASP A 305 -15.24 20.67 22.34
C ASP A 305 -14.76 19.40 23.04
N VAL A 306 -15.70 18.54 23.42
CA VAL A 306 -15.40 17.50 24.42
C VAL A 306 -14.86 16.23 23.78
N GLY A 307 -15.47 15.73 22.72
CA GLY A 307 -15.13 14.40 22.23
C GLY A 307 -15.67 13.30 23.13
N GLN A 308 -16.98 13.34 23.37
CA GLN A 308 -17.62 12.44 24.34
C GLN A 308 -17.61 10.99 23.84
N ILE A 309 -17.24 10.07 24.73
CA ILE A 309 -17.33 8.65 24.46
C ILE A 309 -18.79 8.22 24.45
N THR A 310 -19.23 7.58 23.37
CA THR A 310 -20.60 7.12 23.30
C THR A 310 -20.75 5.68 23.78
N LEU A 311 -19.65 4.97 23.99
CA LEU A 311 -19.67 3.58 24.47
C LEU A 311 -20.23 2.64 23.40
N ASP A 312 -19.68 2.74 22.20
CA ASP A 312 -20.03 1.90 21.05
C ASP A 312 -18.79 1.23 20.51
N GLU A 313 -19.01 0.28 19.59
CA GLU A 313 -17.98 -0.14 18.66
C GLU A 313 -17.92 0.89 17.55
N THR A 314 -16.77 1.54 17.40
CA THR A 314 -16.64 2.60 16.41
C THR A 314 -15.27 2.45 15.74
N THR A 315 -14.90 3.47 14.98
CA THR A 315 -13.68 3.51 14.18
C THR A 315 -12.92 4.78 14.57
N THR A 316 -11.62 4.66 14.83
CA THR A 316 -10.78 5.83 15.04
C THR A 316 -10.09 6.18 13.72
N MET A 317 -10.03 7.48 13.44
CA MET A 317 -9.39 7.98 12.23
C MET A 317 -8.90 9.40 12.52
N THR A 318 -7.59 9.59 12.53
CA THR A 318 -7.01 10.88 12.87
C THR A 318 -5.78 11.11 12.02
N ALA A 319 -5.37 12.37 11.97
CA ALA A 319 -4.09 12.74 11.40
C ALA A 319 -2.95 12.53 12.38
N ASP A 320 -3.22 11.81 13.47
CA ASP A 320 -2.23 11.51 14.50
C ASP A 320 -1.68 10.09 14.26
N GLY A 321 -0.89 9.98 13.19
CA GLY A 321 -0.28 8.74 12.76
C GLY A 321 0.23 7.86 13.87
N PRO A 322 1.19 8.36 14.66
CA PRO A 322 1.81 7.49 15.68
C PRO A 322 0.86 7.03 16.77
N MET A 323 -0.12 7.87 17.13
CA MET A 323 -1.11 7.47 18.13
C MET A 323 -1.92 6.30 17.64
N GLU A 324 -2.23 6.28 16.34
CA GLU A 324 -3.06 5.22 15.80
C GLU A 324 -2.31 3.90 15.77
N TYR A 325 -1.02 3.94 15.42
CA TYR A 325 -0.18 2.76 15.52
C TYR A 325 -0.13 2.24 16.96
N ASP A 326 -0.04 3.16 17.92
CA ASP A 326 -0.01 2.76 19.33
C ASP A 326 -1.31 2.08 19.71
N LEU A 327 -2.42 2.56 19.17
CA LEU A 327 -3.72 1.98 19.46
C LEU A 327 -3.81 0.57 18.91
N HIS A 328 -3.39 0.40 17.65
CA HIS A 328 -3.32 -0.92 17.04
C HIS A 328 -2.46 -1.86 17.86
N SER A 329 -1.35 -1.36 18.39
CA SER A 329 -0.47 -2.17 19.23
C SER A 329 -1.11 -2.57 20.54
N LEU A 330 -2.19 -1.91 20.94
CA LEU A 330 -2.88 -2.23 22.18
C LEU A 330 -4.03 -3.21 21.98
N ASN A 331 -4.88 -2.99 20.98
CA ASN A 331 -6.06 -3.84 20.82
C ASN A 331 -5.89 -4.88 19.73
N GLY A 332 -4.84 -4.80 18.91
CA GLY A 332 -4.55 -5.80 17.90
C GLY A 332 -5.37 -5.70 16.63
N LEU A 333 -6.29 -4.74 16.52
CA LEU A 333 -7.19 -4.71 15.39
C LEU A 333 -6.55 -4.04 14.17
N LYS A 334 -7.19 -4.26 13.01
CA LYS A 334 -6.62 -3.84 11.74
C LYS A 334 -6.27 -2.36 11.71
N TRP A 335 -5.11 -2.05 11.15
CA TRP A 335 -4.51 -0.73 11.21
C TRP A 335 -4.22 -0.24 9.81
N ALA A 336 -4.76 0.92 9.46
CA ALA A 336 -4.42 1.63 8.23
C ALA A 336 -3.61 2.88 8.56
N ASN A 337 -2.83 3.32 7.58
CA ASN A 337 -1.87 4.42 7.78
C ASN A 337 -1.63 5.10 6.45
N CYS A 338 -1.37 6.41 6.48
CA CYS A 338 -1.00 7.09 5.24
C CYS A 338 -0.17 8.34 5.54
N ASP A 339 1.15 8.21 5.38
CA ASP A 339 2.05 9.35 5.43
C ASP A 339 2.01 10.09 4.11
N VAL A 340 1.66 11.38 4.16
CA VAL A 340 1.50 12.23 2.97
C VAL A 340 2.71 13.13 2.85
N GLU A 341 3.35 13.08 1.69
CA GLU A 341 4.62 13.79 1.49
C GLU A 341 4.53 15.25 1.91
N LEU A 342 5.48 15.67 2.74
CA LEU A 342 5.71 17.07 3.11
C LEU A 342 4.60 17.69 3.94
N GLU A 343 3.52 16.96 4.20
CA GLU A 343 2.31 17.58 4.74
C GLU A 343 1.86 16.99 6.06
N THR A 344 1.61 15.69 6.15
CA THR A 344 0.90 15.17 7.32
C THR A 344 0.97 13.64 7.33
N GLY A 345 0.29 13.06 8.31
CA GLY A 345 0.13 11.62 8.42
C GLY A 345 -1.31 11.31 8.77
N SER A 346 -1.58 10.03 8.98
CA SER A 346 -2.92 9.60 9.38
C SER A 346 -2.90 8.12 9.72
N GLY A 347 -3.98 7.67 10.36
CA GLY A 347 -4.13 6.27 10.69
C GLY A 347 -5.55 5.95 11.10
N VAL A 348 -5.95 4.70 10.90
CA VAL A 348 -7.31 4.23 11.14
C VAL A 348 -7.27 2.88 11.88
N VAL A 349 -7.97 2.78 12.99
CA VAL A 349 -8.04 1.55 13.78
C VAL A 349 -9.44 1.42 14.37
N PRO A 350 -10.12 0.29 14.22
CA PRO A 350 -11.38 0.11 14.95
C PRO A 350 -11.13 0.17 16.44
N PHE A 351 -12.16 0.55 17.20
CA PHE A 351 -12.03 0.53 18.66
C PHE A 351 -13.39 0.31 19.30
N ILE A 352 -13.40 -0.47 20.38
CA ILE A 352 -14.62 -0.82 21.12
C ILE A 352 -14.55 -0.19 22.51
N TYR A 353 -15.46 0.74 22.78
CA TYR A 353 -15.57 1.37 24.10
C TYR A 353 -16.70 0.68 24.86
N SER A 354 -16.36 -0.42 25.50
CA SER A 354 -17.35 -1.11 26.31
C SER A 354 -17.54 -0.40 27.64
N ALA A 355 -18.81 -0.24 28.04
CA ALA A 355 -19.11 0.37 29.32
C ALA A 355 -18.61 -0.48 30.48
N ARG A 356 -18.50 -1.80 30.30
CA ARG A 356 -18.00 -2.70 31.33
C ARG A 356 -16.50 -2.60 31.52
N ALA A 357 -15.78 -2.05 30.55
CA ALA A 357 -14.32 -1.97 30.61
C ALA A 357 -13.90 -0.75 31.44
N PRO A 358 -12.83 -0.88 32.22
CA PRO A 358 -12.47 0.22 33.15
C PRO A 358 -12.10 1.53 32.47
N VAL A 359 -11.22 1.49 31.49
CA VAL A 359 -10.71 2.74 30.90
C VAL A 359 -11.83 3.44 30.14
N PRO A 360 -12.56 2.78 29.24
CA PRO A 360 -13.68 3.48 28.58
C PRO A 360 -14.71 4.00 29.56
N ALA A 361 -14.87 3.35 30.71
CA ALA A 361 -15.78 3.84 31.72
C ALA A 361 -15.31 5.17 32.27
N VAL A 362 -14.02 5.28 32.57
CA VAL A 362 -13.45 6.54 33.02
C VAL A 362 -13.53 7.58 31.91
N GLN A 363 -13.20 7.19 30.68
CA GLN A 363 -13.22 8.14 29.58
C GLN A 363 -14.61 8.72 29.37
N TRP A 364 -15.65 7.89 29.42
CA TRP A 364 -17.01 8.40 29.43
C TRP A 364 -17.19 9.44 30.53
N ALA A 365 -16.72 9.13 31.74
CA ALA A 365 -16.93 10.04 32.86
C ALA A 365 -16.18 11.35 32.66
N ILE A 366 -14.99 11.29 32.04
CA ILE A 366 -14.18 12.50 31.84
C ILE A 366 -14.93 13.50 30.97
N GLY A 367 -15.57 13.03 29.90
CA GLY A 367 -16.32 13.92 29.05
C GLY A 367 -17.52 14.53 29.76
N MET A 368 -18.21 13.72 30.57
CA MET A 368 -19.32 14.25 31.36
C MET A 368 -18.83 15.30 32.37
N GLU A 369 -17.67 15.06 32.98
CA GLU A 369 -17.11 16.06 33.89
C GLU A 369 -16.86 17.38 33.14
N LEU A 370 -16.31 17.31 31.93
CA LEU A 370 -16.00 18.54 31.20
C LEU A 370 -17.26 19.31 30.88
N PHE A 371 -18.31 18.63 30.43
CA PHE A 371 -19.57 19.30 30.12
C PHE A 371 -20.14 19.99 31.36
N LEU A 372 -20.16 19.29 32.48
CA LEU A 372 -20.92 19.73 33.63
C LEU A 372 -20.13 20.65 34.54
N LEU A 373 -18.80 20.50 34.59
CA LEU A 373 -17.96 21.32 35.45
C LEU A 373 -17.51 22.62 34.79
N ILE A 374 -17.74 22.80 33.49
CA ILE A 374 -17.50 24.08 32.84
C ILE A 374 -18.79 24.90 32.95
N ASP A 375 -18.72 25.98 33.72
CA ASP A 375 -19.91 26.74 34.08
C ASP A 375 -20.57 27.38 32.86
N ASN A 376 -19.76 27.99 32.00
CA ASN A 376 -20.30 28.83 30.93
C ASN A 376 -20.40 28.00 29.64
N PRO A 377 -21.60 27.62 29.21
CA PRO A 377 -21.72 26.82 27.98
C PRO A 377 -21.25 27.56 26.75
N GLU A 378 -20.96 28.85 26.84
CA GLU A 378 -20.45 29.62 25.71
C GLU A 378 -19.03 29.23 25.33
N LYS A 379 -18.39 28.36 26.10
CA LYS A 379 -17.02 27.93 25.86
C LYS A 379 -16.90 26.48 25.43
N VAL A 380 -18.02 25.74 25.31
CA VAL A 380 -17.94 24.33 25.01
C VAL A 380 -18.89 23.99 23.85
N CYS A 381 -18.48 23.00 23.06
CA CYS A 381 -19.22 22.44 21.94
C CYS A 381 -19.41 20.94 22.16
N LEU A 382 -20.54 20.42 21.70
CA LEU A 382 -20.86 19.00 21.83
C LEU A 382 -20.29 18.24 20.63
N THR A 383 -19.37 17.32 20.88
CA THR A 383 -18.76 16.53 19.82
C THR A 383 -18.45 15.13 20.32
N THR A 384 -18.13 14.26 19.35
CA THR A 384 -17.58 12.94 19.64
C THR A 384 -16.33 12.69 18.81
N ASP A 385 -15.68 13.75 18.31
CA ASP A 385 -14.61 13.61 17.33
C ASP A 385 -15.02 12.59 16.29
N SER A 386 -16.29 12.65 15.88
CA SER A 386 -16.91 11.62 15.07
C SER A 386 -15.99 11.07 13.99
N PRO A 387 -15.83 9.74 13.93
CA PRO A 387 -16.38 8.70 14.80
C PRO A 387 -15.45 8.22 15.93
N ASN A 388 -14.37 8.98 16.18
CA ASN A 388 -13.31 8.50 17.07
C ASN A 388 -13.85 8.09 18.45
N ALA A 389 -14.66 8.94 19.06
CA ALA A 389 -15.26 8.62 20.34
C ALA A 389 -16.66 8.08 20.18
N GLY A 390 -17.17 8.04 18.95
CA GLY A 390 -18.52 7.59 18.67
C GLY A 390 -19.08 8.33 17.47
N PRO A 391 -20.04 7.73 16.78
CA PRO A 391 -20.61 8.39 15.61
C PRO A 391 -21.49 9.57 16.00
N PHE A 392 -21.57 10.55 15.11
CA PHE A 392 -22.36 11.74 15.42
C PHE A 392 -23.84 11.42 15.60
N THR A 393 -24.31 10.28 15.11
CA THR A 393 -25.69 9.89 15.36
C THR A 393 -25.98 9.69 16.83
N ARG A 394 -24.95 9.67 17.68
CA ARG A 394 -25.11 9.57 19.12
C ARG A 394 -25.21 10.93 19.82
N TYR A 395 -25.16 12.05 19.08
CA TYR A 395 -25.32 13.34 19.76
C TYR A 395 -26.61 13.43 20.55
N PRO A 396 -27.76 12.98 20.06
CA PRO A 396 -28.98 13.01 20.90
C PRO A 396 -28.83 12.23 22.20
N ARG A 397 -28.03 11.16 22.22
CA ARG A 397 -27.82 10.44 23.47
C ARG A 397 -26.93 11.24 24.43
N VAL A 398 -25.92 11.93 23.90
CA VAL A 398 -25.12 12.83 24.73
C VAL A 398 -26.00 13.92 25.33
N ILE A 399 -26.88 14.51 24.52
CA ILE A 399 -27.81 15.52 25.04
C ILE A 399 -28.61 14.93 26.19
N ALA A 400 -29.21 13.76 25.98
CA ALA A 400 -30.05 13.15 27.01
C ALA A 400 -29.26 12.94 28.29
N TRP A 401 -28.01 12.46 28.18
CA TRP A 401 -27.14 12.31 29.34
C TRP A 401 -26.97 13.63 30.08
N LEU A 402 -26.82 14.74 29.36
CA LEU A 402 -26.56 16.02 30.01
C LEU A 402 -27.80 16.60 30.66
N MET A 403 -28.98 16.35 30.07
CA MET A 403 -30.23 16.85 30.61
C MET A 403 -30.81 15.98 31.71
N SER A 404 -30.22 14.82 32.01
CA SER A 404 -30.80 13.90 33.00
C SER A 404 -29.70 13.24 33.80
N ASN A 405 -29.58 13.59 35.08
CA ASN A 405 -28.69 12.85 35.96
C ASN A 405 -29.26 11.48 36.33
N LYS A 406 -30.53 11.24 36.06
CA LYS A 406 -31.09 9.91 36.24
C LYS A 406 -30.59 8.96 35.15
N TYR A 407 -30.54 9.43 33.89
CA TYR A 407 -29.94 8.65 32.83
C TYR A 407 -28.50 8.30 33.16
N ARG A 408 -27.73 9.27 33.66
CA ARG A 408 -26.33 9.01 34.00
C ARG A 408 -26.22 8.00 35.12
N MET A 409 -27.00 8.17 36.19
CA MET A 409 -26.91 7.27 37.33
C MET A 409 -27.32 5.85 36.95
N ASN A 410 -28.25 5.72 36.00
CA ASN A 410 -28.62 4.39 35.52
C ASN A 410 -27.41 3.67 34.96
N LEU A 411 -26.65 4.37 34.12
CA LEU A 411 -25.44 3.81 33.55
C LEU A 411 -24.40 3.55 34.62
N ILE A 412 -24.18 4.52 35.50
CA ILE A 412 -23.12 4.45 36.49
C ILE A 412 -23.35 3.29 37.46
N GLU A 413 -24.58 3.13 37.93
CA GLU A 413 -24.89 2.09 38.90
C GLU A 413 -25.15 0.74 38.26
N GLY A 414 -25.24 0.65 36.94
CA GLY A 414 -25.45 -0.62 36.27
C GLY A 414 -24.26 -1.09 35.46
N GLU A 415 -24.30 -0.81 34.15
CA GLU A 415 -23.29 -1.33 33.23
C GLU A 415 -21.90 -0.78 33.53
N LEU A 416 -21.81 0.52 33.83
CA LEU A 416 -20.50 1.17 33.91
C LEU A 416 -19.58 0.48 34.90
N HIS A 417 -18.34 0.27 34.49
CA HIS A 417 -17.31 -0.21 35.38
C HIS A 417 -17.19 0.73 36.58
N LYS A 418 -16.85 0.15 37.74
CA LYS A 418 -16.81 0.93 38.97
C LYS A 418 -15.72 2.01 38.96
N TRP A 419 -14.75 1.91 38.06
CA TRP A 419 -13.72 2.95 37.98
C TRP A 419 -14.30 4.30 37.64
N ALA A 420 -15.48 4.35 37.02
CA ALA A 420 -16.12 5.64 36.79
C ALA A 420 -16.37 6.37 38.10
N GLN A 421 -16.72 5.63 39.15
CA GLN A 421 -16.92 6.24 40.46
C GLN A 421 -15.63 6.39 41.24
N ARG A 422 -14.74 5.40 41.13
CA ARG A 422 -13.52 5.40 41.92
C ARG A 422 -12.51 6.43 41.40
N LYS A 423 -12.40 6.58 40.08
CA LYS A 423 -11.37 7.43 39.49
C LYS A 423 -11.93 8.71 38.88
N SER A 424 -13.20 9.05 39.16
CA SER A 424 -13.82 10.23 38.58
C SER A 424 -14.80 10.79 39.60
N THR A 425 -15.31 12.00 39.32
CA THR A 425 -16.31 12.63 40.16
C THR A 425 -17.68 12.69 39.49
N VAL A 426 -17.87 12.01 38.35
CA VAL A 426 -19.11 12.15 37.59
C VAL A 426 -20.32 11.84 38.46
N ALA A 427 -20.18 10.88 39.37
CA ALA A 427 -21.34 10.44 40.14
C ALA A 427 -21.80 11.45 41.18
N THR A 428 -20.91 12.38 41.59
CA THR A 428 -21.27 13.40 42.57
C THR A 428 -21.87 14.64 41.92
N ILE A 429 -22.02 14.66 40.60
CA ILE A 429 -22.49 15.83 39.86
C ILE A 429 -23.93 15.59 39.45
N ASP A 430 -24.86 16.33 40.03
CA ASP A 430 -26.26 16.21 39.65
C ASP A 430 -26.74 17.35 38.76
N ARG A 431 -25.83 18.16 38.22
CA ARG A 431 -26.23 19.22 37.29
C ARG A 431 -26.91 18.64 36.06
N GLU A 432 -27.94 19.34 35.58
CA GLU A 432 -28.63 18.99 34.35
C GLU A 432 -28.68 20.19 33.42
N TYR A 433 -28.25 20.01 32.17
CA TYR A 433 -28.31 21.08 31.19
C TYR A 433 -29.76 21.46 30.89
N THR A 434 -29.96 22.71 30.48
CA THR A 434 -31.25 23.21 30.05
C THR A 434 -31.33 23.23 28.53
N PHE A 435 -32.57 23.26 28.02
CA PHE A 435 -32.77 23.33 26.57
C PHE A 435 -32.03 24.52 25.96
N SER A 436 -31.94 25.62 26.69
CA SER A 436 -31.13 26.74 26.22
C SER A 436 -29.66 26.37 26.14
N GLU A 437 -29.13 25.80 27.22
CA GLU A 437 -27.72 25.42 27.25
C GLU A 437 -27.42 24.34 26.24
N ILE A 438 -28.36 23.43 25.98
CA ILE A 438 -28.18 22.46 24.90
C ILE A 438 -28.08 23.18 23.57
N ALA A 439 -28.98 24.13 23.33
CA ALA A 439 -28.92 24.92 22.09
C ALA A 439 -27.58 25.63 21.97
N GLN A 440 -27.05 26.10 23.10
CA GLN A 440 -25.81 26.84 23.08
C GLN A 440 -24.66 25.97 22.55
N ILE A 441 -24.53 24.74 23.06
CA ILE A 441 -23.36 23.92 22.72
C ILE A 441 -23.53 23.15 21.41
N THR A 442 -24.74 23.09 20.85
CA THR A 442 -24.95 22.42 19.58
C THR A 442 -25.06 23.38 18.39
N ARG A 443 -25.30 24.67 18.62
CA ARG A 443 -25.47 25.64 17.54
C ARG A 443 -24.64 26.90 17.74
N ALA A 444 -24.85 27.59 18.87
CA ALA A 444 -24.42 28.98 19.01
C ALA A 444 -22.92 29.09 19.25
N THR A 445 -22.38 28.32 20.19
CA THR A 445 -20.95 28.42 20.47
C THR A 445 -20.13 28.11 19.23
N SER A 446 -20.48 27.03 18.53
CA SER A 446 -19.72 26.66 17.33
C SER A 446 -19.88 27.71 16.23
N ALA A 447 -21.11 28.17 15.99
CA ALA A 447 -21.31 29.17 14.94
C ALA A 447 -20.49 30.42 15.20
N LYS A 448 -20.49 30.90 16.44
CA LYS A 448 -19.74 32.10 16.79
C LYS A 448 -18.23 31.88 16.65
N VAL A 449 -17.70 30.81 17.24
CA VAL A 449 -16.26 30.61 17.22
C VAL A 449 -15.78 30.39 15.80
N LEU A 450 -16.61 29.82 14.93
CA LEU A 450 -16.26 29.63 13.53
C LEU A 450 -16.35 30.89 12.70
N GLY A 451 -16.90 31.97 13.25
CA GLY A 451 -17.02 33.20 12.51
C GLY A 451 -18.24 33.25 11.61
N LEU A 452 -19.22 32.38 11.84
CA LEU A 452 -20.42 32.30 11.01
C LEU A 452 -21.69 32.71 11.76
N SER A 453 -21.56 33.28 12.95
CA SER A 453 -22.77 33.60 13.73
C SER A 453 -23.57 34.74 13.13
N ASP A 454 -23.10 35.39 12.06
CA ASP A 454 -23.96 36.35 11.36
C ASP A 454 -25.14 35.64 10.72
N THR A 455 -24.88 34.49 10.08
CA THR A 455 -25.90 33.78 9.33
C THR A 455 -26.29 32.42 9.91
N LYS A 456 -25.47 31.85 10.80
CA LYS A 456 -25.70 30.51 11.31
C LYS A 456 -25.81 30.51 12.84
N GLY A 457 -26.40 29.45 13.36
CA GLY A 457 -26.49 29.28 14.80
C GLY A 457 -27.48 30.16 15.51
N HIS A 458 -28.36 30.88 14.80
CA HIS A 458 -29.35 31.71 15.48
C HIS A 458 -30.57 31.87 14.58
N LEU A 459 -31.71 32.14 15.22
CA LEU A 459 -32.99 32.29 14.55
C LEU A 459 -33.37 33.74 14.34
N GLY A 460 -32.51 34.68 14.68
CA GLY A 460 -32.82 36.08 14.54
C GLY A 460 -32.92 36.52 13.08
N VAL A 461 -33.46 37.73 12.90
CA VAL A 461 -33.61 38.26 11.55
C VAL A 461 -32.23 38.42 10.92
N GLY A 462 -32.12 38.08 9.63
CA GLY A 462 -30.88 38.15 8.91
C GLY A 462 -30.11 36.85 8.80
N ALA A 463 -30.51 35.81 9.54
CA ALA A 463 -29.84 34.53 9.45
C ALA A 463 -30.37 33.73 8.26
N ASP A 464 -29.60 32.71 7.87
CA ASP A 464 -30.10 31.74 6.91
C ASP A 464 -31.20 30.92 7.56
N ALA A 465 -32.18 30.50 6.75
CA ALA A 465 -33.36 29.80 7.26
C ALA A 465 -33.04 28.32 7.47
N ASP A 466 -32.01 28.09 8.29
CA ASP A 466 -31.64 26.74 8.74
C ASP A 466 -32.32 26.53 10.08
N ILE A 467 -33.43 25.81 10.08
CA ILE A 467 -34.29 25.70 11.25
C ILE A 467 -34.57 24.22 11.51
N ALA A 468 -34.63 23.85 12.79
CA ALA A 468 -35.03 22.51 13.21
C ALA A 468 -36.16 22.61 14.22
N VAL A 469 -37.17 21.76 14.04
CA VAL A 469 -38.29 21.66 14.97
C VAL A 469 -38.29 20.25 15.55
N TYR A 470 -38.19 20.16 16.87
CA TYR A 470 -38.18 18.89 17.57
C TYR A 470 -39.51 18.70 18.29
N ASP A 471 -40.03 17.47 18.22
CA ASP A 471 -41.30 17.16 18.85
C ASP A 471 -41.06 16.93 20.35
N ILE A 472 -40.82 18.04 21.04
CA ILE A 472 -40.77 18.08 22.50
C ILE A 472 -41.56 19.29 22.96
N ASN A 473 -42.44 19.10 23.94
CA ASN A 473 -43.10 20.23 24.57
C ASN A 473 -42.43 20.50 25.91
N PRO A 474 -41.68 21.60 26.05
CA PRO A 474 -40.96 21.83 27.31
C PRO A 474 -41.87 22.14 28.49
N GLU A 475 -43.10 22.57 28.26
CA GLU A 475 -44.02 22.77 29.37
C GLU A 475 -44.53 21.44 29.91
N THR A 476 -44.57 20.40 29.07
CA THR A 476 -45.10 19.09 29.44
C THR A 476 -44.00 18.09 29.80
N VAL A 477 -42.95 18.02 28.99
CA VAL A 477 -41.98 16.95 29.09
C VAL A 477 -41.05 17.17 30.28
N ASP A 478 -40.75 16.09 31.01
CA ASP A 478 -39.74 16.11 32.05
C ASP A 478 -38.44 15.55 31.49
N PRO A 479 -37.42 16.37 31.22
CA PRO A 479 -36.18 15.84 30.63
C PRO A 479 -35.37 14.96 31.55
N SER A 480 -35.55 15.08 32.87
CA SER A 480 -34.76 14.30 33.81
C SER A 480 -35.24 12.85 33.84
N ALA A 481 -36.54 12.64 34.03
CA ALA A 481 -37.07 11.29 34.16
C ALA A 481 -37.40 10.66 32.81
N GLU A 482 -37.70 11.46 31.79
CA GLU A 482 -38.05 10.93 30.47
C GLU A 482 -36.90 11.09 29.49
N TYR A 483 -35.71 10.66 29.91
CA TYR A 483 -34.53 10.88 29.10
C TYR A 483 -34.61 10.17 27.75
N MET A 484 -35.28 9.02 27.70
CA MET A 484 -35.38 8.32 26.42
C MET A 484 -36.26 9.07 25.43
N ALA A 485 -37.29 9.78 25.91
CA ALA A 485 -38.09 10.62 25.03
C ALA A 485 -37.25 11.75 24.43
N ILE A 486 -36.34 12.32 25.23
CA ILE A 486 -35.45 13.38 24.75
C ILE A 486 -34.56 12.85 23.64
N GLU A 487 -33.90 11.73 23.90
CA GLU A 487 -32.95 11.17 22.94
C GLU A 487 -33.65 10.88 21.61
N GLU A 488 -34.86 10.34 21.65
CA GLU A 488 -35.56 9.97 20.44
C GLU A 488 -36.06 11.20 19.69
N ALA A 489 -36.56 12.21 20.43
CA ALA A 489 -37.06 13.42 19.79
C ALA A 489 -35.95 14.28 19.20
N PHE A 490 -34.74 14.18 19.74
CA PHE A 490 -33.58 14.84 19.16
C PHE A 490 -32.94 14.03 18.04
N SER A 491 -33.27 12.74 17.92
CA SER A 491 -32.74 11.92 16.84
C SER A 491 -33.54 12.06 15.56
N ARG A 492 -34.85 12.27 15.67
CA ARG A 492 -35.74 12.35 14.52
C ARG A 492 -36.54 13.64 14.60
N ALA A 493 -36.05 14.68 13.94
CA ALA A 493 -36.66 16.00 14.03
C ALA A 493 -38.03 16.01 13.35
N ALA A 494 -38.96 16.75 13.95
CA ALA A 494 -40.30 16.87 13.37
C ALA A 494 -40.25 17.59 12.02
N CYS A 495 -39.38 18.60 11.90
CA CYS A 495 -39.28 19.37 10.67
C CYS A 495 -37.93 20.07 10.63
N VAL A 496 -37.30 20.08 9.45
CA VAL A 496 -36.01 20.73 9.26
C VAL A 496 -36.06 21.52 7.95
N LEU A 497 -35.71 22.80 8.03
CA LEU A 497 -35.60 23.67 6.86
C LEU A 497 -34.13 23.92 6.57
N LYS A 498 -33.76 23.79 5.29
CA LYS A 498 -32.42 24.13 4.83
C LYS A 498 -32.55 25.24 3.81
N ASP A 499 -32.09 26.43 4.18
CA ASP A 499 -32.22 27.61 3.35
C ASP A 499 -33.66 27.81 2.89
N GLY A 500 -34.57 27.74 3.85
CA GLY A 500 -35.98 28.01 3.61
C GLY A 500 -36.74 26.92 2.89
N GLU A 501 -36.10 25.80 2.57
CA GLU A 501 -36.76 24.66 1.96
C GLU A 501 -36.83 23.54 2.98
N ILE A 502 -38.01 22.93 3.10
CA ILE A 502 -38.16 21.77 3.97
C ILE A 502 -37.39 20.59 3.38
N VAL A 503 -36.50 20.02 4.19
CA VAL A 503 -35.73 18.85 3.78
C VAL A 503 -36.01 17.62 4.64
N VAL A 504 -36.63 17.78 5.80
CA VAL A 504 -36.99 16.66 6.66
C VAL A 504 -38.38 16.91 7.22
N LYS A 505 -39.18 15.84 7.27
CA LYS A 505 -40.49 15.87 7.90
C LYS A 505 -40.65 14.60 8.72
N ASP A 506 -40.76 14.75 10.04
CA ASP A 506 -40.98 13.63 10.94
C ASP A 506 -39.86 12.59 10.81
N GLY A 507 -38.62 13.07 10.91
CA GLY A 507 -37.47 12.20 10.85
C GLY A 507 -37.09 11.69 9.48
N GLU A 508 -37.86 12.00 8.45
CA GLU A 508 -37.66 11.45 7.12
C GLU A 508 -37.18 12.53 6.16
N VAL A 509 -36.24 12.16 5.29
CA VAL A 509 -35.67 13.10 4.33
C VAL A 509 -36.62 13.20 3.13
N VAL A 510 -36.93 14.44 2.74
CA VAL A 510 -37.85 14.70 1.64
C VAL A 510 -37.25 15.55 0.54
N ALA A 511 -36.03 16.07 0.72
CA ALA A 511 -35.35 16.84 -0.32
C ALA A 511 -33.85 16.73 -0.08
N SER A 512 -33.06 16.71 -1.15
CA SER A 512 -31.60 16.57 -1.07
C SER A 512 -30.92 17.61 -1.94
N PRO A 513 -30.98 18.87 -1.55
CA PRO A 513 -30.18 19.89 -2.22
C PRO A 513 -28.72 19.76 -1.84
N HIS A 514 -27.84 20.23 -2.72
CA HIS A 514 -26.44 20.32 -2.38
C HIS A 514 -26.20 21.52 -1.48
N GLY A 515 -25.23 21.38 -0.57
CA GLY A 515 -24.90 22.45 0.35
C GLY A 515 -23.77 23.32 -0.17
N ARG A 516 -23.41 24.31 0.64
CA ARG A 516 -22.38 25.27 0.30
C ARG A 516 -21.02 24.85 0.87
N THR A 517 -19.96 25.21 0.14
CA THR A 517 -18.59 25.01 0.58
C THR A 517 -18.01 26.36 0.99
N TYR A 518 -17.84 26.56 2.30
CA TYR A 518 -17.23 27.77 2.81
C TYR A 518 -15.71 27.60 2.82
N TRP A 519 -15.00 28.62 2.35
CA TRP A 519 -13.55 28.63 2.40
C TRP A 519 -13.08 30.07 2.60
N VAL A 520 -11.79 30.22 2.85
CA VAL A 520 -11.25 31.48 3.37
C VAL A 520 -10.41 32.15 2.30
N ASP A 521 -10.79 33.38 1.95
CA ASP A 521 -10.12 34.20 0.95
C ASP A 521 -9.33 35.30 1.67
N THR A 522 -8.00 35.31 1.48
CA THR A 522 -7.11 36.27 2.14
C THR A 522 -6.15 36.87 1.13
N GLN A 523 -5.76 38.11 1.40
CA GLN A 523 -4.86 38.86 0.53
C GLN A 523 -3.63 39.31 1.31
N VAL A 524 -2.47 39.14 0.68
CA VAL A 524 -1.19 39.36 1.34
C VAL A 524 -0.30 40.17 0.40
N ASP A 525 0.61 40.93 0.99
CA ASP A 525 1.54 41.78 0.24
C ASP A 525 2.07 41.06 -0.99
N GLU A 526 1.90 41.70 -2.15
CA GLU A 526 2.28 41.09 -3.42
C GLU A 526 3.75 40.68 -3.45
N SER A 527 4.61 41.46 -2.79
CA SER A 527 6.05 41.17 -2.83
C SER A 527 6.37 39.93 -2.01
N ILE A 528 5.86 39.85 -0.78
CA ILE A 528 6.03 38.64 0.01
C ILE A 528 5.43 37.44 -0.71
N TYR A 529 4.18 37.59 -1.15
CA TYR A 529 3.46 36.49 -1.79
C TYR A 529 4.21 35.95 -3.00
N SER A 530 4.76 36.84 -3.82
CA SER A 530 5.53 36.39 -4.97
C SER A 530 6.77 35.64 -4.54
N GLU A 531 7.45 36.15 -3.51
CA GLU A 531 8.66 35.49 -3.05
C GLU A 531 8.37 34.09 -2.55
N VAL A 532 7.27 33.93 -1.81
CA VAL A 532 6.92 32.61 -1.27
C VAL A 532 6.50 31.68 -2.40
N LEU A 533 5.67 32.15 -3.32
CA LEU A 533 5.17 31.30 -4.39
C LEU A 533 6.29 30.87 -5.33
N ALA A 534 7.37 31.64 -5.41
CA ALA A 534 8.53 31.21 -6.16
C ALA A 534 9.28 30.09 -5.41
N ASN A 535 9.46 30.25 -4.09
CA ASN A 535 10.13 29.21 -3.30
C ASN A 535 9.31 27.92 -3.29
N VAL A 536 7.98 28.04 -3.17
CA VAL A 536 7.12 26.87 -3.13
C VAL A 536 7.25 26.07 -4.42
N GLU A 537 7.06 26.73 -5.57
CA GLU A 537 7.15 26.01 -6.83
C GLU A 537 8.53 25.39 -7.01
N SER A 538 9.58 26.10 -6.61
CA SER A 538 10.93 25.54 -6.68
C SER A 538 11.06 24.27 -5.84
N LYS A 539 10.37 24.20 -4.71
CA LYS A 539 10.42 23.00 -3.88
C LYS A 539 9.60 21.87 -4.49
N PHE A 540 8.50 22.20 -5.16
CA PHE A 540 7.70 21.18 -5.84
C PHE A 540 8.53 20.48 -6.91
N LYS A 541 9.31 21.25 -7.67
CA LYS A 541 10.15 20.64 -8.71
C LYS A 541 11.13 19.64 -8.12
N GLN A 542 11.62 19.90 -6.91
CA GLN A 542 12.67 19.08 -6.29
C GLN A 542 12.10 17.87 -5.52
N TYR A 543 11.07 18.10 -4.69
CA TYR A 543 10.72 17.15 -3.65
C TYR A 543 9.29 16.61 -3.72
N TYR A 544 8.35 17.30 -4.35
CA TYR A 544 7.02 16.74 -4.48
C TYR A 544 7.03 15.70 -5.59
N SER A 545 6.03 14.81 -5.54
CA SER A 545 5.84 13.79 -6.57
C SER A 545 4.84 14.21 -7.64
N VAL A 546 4.42 15.47 -7.63
CA VAL A 546 3.48 16.02 -8.61
C VAL A 546 4.01 17.36 -9.07
N ASN A 547 3.58 17.77 -10.26
CA ASN A 547 4.00 19.06 -10.79
C ASN A 547 3.15 20.17 -10.19
N PHE A 548 3.81 21.29 -9.90
CA PHE A 548 3.17 22.41 -9.21
C PHE A 548 1.86 22.82 -9.88
N ALA A 549 1.84 22.84 -11.22
CA ALA A 549 0.66 23.27 -11.95
C ALA A 549 -0.57 22.44 -11.62
N ASN A 550 -0.39 21.17 -11.28
CA ASN A 550 -1.52 20.26 -11.06
C ASN A 550 -1.98 20.22 -9.60
N TYR A 551 -1.30 20.94 -8.69
CA TYR A 551 -1.59 20.79 -7.27
C TYR A 551 -2.91 21.45 -6.85
N PRO A 552 -3.16 22.72 -7.14
CA PRO A 552 -4.33 23.39 -6.55
C PRO A 552 -5.65 22.79 -7.02
N VAL A 553 -6.67 22.91 -6.17
CA VAL A 553 -7.99 22.39 -6.49
C VAL A 553 -8.63 23.30 -7.53
N GLN A 554 -9.07 22.71 -8.63
CA GLN A 554 -9.72 23.43 -9.70
C GLN A 554 -11.15 23.79 -9.29
N ASP A 555 -11.67 24.85 -9.91
CA ASP A 555 -12.98 25.36 -9.52
C ASP A 555 -14.11 24.37 -9.80
N ASP A 556 -13.87 23.38 -10.66
CA ASP A 556 -14.91 22.39 -10.94
C ASP A 556 -15.35 21.68 -9.66
N TYR A 557 -14.47 21.58 -8.66
CA TYR A 557 -14.77 20.85 -7.43
C TYR A 557 -15.57 21.67 -6.42
N LEU A 558 -15.87 22.93 -6.71
CA LEU A 558 -16.68 23.76 -5.83
C LEU A 558 -17.85 24.29 -6.65
N PRO A 559 -18.84 23.45 -6.95
CA PRO A 559 -20.01 23.94 -7.69
C PRO A 559 -20.74 25.04 -6.94
N LYS A 560 -20.71 25.03 -5.61
CA LYS A 560 -21.39 26.00 -4.78
C LYS A 560 -20.38 26.62 -3.80
N SER A 561 -19.46 27.40 -4.36
CA SER A 561 -18.43 28.07 -3.57
C SER A 561 -19.02 29.20 -2.74
N ALA A 562 -18.56 29.31 -1.49
CA ALA A 562 -19.01 30.34 -0.54
C ALA A 562 -17.80 30.94 0.17
N PRO A 563 -17.05 31.80 -0.51
CA PRO A 563 -15.84 32.38 0.11
C PRO A 563 -16.17 33.28 1.29
N VAL A 564 -15.28 33.26 2.29
CA VAL A 564 -15.39 34.11 3.47
C VAL A 564 -14.10 34.90 3.58
N LYS A 565 -14.24 36.23 3.71
CA LYS A 565 -13.10 37.13 3.65
C LYS A 565 -12.33 37.18 4.96
N GLY A 566 -11.01 37.04 4.86
CA GLY A 566 -10.11 37.32 5.97
C GLY A 566 -9.44 38.67 5.75
N VAL A 567 -8.13 38.75 5.96
CA VAL A 567 -7.43 40.01 5.75
C VAL A 567 -7.57 40.44 4.30
N MET A 568 -7.65 41.74 4.08
CA MET A 568 -7.73 42.31 2.74
C MET A 568 -6.77 43.48 2.65
N LEU A 569 -6.25 43.72 1.44
CA LEU A 569 -5.29 44.80 1.23
C LEU A 569 -5.99 46.15 1.17
N MET B 1 1.99 23.70 -34.05
CA MET B 1 2.48 22.74 -33.01
C MET B 1 2.51 23.40 -31.62
N GLU B 2 1.36 23.39 -30.96
CA GLU B 2 1.28 23.85 -29.58
C GLU B 2 1.84 22.80 -28.64
N TYR B 3 2.60 23.25 -27.65
CA TYR B 3 3.16 22.37 -26.63
C TYR B 3 2.28 22.45 -25.41
N VAL B 4 1.75 21.30 -25.00
CA VAL B 4 0.89 21.21 -23.82
C VAL B 4 1.70 20.48 -22.75
N LYS B 5 2.06 21.22 -21.71
CA LYS B 5 2.86 20.69 -20.61
C LYS B 5 1.96 20.41 -19.42
N ASN B 6 2.49 19.62 -18.48
CA ASN B 6 1.77 19.23 -17.27
C ASN B 6 0.53 18.38 -17.57
N VAL B 7 0.61 17.55 -18.60
CA VAL B 7 -0.46 16.60 -18.93
C VAL B 7 -0.35 15.37 -18.03
N VAL B 8 -1.50 14.84 -17.63
CA VAL B 8 -1.56 13.62 -16.83
C VAL B 8 -1.77 12.44 -17.76
N CYS B 9 -0.93 11.43 -17.64
CA CYS B 9 -0.98 10.31 -18.56
C CYS B 9 -2.12 9.36 -18.19
N PRO B 10 -3.00 8.99 -19.16
CA PRO B 10 -4.08 8.05 -18.85
C PRO B 10 -3.76 6.61 -19.24
N PHE B 11 -2.69 6.05 -18.67
CA PHE B 11 -2.50 4.60 -18.85
C PHE B 11 -2.39 3.86 -17.52
N CYS B 12 -1.23 3.92 -16.87
CA CYS B 12 -0.98 3.09 -15.71
C CYS B 12 -1.12 3.89 -14.42
N GLY B 13 -1.13 3.16 -13.30
CA GLY B 13 -1.37 3.74 -11.99
C GLY B 13 -0.24 4.60 -11.44
N THR B 14 0.87 4.71 -12.16
CA THR B 14 1.89 5.69 -11.79
C THR B 14 1.36 7.11 -11.95
N LEU B 15 0.47 7.32 -12.92
CA LEU B 15 -0.24 8.58 -13.14
C LEU B 15 0.73 9.77 -13.23
N CYS B 16 1.67 9.66 -14.16
CA CYS B 16 2.62 10.73 -14.37
C CYS B 16 1.88 12.00 -14.81
N ASP B 17 2.16 13.10 -14.13
CA ASP B 17 1.53 14.38 -14.41
C ASP B 17 2.51 15.39 -14.99
N ASP B 18 3.57 14.92 -15.65
CA ASP B 18 4.59 15.77 -16.25
C ASP B 18 4.73 15.50 -17.75
N ILE B 19 3.67 15.01 -18.39
CA ILE B 19 3.73 14.71 -19.81
C ILE B 19 3.63 16.00 -20.59
N ILE B 20 4.37 16.07 -21.70
CA ILE B 20 4.29 17.18 -22.64
C ILE B 20 3.77 16.62 -23.95
N CYS B 21 2.68 17.19 -24.44
CA CYS B 21 2.03 16.72 -25.66
C CYS B 21 2.34 17.65 -26.83
N LYS B 22 2.74 17.06 -27.95
CA LYS B 22 2.95 17.77 -29.19
C LYS B 22 1.63 17.78 -29.95
N VAL B 23 1.03 18.96 -30.11
CA VAL B 23 -0.30 19.09 -30.72
C VAL B 23 -0.15 19.78 -32.06
N GLU B 24 -0.48 19.07 -33.13
CA GLU B 24 -0.40 19.58 -34.49
C GLU B 24 -1.79 19.44 -35.11
N GLY B 25 -2.56 20.54 -35.08
CA GLY B 25 -3.85 20.60 -35.75
C GLY B 25 -4.96 19.79 -35.10
N ASN B 26 -5.26 20.09 -33.85
CA ASN B 26 -6.22 19.32 -33.05
C ASN B 26 -5.92 17.82 -33.05
N GLU B 27 -4.65 17.46 -33.10
CA GLU B 27 -4.26 16.06 -33.03
C GLU B 27 -2.97 15.95 -32.24
N ILE B 28 -2.86 14.90 -31.42
CA ILE B 28 -1.63 14.61 -30.68
C ILE B 28 -0.74 13.75 -31.57
N VAL B 29 0.44 14.27 -31.90
CA VAL B 29 1.34 13.62 -32.85
C VAL B 29 2.61 13.12 -32.18
N GLY B 30 2.87 13.50 -30.94
CA GLY B 30 4.07 13.08 -30.23
C GLY B 30 4.01 13.57 -28.80
N THR B 31 4.92 13.04 -27.99
CA THR B 31 4.97 13.36 -26.57
C THR B 31 6.40 13.63 -26.13
N ILE B 32 6.54 14.17 -24.93
CA ILE B 32 7.81 14.20 -24.22
C ILE B 32 7.60 13.62 -22.82
N ASN B 33 8.63 12.95 -22.32
CA ASN B 33 8.67 12.39 -20.96
C ASN B 33 7.84 11.11 -20.81
N ALA B 34 6.79 10.95 -21.61
CA ALA B 34 5.98 9.73 -21.55
C ALA B 34 6.80 8.51 -21.92
N CYS B 35 6.51 7.38 -21.26
CA CYS B 35 7.18 6.14 -21.60
C CYS B 35 6.58 5.54 -22.88
N ARG B 36 7.21 4.48 -23.38
CA ARG B 36 6.80 3.90 -24.65
C ARG B 36 5.31 3.52 -24.64
N ILE B 37 4.77 3.08 -23.50
CA ILE B 37 3.34 2.77 -23.44
C ILE B 37 2.53 4.06 -23.45
N GLY B 38 2.80 4.94 -22.50
CA GLY B 38 2.09 6.22 -22.45
C GLY B 38 2.05 6.92 -23.80
N HIS B 39 3.20 6.98 -24.49
CA HIS B 39 3.22 7.58 -25.81
C HIS B 39 2.24 6.90 -26.75
N SER B 40 2.10 5.58 -26.61
CA SER B 40 1.24 4.83 -27.53
C SER B 40 -0.21 5.25 -27.40
N LYS B 41 -0.66 5.51 -26.17
CA LYS B 41 -2.06 5.87 -25.98
C LYS B 41 -2.32 7.29 -26.47
N PHE B 42 -1.39 8.21 -26.21
CA PHE B 42 -1.56 9.59 -26.66
C PHE B 42 -1.62 9.71 -28.18
N VAL B 43 -0.98 8.80 -28.90
CA VAL B 43 -0.79 8.92 -30.35
C VAL B 43 -1.56 7.81 -31.04
N HIS B 44 -2.28 8.16 -32.10
CA HIS B 44 -2.98 7.18 -32.90
C HIS B 44 -2.01 6.43 -33.81
N ALA B 45 -2.14 5.10 -33.85
CA ALA B 45 -1.31 4.24 -34.68
C ALA B 45 -2.05 3.93 -35.97
N GLU B 46 -1.36 4.11 -37.09
CA GLU B 46 -2.02 4.04 -38.39
C GLU B 46 -2.61 2.65 -38.63
N GLY B 47 -3.82 2.62 -39.19
CA GLY B 47 -4.54 1.41 -39.46
C GLY B 47 -5.47 0.96 -38.35
N ALA B 48 -5.27 1.47 -37.13
CA ALA B 48 -6.07 1.03 -36.00
C ALA B 48 -7.46 1.64 -36.05
N MET B 49 -8.47 0.82 -35.81
CA MET B 49 -9.84 1.30 -35.81
C MET B 49 -10.11 2.20 -34.62
N ARG B 50 -10.57 3.41 -34.88
CA ARG B 50 -11.15 4.30 -33.87
C ARG B 50 -12.60 4.51 -34.28
N TYR B 51 -13.53 4.03 -33.45
CA TYR B 51 -14.95 4.07 -33.81
C TYR B 51 -15.44 5.51 -33.87
N LYS B 52 -15.84 5.94 -35.06
CA LYS B 52 -16.38 7.29 -35.23
C LYS B 52 -17.79 7.41 -34.68
N LYS B 53 -18.60 6.35 -34.76
CA LYS B 53 -20.03 6.49 -34.50
C LYS B 53 -20.57 5.22 -33.86
N PRO B 54 -21.74 5.31 -33.22
CA PRO B 54 -22.34 4.13 -32.58
C PRO B 54 -22.59 3.00 -33.57
N LEU B 55 -22.70 1.79 -33.03
CA LEU B 55 -22.92 0.60 -33.83
C LEU B 55 -23.91 -0.31 -33.13
N ILE B 56 -24.62 -1.09 -33.94
CA ILE B 56 -25.53 -2.15 -33.46
C ILE B 56 -25.41 -3.32 -34.43
N ARG B 57 -25.25 -4.53 -33.89
CA ARG B 57 -25.13 -5.70 -34.75
C ARG B 57 -26.51 -6.28 -35.03
N LYS B 58 -26.70 -6.72 -36.28
CA LYS B 58 -27.96 -7.32 -36.73
C LYS B 58 -27.79 -8.77 -37.17
N ASN B 59 -26.82 -9.04 -38.06
CA ASN B 59 -26.60 -10.36 -38.63
C ASN B 59 -25.13 -10.75 -38.57
N GLY B 60 -24.43 -10.32 -37.52
CA GLY B 60 -22.99 -10.48 -37.45
C GLY B 60 -22.23 -9.34 -38.09
N GLU B 61 -22.93 -8.40 -38.73
CA GLU B 61 -22.37 -7.17 -39.27
C GLU B 61 -22.99 -6.00 -38.53
N PHE B 62 -22.16 -5.04 -38.14
CA PHE B 62 -22.67 -3.90 -37.38
C PHE B 62 -23.29 -2.87 -38.33
N VAL B 63 -24.15 -2.03 -37.76
CA VAL B 63 -24.83 -0.97 -38.51
C VAL B 63 -24.76 0.32 -37.70
N GLU B 64 -24.39 1.42 -38.37
CA GLU B 64 -24.24 2.70 -37.70
C GLU B 64 -25.59 3.28 -37.33
N VAL B 65 -25.70 3.81 -36.11
CA VAL B 65 -26.89 4.48 -35.63
C VAL B 65 -26.48 5.75 -34.90
N SER B 66 -27.47 6.45 -34.38
CA SER B 66 -27.24 7.63 -33.55
C SER B 66 -27.01 7.23 -32.10
N TYR B 67 -26.46 8.18 -31.33
CA TYR B 67 -26.31 7.96 -29.90
C TYR B 67 -27.65 7.63 -29.25
N ASP B 68 -28.70 8.36 -29.63
CA ASP B 68 -30.00 8.18 -28.98
C ASP B 68 -30.54 6.78 -29.19
N GLU B 69 -30.45 6.26 -30.41
CA GLU B 69 -30.97 4.92 -30.68
C GLU B 69 -30.14 3.87 -29.95
N ALA B 70 -28.81 3.99 -30.00
CA ALA B 70 -27.95 3.00 -29.34
C ALA B 70 -28.11 3.07 -27.83
N ILE B 71 -28.24 4.27 -27.26
CA ILE B 71 -28.49 4.38 -25.84
C ILE B 71 -29.86 3.85 -25.49
N ASP B 72 -30.84 4.04 -26.39
CA ASP B 72 -32.18 3.52 -26.12
C ASP B 72 -32.18 2.00 -26.10
N LYS B 73 -31.51 1.36 -27.07
CA LYS B 73 -31.41 -0.10 -27.06
C LYS B 73 -30.70 -0.58 -25.79
N ALA B 74 -29.60 0.09 -25.42
CA ALA B 74 -28.85 -0.30 -24.23
C ALA B 74 -29.69 -0.16 -22.97
N ALA B 75 -30.40 0.97 -22.82
CA ALA B 75 -31.25 1.18 -21.65
C ALA B 75 -32.38 0.15 -21.61
N LYS B 76 -32.89 -0.25 -22.78
CA LYS B 76 -33.89 -1.30 -22.83
C LYS B 76 -33.34 -2.61 -22.25
N ILE B 77 -32.13 -2.97 -22.64
CA ILE B 77 -31.52 -4.22 -22.17
C ILE B 77 -31.37 -4.19 -20.65
N LEU B 78 -30.80 -3.10 -20.11
CA LEU B 78 -30.49 -3.06 -18.68
C LEU B 78 -31.77 -3.04 -17.84
N ALA B 79 -32.80 -2.35 -18.33
CA ALA B 79 -33.99 -2.12 -17.52
C ALA B 79 -34.86 -3.35 -17.39
N GLU B 80 -34.75 -4.31 -18.32
CA GLU B 80 -35.53 -5.54 -18.22
C GLU B 80 -34.68 -6.72 -17.75
N SER B 81 -33.40 -6.51 -17.47
CA SER B 81 -32.59 -7.56 -16.87
C SER B 81 -32.95 -7.76 -15.41
N LYS B 82 -32.71 -8.98 -14.93
CA LYS B 82 -32.90 -9.31 -13.53
C LYS B 82 -31.59 -9.46 -12.78
N ARG B 83 -30.46 -9.51 -13.50
CA ARG B 83 -29.14 -9.57 -12.88
C ARG B 83 -28.13 -8.99 -13.85
N PRO B 84 -28.20 -7.68 -14.09
CA PRO B 84 -27.27 -7.06 -15.05
C PRO B 84 -25.94 -6.67 -14.42
N LEU B 85 -24.87 -6.89 -15.18
CA LEU B 85 -23.51 -6.64 -14.72
C LEU B 85 -22.95 -5.41 -15.43
N MET B 86 -22.45 -4.45 -14.65
CA MET B 86 -21.84 -3.23 -15.19
C MET B 86 -20.37 -3.23 -14.80
N TYR B 87 -19.49 -3.57 -15.75
CA TYR B 87 -18.10 -3.87 -15.46
C TYR B 87 -17.14 -2.95 -16.19
N GLY B 88 -16.00 -2.69 -15.55
CA GLY B 88 -14.89 -1.99 -16.17
C GLY B 88 -14.41 -0.78 -15.39
N TRP B 89 -14.73 0.41 -15.91
CA TRP B 89 -14.62 1.67 -15.18
C TRP B 89 -13.20 2.21 -15.01
N SER B 90 -12.19 1.34 -15.06
CA SER B 90 -10.88 1.75 -14.57
C SER B 90 -10.15 2.73 -15.48
N CYS B 91 -10.53 2.83 -16.75
CA CYS B 91 -9.90 3.75 -17.69
C CYS B 91 -10.83 4.89 -18.08
N THR B 92 -11.59 5.39 -17.11
CA THR B 92 -12.37 6.60 -17.29
C THR B 92 -12.36 7.36 -15.98
N GLU B 93 -12.82 8.62 -16.04
CA GLU B 93 -12.70 9.54 -14.92
C GLU B 93 -13.83 9.35 -13.91
N CYS B 94 -13.67 10.01 -12.76
CA CYS B 94 -14.45 9.66 -11.58
C CYS B 94 -15.90 10.12 -11.67
N GLU B 95 -16.18 11.20 -12.40
CA GLU B 95 -17.58 11.61 -12.54
C GLU B 95 -18.37 10.60 -13.36
N ALA B 96 -17.80 10.11 -14.45
CA ALA B 96 -18.43 9.01 -15.16
C ALA B 96 -18.64 7.81 -14.24
N GLN B 97 -17.64 7.52 -13.39
CA GLN B 97 -17.77 6.40 -12.47
C GLN B 97 -18.92 6.63 -11.49
N ALA B 98 -19.14 7.89 -11.08
CA ALA B 98 -20.19 8.18 -10.11
C ALA B 98 -21.57 8.06 -10.74
N VAL B 99 -21.74 8.50 -11.98
CA VAL B 99 -23.01 8.25 -12.66
C VAL B 99 -23.25 6.75 -12.73
N GLY B 100 -22.19 5.98 -12.98
CA GLY B 100 -22.32 4.54 -13.09
C GLY B 100 -22.94 3.93 -11.84
N VAL B 101 -22.54 4.43 -10.67
CA VAL B 101 -23.10 3.87 -9.44
C VAL B 101 -24.59 4.16 -9.34
N GLU B 102 -25.01 5.39 -9.66
CA GLU B 102 -26.42 5.75 -9.60
C GLU B 102 -27.21 4.94 -10.62
N LEU B 103 -26.62 4.69 -11.78
CA LEU B 103 -27.24 3.82 -12.76
C LEU B 103 -27.35 2.39 -12.25
N ALA B 104 -26.30 1.92 -11.56
CA ALA B 104 -26.33 0.56 -11.02
C ALA B 104 -27.42 0.39 -9.97
N GLU B 105 -27.65 1.43 -9.15
CA GLU B 105 -28.75 1.38 -8.19
C GLU B 105 -30.08 1.34 -8.93
N GLU B 106 -30.25 2.22 -9.90
CA GLU B 106 -31.51 2.29 -10.64
C GLU B 106 -31.83 0.97 -11.31
N ALA B 107 -30.82 0.36 -11.94
CA ALA B 107 -31.02 -0.88 -12.69
C ALA B 107 -31.01 -2.12 -11.82
N GLY B 108 -30.71 -1.99 -10.52
CA GLY B 108 -30.59 -3.17 -9.69
C GLY B 108 -29.40 -4.02 -10.06
N ALA B 109 -28.33 -3.39 -10.55
CA ALA B 109 -27.23 -4.10 -11.14
C ALA B 109 -26.19 -4.50 -10.10
N VAL B 110 -25.25 -5.31 -10.55
CA VAL B 110 -23.97 -5.49 -9.88
C VAL B 110 -22.98 -4.58 -10.59
N ILE B 111 -22.33 -3.68 -9.83
CA ILE B 111 -21.29 -2.81 -10.39
C ILE B 111 -19.94 -3.27 -9.87
N ASP B 112 -19.00 -3.49 -10.78
CA ASP B 112 -17.69 -4.02 -10.45
C ASP B 112 -16.67 -3.44 -11.41
N ASN B 113 -15.45 -3.21 -10.92
CA ASN B 113 -14.39 -2.72 -11.78
C ASN B 113 -13.30 -3.78 -11.93
N THR B 114 -12.19 -3.39 -12.57
CA THR B 114 -11.13 -4.33 -12.88
C THR B 114 -10.40 -4.82 -11.64
N ALA B 115 -10.64 -4.20 -10.47
CA ALA B 115 -10.01 -4.69 -9.25
C ALA B 115 -10.26 -6.17 -9.05
N SER B 116 -11.44 -6.66 -9.44
CA SER B 116 -11.81 -8.05 -9.21
C SER B 116 -10.99 -9.03 -10.06
N VAL B 117 -10.14 -8.53 -10.96
CA VAL B 117 -9.12 -9.37 -11.59
C VAL B 117 -7.72 -8.83 -11.34
N CYS B 118 -7.56 -7.96 -10.32
CA CYS B 118 -6.30 -7.26 -10.10
CA CYS B 118 -6.29 -7.28 -10.11
C CYS B 118 -5.91 -7.21 -8.63
N HIS B 119 -6.17 -6.08 -7.98
CA HIS B 119 -5.86 -5.90 -6.57
C HIS B 119 -7.08 -6.03 -5.67
N GLY B 120 -8.18 -6.55 -6.21
CA GLY B 120 -9.27 -7.01 -5.38
C GLY B 120 -8.79 -7.91 -4.24
N PRO B 121 -7.91 -8.87 -4.55
CA PRO B 121 -7.31 -9.65 -3.45
C PRO B 121 -6.63 -8.77 -2.42
N SER B 122 -6.01 -7.67 -2.85
CA SER B 122 -5.42 -6.74 -1.89
C SER B 122 -6.49 -6.01 -1.12
N VAL B 123 -7.64 -5.75 -1.76
CA VAL B 123 -8.74 -5.11 -1.08
C VAL B 123 -9.30 -6.03 0.00
N LEU B 124 -9.49 -7.30 -0.34
CA LEU B 124 -9.93 -8.29 0.64
C LEU B 124 -8.93 -8.44 1.79
N ALA B 125 -7.63 -8.44 1.47
CA ALA B 125 -6.60 -8.53 2.50
C ALA B 125 -6.68 -7.35 3.45
N LEU B 126 -6.73 -6.12 2.91
CA LEU B 126 -6.70 -4.91 3.74
C LEU B 126 -7.98 -4.77 4.57
N GLN B 127 -9.11 -5.29 4.08
CA GLN B 127 -10.31 -5.30 4.92
C GLN B 127 -10.16 -6.19 6.15
N ASP B 128 -9.32 -7.23 6.06
CA ASP B 128 -9.11 -8.10 7.22
C ASP B 128 -8.01 -7.59 8.15
N VAL B 129 -6.89 -7.10 7.62
CA VAL B 129 -5.71 -6.82 8.45
C VAL B 129 -5.23 -5.38 8.41
N GLY B 130 -5.68 -4.54 7.48
CA GLY B 130 -5.28 -3.13 7.48
C GLY B 130 -4.49 -2.76 6.23
N TYR B 131 -3.97 -1.52 6.24
CA TYR B 131 -3.52 -0.85 5.01
C TYR B 131 -2.50 0.25 5.34
N PRO B 132 -1.26 -0.11 5.63
CA PRO B 132 -0.26 0.88 6.03
C PRO B 132 0.55 1.42 4.85
N ILE B 133 0.21 2.63 4.35
CA ILE B 133 0.75 3.11 3.09
C ILE B 133 1.38 4.50 3.30
N CYS B 134 1.92 5.03 2.22
CA CYS B 134 2.40 6.40 2.11
C CYS B 134 2.27 6.83 0.66
N THR B 135 2.52 8.11 0.40
CA THR B 135 2.49 8.63 -0.96
C THR B 135 3.88 8.61 -1.58
N PHE B 136 3.91 8.73 -2.90
CA PHE B 136 5.15 8.63 -3.66
C PHE B 136 6.25 9.54 -3.10
N GLY B 137 5.90 10.79 -2.79
CA GLY B 137 6.90 11.73 -2.32
C GLY B 137 7.63 11.27 -1.07
N GLU B 138 6.93 10.51 -0.20
CA GLU B 138 7.59 9.98 0.99
C GLU B 138 8.64 8.92 0.61
N VAL B 139 8.29 8.02 -0.31
CA VAL B 139 9.27 7.08 -0.82
C VAL B 139 10.47 7.83 -1.39
N LYS B 140 10.19 8.83 -2.23
CA LYS B 140 11.26 9.58 -2.88
C LYS B 140 12.19 10.24 -1.88
N ASN B 141 11.65 10.85 -0.83
CA ASN B 141 12.47 11.65 0.08
C ASN B 141 13.01 10.88 1.28
N ARG B 142 12.43 9.72 1.64
CA ARG B 142 12.84 8.99 2.85
C ARG B 142 13.37 7.58 2.63
N ALA B 143 12.90 6.86 1.61
CA ALA B 143 13.09 5.42 1.54
C ALA B 143 14.55 5.03 1.26
N ASP B 144 15.07 4.09 2.06
CA ASP B 144 16.37 3.50 1.82
C ASP B 144 16.31 1.99 1.58
N VAL B 145 15.15 1.37 1.72
CA VAL B 145 14.90 0.02 1.23
C VAL B 145 13.63 0.06 0.40
N VAL B 146 13.73 -0.33 -0.86
CA VAL B 146 12.60 -0.36 -1.77
C VAL B 146 12.46 -1.78 -2.27
N VAL B 147 11.23 -2.31 -2.20
CA VAL B 147 10.97 -3.71 -2.54
C VAL B 147 9.86 -3.78 -3.57
N TYR B 148 10.14 -4.45 -4.67
CA TYR B 148 9.16 -4.76 -5.69
C TYR B 148 8.86 -6.25 -5.58
N TRP B 149 7.72 -6.58 -4.98
CA TRP B 149 7.33 -7.95 -4.71
C TRP B 149 6.29 -8.37 -5.74
N GLY B 150 6.66 -9.29 -6.62
CA GLY B 150 5.70 -9.77 -7.59
C GLY B 150 5.19 -8.69 -8.51
N CYS B 151 6.03 -7.73 -8.87
CA CYS B 151 5.71 -6.78 -9.92
C CYS B 151 6.94 -6.60 -10.80
N ASN B 152 6.71 -6.13 -12.03
CA ASN B 152 7.75 -5.90 -13.02
C ASN B 152 7.62 -4.49 -13.56
N PRO B 153 7.95 -3.49 -12.74
CA PRO B 153 7.73 -2.09 -13.15
C PRO B 153 8.38 -1.71 -14.47
N MET B 154 9.55 -2.26 -14.81
CA MET B 154 10.18 -1.90 -16.09
C MET B 154 9.24 -2.15 -17.27
N HIS B 155 8.32 -3.13 -17.15
CA HIS B 155 7.43 -3.50 -18.23
C HIS B 155 5.99 -3.06 -18.02
N ALA B 156 5.59 -2.78 -16.77
CA ALA B 156 4.20 -2.45 -16.47
C ALA B 156 4.02 -1.09 -15.80
N HIS B 157 5.05 -0.50 -15.21
CA HIS B 157 4.99 0.86 -14.69
C HIS B 157 6.33 1.49 -15.03
N PRO B 158 6.58 1.76 -16.32
CA PRO B 158 7.97 1.95 -16.76
C PRO B 158 8.70 3.08 -16.06
N ARG B 159 8.05 4.19 -15.73
CA ARG B 159 8.74 5.31 -15.10
C ARG B 159 8.69 5.25 -13.59
N HIS B 160 8.17 4.16 -13.02
CA HIS B 160 8.01 4.07 -11.58
C HIS B 160 9.35 4.07 -10.85
N MET B 161 10.32 3.28 -11.33
CA MET B 161 11.63 3.26 -10.67
C MET B 161 12.36 4.59 -10.81
N SER B 162 12.34 5.18 -12.01
CA SER B 162 13.04 6.45 -12.18
C SER B 162 12.43 7.51 -11.28
N ARG B 163 11.10 7.47 -11.11
CA ARG B 163 10.43 8.47 -10.30
CA ARG B 163 10.40 8.46 -10.30
C ARG B 163 10.61 8.22 -8.80
N ASN B 164 10.79 6.96 -8.38
CA ASN B 164 10.84 6.64 -6.95
C ASN B 164 12.19 6.14 -6.44
N VAL B 165 13.05 5.58 -7.30
CA VAL B 165 14.30 4.96 -6.87
C VAL B 165 15.52 5.76 -7.33
N PHE B 166 15.63 6.00 -8.65
CA PHE B 166 16.77 6.78 -9.13
C PHE B 166 16.62 8.24 -8.75
N ALA B 167 15.40 8.71 -8.55
CA ALA B 167 15.13 10.05 -8.08
C ALA B 167 15.91 10.37 -6.82
N ARG B 168 16.40 11.59 -6.73
CA ARG B 168 17.06 12.08 -5.52
C ARG B 168 16.03 12.82 -4.69
N GLY B 169 16.03 12.56 -3.38
CA GLY B 169 15.08 13.14 -2.47
C GLY B 169 15.79 13.81 -1.31
N PHE B 170 14.97 14.43 -0.46
CA PHE B 170 15.52 15.34 0.54
C PHE B 170 16.49 14.61 1.48
N PHE B 171 16.08 13.48 2.06
CA PHE B 171 16.95 12.68 2.90
C PHE B 171 17.63 11.56 2.12
N ARG B 172 17.45 11.51 0.81
CA ARG B 172 18.07 10.51 -0.06
C ARG B 172 18.64 11.21 -1.29
N GLU B 173 19.60 12.10 -1.04
CA GLU B 173 20.11 12.94 -2.12
C GLU B 173 21.00 12.18 -3.09
N ARG B 174 21.40 10.94 -2.79
CA ARG B 174 22.19 10.17 -3.74
C ARG B 174 21.35 9.27 -4.63
N GLY B 175 20.03 9.38 -4.56
CA GLY B 175 19.19 8.64 -5.50
C GLY B 175 19.34 7.14 -5.36
N ARG B 176 19.70 6.51 -6.48
CA ARG B 176 19.78 5.05 -6.50
C ARG B 176 20.80 4.54 -5.48
N SER B 177 21.91 5.26 -5.34
CA SER B 177 22.99 4.84 -4.44
C SER B 177 22.61 4.91 -2.96
N ASP B 178 21.49 5.55 -2.60
CA ASP B 178 21.04 5.59 -1.21
C ASP B 178 20.00 4.53 -0.87
N ARG B 179 19.65 3.66 -1.82
CA ARG B 179 18.57 2.71 -1.61
C ARG B 179 18.99 1.27 -1.89
N THR B 180 18.59 0.37 -1.00
CA THR B 180 18.72 -1.06 -1.24
C THR B 180 17.49 -1.52 -2.00
N LEU B 181 17.70 -2.07 -3.20
CA LEU B 181 16.62 -2.46 -4.09
C LEU B 181 16.46 -3.98 -4.06
N ILE B 182 15.25 -4.43 -3.74
CA ILE B 182 14.92 -5.85 -3.64
C ILE B 182 13.79 -6.15 -4.60
N VAL B 183 13.94 -7.19 -5.41
CA VAL B 183 12.88 -7.70 -6.26
C VAL B 183 12.66 -9.17 -5.92
N VAL B 184 11.39 -9.55 -5.76
CA VAL B 184 10.98 -10.92 -5.48
C VAL B 184 10.16 -11.40 -6.66
N ASP B 185 10.70 -12.35 -7.44
CA ASP B 185 10.10 -12.82 -8.67
C ASP B 185 10.71 -14.16 -9.07
N PRO B 186 9.92 -15.17 -9.45
CA PRO B 186 10.52 -16.42 -9.95
C PRO B 186 11.30 -16.26 -11.24
N ARG B 187 11.09 -15.16 -11.98
CA ARG B 187 11.78 -14.89 -13.23
C ARG B 187 12.87 -13.85 -13.03
N LYS B 188 13.89 -13.89 -13.89
CA LYS B 188 14.93 -12.86 -13.96
C LYS B 188 14.40 -11.72 -14.84
N THR B 189 13.51 -10.91 -14.27
CA THR B 189 12.91 -9.84 -15.03
C THR B 189 13.91 -8.72 -15.26
N ASP B 190 13.55 -7.80 -16.16
CA ASP B 190 14.34 -6.59 -16.35
C ASP B 190 14.27 -5.69 -15.12
N SER B 191 13.26 -5.85 -14.28
CA SER B 191 13.24 -5.15 -13.00
C SER B 191 14.24 -5.79 -12.04
N ALA B 192 14.20 -7.12 -11.93
CA ALA B 192 15.15 -7.84 -11.07
C ALA B 192 16.59 -7.61 -11.49
N LYS B 193 16.83 -7.33 -12.78
CA LYS B 193 18.20 -7.07 -13.24
C LYS B 193 18.80 -5.85 -12.56
N LEU B 194 17.97 -4.87 -12.21
CA LEU B 194 18.45 -3.66 -11.56
C LEU B 194 18.59 -3.80 -10.04
N ALA B 195 18.18 -4.92 -9.47
CA ALA B 195 18.07 -5.03 -8.01
C ALA B 195 19.42 -5.31 -7.38
N ASP B 196 19.53 -4.95 -6.10
CA ASP B 196 20.65 -5.36 -5.27
C ASP B 196 20.47 -6.76 -4.72
N ILE B 197 19.23 -7.16 -4.48
CA ILE B 197 18.88 -8.50 -4.00
C ILE B 197 17.70 -8.98 -4.84
N HIS B 198 17.87 -10.11 -5.51
CA HIS B 198 16.79 -10.76 -6.24
C HIS B 198 16.46 -12.06 -5.52
N LEU B 199 15.28 -12.14 -4.93
CA LEU B 199 14.77 -13.39 -4.37
C LEU B 199 14.02 -14.11 -5.47
N GLN B 200 14.71 -15.06 -6.11
CA GLN B 200 14.11 -15.81 -7.20
C GLN B 200 13.47 -17.07 -6.62
N LEU B 201 12.34 -16.86 -5.96
CA LEU B 201 11.69 -17.90 -5.20
C LEU B 201 10.91 -18.85 -6.13
N ASP B 202 10.50 -19.99 -5.56
CA ASP B 202 9.60 -20.90 -6.24
C ASP B 202 8.23 -20.25 -6.41
N PHE B 203 7.63 -20.44 -7.58
CA PHE B 203 6.30 -19.88 -7.86
C PHE B 203 5.26 -20.48 -6.90
N ASP B 204 4.26 -19.67 -6.59
CA ASP B 204 3.12 -20.07 -5.76
C ASP B 204 3.53 -20.41 -4.32
N ARG B 205 4.74 -20.02 -3.89
CA ARG B 205 5.20 -20.28 -2.53
C ARG B 205 5.50 -19.00 -1.74
N ASP B 206 5.04 -17.83 -2.19
CA ASP B 206 5.25 -16.60 -1.44
C ASP B 206 4.70 -16.72 -0.03
N TYR B 207 3.47 -17.25 0.10
CA TYR B 207 2.84 -17.34 1.41
C TYR B 207 3.73 -18.12 2.37
N GLU B 208 4.29 -19.23 1.90
CA GLU B 208 5.19 -20.02 2.72
C GLU B 208 6.43 -19.21 3.07
N LEU B 209 6.99 -18.51 2.09
CA LEU B 209 8.19 -17.71 2.35
C LEU B 209 7.91 -16.63 3.38
N LEU B 210 6.79 -15.91 3.23
CA LEU B 210 6.47 -14.86 4.18
C LEU B 210 6.15 -15.42 5.55
N ASP B 211 5.64 -16.65 5.63
CA ASP B 211 5.46 -17.23 6.95
C ASP B 211 6.80 -17.39 7.68
N ALA B 212 7.83 -17.77 6.94
CA ALA B 212 9.14 -17.93 7.55
C ALA B 212 9.74 -16.58 7.94
N MET B 213 9.57 -15.58 7.06
CA MET B 213 10.09 -14.25 7.37
C MET B 213 9.41 -13.66 8.59
N ARG B 214 8.08 -13.78 8.68
CA ARG B 214 7.37 -13.26 9.84
C ARG B 214 7.82 -13.97 11.11
N ALA B 215 7.97 -15.29 11.06
CA ALA B 215 8.32 -16.04 12.26
C ALA B 215 9.74 -15.72 12.70
N CYS B 216 10.65 -15.58 11.74
CA CYS B 216 12.02 -15.15 12.04
C CYS B 216 12.03 -13.75 12.64
N LEU B 217 11.20 -12.85 12.10
CA LEU B 217 11.07 -11.49 12.61
C LEU B 217 10.67 -11.48 14.09
N LEU B 218 9.69 -12.30 14.47
CA LEU B 218 9.25 -12.38 15.87
C LEU B 218 10.15 -13.25 16.71
N GLY B 219 11.35 -13.57 16.26
CA GLY B 219 12.32 -14.28 17.09
C GLY B 219 12.24 -15.79 17.07
N HIS B 220 11.54 -16.38 16.11
CA HIS B 220 11.38 -17.84 16.08
C HIS B 220 12.29 -18.45 15.02
N GLU B 221 12.84 -19.62 15.34
CA GLU B 221 13.67 -20.35 14.41
C GLU B 221 12.81 -20.91 13.30
N ILE B 222 13.39 -20.98 12.10
CA ILE B 222 12.65 -21.41 10.92
C ILE B 222 12.70 -22.93 10.85
N LEU B 223 11.52 -23.55 10.81
CA LEU B 223 11.43 -25.01 10.94
C LEU B 223 12.25 -25.71 9.85
N TYR B 224 12.06 -25.32 8.59
CA TYR B 224 12.69 -25.95 7.45
C TYR B 224 13.98 -25.22 7.08
N ASP B 225 14.91 -25.94 6.47
CA ASP B 225 16.18 -25.33 6.09
C ASP B 225 16.15 -24.73 4.69
N GLU B 226 15.01 -24.77 4.01
CA GLU B 226 14.81 -24.05 2.76
C GLU B 226 13.30 -23.83 2.59
N VAL B 227 12.91 -22.61 2.26
CA VAL B 227 11.51 -22.25 2.11
C VAL B 227 11.34 -21.56 0.77
N ALA B 228 10.38 -22.03 -0.03
CA ALA B 228 10.12 -21.44 -1.34
C ALA B 228 11.39 -21.41 -2.18
N GLY B 229 12.21 -22.44 -2.03
CA GLY B 229 13.48 -22.47 -2.72
C GLY B 229 14.50 -21.48 -2.23
N VAL B 230 14.27 -20.82 -1.11
CA VAL B 230 15.21 -19.83 -0.57
C VAL B 230 15.86 -20.43 0.66
N PRO B 231 17.18 -20.50 0.73
CA PRO B 231 17.85 -21.10 1.90
C PRO B 231 17.54 -20.34 3.18
N ARG B 232 17.52 -21.09 4.30
CA ARG B 232 17.19 -20.50 5.60
C ARG B 232 18.07 -19.30 5.91
N GLU B 233 19.38 -19.42 5.67
CA GLU B 233 20.29 -18.33 6.01
C GLU B 233 19.96 -17.09 5.20
N GLN B 234 19.59 -17.26 3.93
CA GLN B 234 19.24 -16.14 3.08
C GLN B 234 17.94 -15.46 3.52
N ILE B 235 17.02 -16.24 4.10
CA ILE B 235 15.79 -15.64 4.59
C ILE B 235 16.09 -14.75 5.79
N GLU B 236 16.92 -15.24 6.70
CA GLU B 236 17.27 -14.47 7.89
C GLU B 236 18.05 -13.21 7.50
N GLU B 237 18.92 -13.30 6.51
CA GLU B 237 19.61 -12.11 6.02
C GLU B 237 18.63 -11.09 5.43
N ALA B 238 17.63 -11.57 4.68
CA ALA B 238 16.67 -10.66 4.09
C ALA B 238 15.89 -9.93 5.17
N VAL B 239 15.46 -10.67 6.20
CA VAL B 239 14.71 -10.07 7.30
C VAL B 239 15.56 -9.02 8.02
N GLU B 240 16.88 -9.26 8.14
CA GLU B 240 17.74 -8.27 8.80
C GLU B 240 17.86 -6.99 7.98
N VAL B 241 17.87 -7.10 6.65
CA VAL B 241 17.87 -5.92 5.79
C VAL B 241 16.63 -5.08 6.04
N LEU B 242 15.48 -5.72 6.20
CA LEU B 242 14.25 -4.97 6.44
C LEU B 242 14.26 -4.33 7.82
N LYS B 243 14.78 -5.03 8.83
CA LYS B 243 14.78 -4.50 10.19
C LYS B 243 15.69 -3.29 10.34
N ASN B 244 16.70 -3.15 9.49
CA ASN B 244 17.67 -2.08 9.62
C ASN B 244 17.35 -0.88 8.74
N ALA B 245 16.25 -0.93 8.01
CA ALA B 245 15.82 0.19 7.20
C ALA B 245 15.50 1.39 8.07
N GLN B 246 15.76 2.58 7.54
CA GLN B 246 15.23 3.80 8.16
C GLN B 246 13.83 4.10 7.67
N PHE B 247 13.53 3.68 6.44
CA PHE B 247 12.20 3.84 5.86
C PHE B 247 12.12 2.84 4.72
N GLY B 248 11.24 1.85 4.86
CA GLY B 248 11.08 0.81 3.87
C GLY B 248 9.73 0.95 3.17
N ILE B 249 9.69 0.61 1.89
CA ILE B 249 8.46 0.61 1.12
C ILE B 249 8.36 -0.72 0.39
N LEU B 250 7.19 -1.33 0.47
CA LEU B 250 6.91 -2.60 -0.19
C LEU B 250 5.91 -2.34 -1.30
N PHE B 251 6.40 -2.31 -2.53
CA PHE B 251 5.53 -2.31 -3.70
C PHE B 251 5.25 -3.75 -4.07
N PHE B 252 4.00 -4.03 -4.48
CA PHE B 252 3.64 -5.38 -4.84
C PHE B 252 2.55 -5.39 -5.92
N GLY B 253 2.51 -6.46 -6.70
CA GLY B 253 1.57 -6.59 -7.80
C GLY B 253 1.09 -8.04 -8.08
N MET B 254 0.81 -8.33 -9.36
CA MET B 254 0.00 -9.49 -9.71
C MET B 254 0.67 -10.81 -9.36
N GLY B 255 1.99 -10.81 -9.18
CA GLY B 255 2.67 -12.02 -8.79
C GLY B 255 2.11 -12.65 -7.53
N ILE B 256 1.50 -11.87 -6.63
CA ILE B 256 0.89 -12.41 -5.42
C ILE B 256 -0.61 -12.22 -5.36
N THR B 257 -1.23 -11.40 -6.22
CA THR B 257 -2.69 -11.36 -6.25
C THR B 257 -3.28 -12.46 -7.12
N HIS B 258 -2.57 -12.86 -8.19
CA HIS B 258 -3.07 -13.88 -9.10
C HIS B 258 -2.62 -15.30 -8.73
N SER B 259 -1.57 -15.43 -7.93
CA SER B 259 -0.93 -16.71 -7.65
C SER B 259 -1.60 -17.38 -6.45
N ARG B 260 -1.15 -18.59 -6.12
CA ARG B 260 -1.84 -19.43 -5.16
C ARG B 260 -1.96 -18.74 -3.81
N GLY B 261 -3.19 -18.68 -3.31
CA GLY B 261 -3.52 -18.03 -2.07
C GLY B 261 -4.19 -16.69 -2.25
N LYS B 262 -3.87 -16.01 -3.35
CA LYS B 262 -4.46 -14.72 -3.73
C LYS B 262 -4.49 -13.75 -2.55
N HIS B 263 -5.68 -13.41 -2.05
CA HIS B 263 -5.76 -12.36 -1.02
C HIS B 263 -4.96 -12.72 0.22
N ARG B 264 -4.73 -14.00 0.49
CA ARG B 264 -3.97 -14.35 1.68
C ARG B 264 -2.47 -14.13 1.50
N ASN B 265 -1.98 -14.07 0.26
CA ASN B 265 -0.62 -13.61 0.02
C ASN B 265 -0.46 -12.15 0.43
N ILE B 266 -1.48 -11.32 0.16
CA ILE B 266 -1.38 -9.91 0.49
C ILE B 266 -1.55 -9.70 1.99
N ASP B 267 -2.58 -10.36 2.53
CA ASP B 267 -2.78 -10.47 3.97
C ASP B 267 -1.44 -10.61 4.72
N THR B 268 -0.66 -11.64 4.39
CA THR B 268 0.54 -11.92 5.17
C THR B 268 1.66 -10.93 4.85
N ALA B 269 1.72 -10.44 3.60
CA ALA B 269 2.63 -9.32 3.31
C ALA B 269 2.30 -8.09 4.16
N ILE B 270 1.01 -7.74 4.26
CA ILE B 270 0.61 -6.58 5.07
C ILE B 270 1.01 -6.76 6.53
N MET B 271 0.79 -7.95 7.09
CA MET B 271 1.03 -8.10 8.52
C MET B 271 2.51 -8.06 8.83
N MET B 272 3.35 -8.57 7.92
CA MET B 272 4.79 -8.41 8.11
C MET B 272 5.18 -6.94 8.12
N VAL B 273 4.65 -6.15 7.17
CA VAL B 273 4.97 -4.72 7.11
C VAL B 273 4.55 -4.04 8.40
N GLN B 274 3.34 -4.31 8.86
CA GLN B 274 2.88 -3.74 10.13
C GLN B 274 3.84 -4.06 11.26
N ASP B 275 4.20 -5.35 11.40
CA ASP B 275 5.03 -5.77 12.52
C ASP B 275 6.48 -5.28 12.37
N LEU B 276 6.91 -5.02 11.14
CA LEU B 276 8.23 -4.44 10.95
C LEU B 276 8.37 -3.09 11.64
N ASN B 277 7.25 -2.38 11.84
CA ASN B 277 7.30 -1.04 12.40
C ASN B 277 7.74 -1.01 13.85
N ASP B 278 7.85 -2.16 14.53
CA ASP B 278 8.50 -2.19 15.84
C ASP B 278 10.02 -2.15 15.74
N TYR B 279 10.57 -2.33 14.54
CA TYR B 279 12.01 -2.28 14.32
C TYR B 279 12.42 -1.18 13.36
N ALA B 280 11.55 -0.81 12.42
CA ALA B 280 11.90 0.15 11.39
C ALA B 280 10.62 0.65 10.74
N LYS B 281 10.61 1.92 10.35
CA LYS B 281 9.45 2.49 9.67
C LYS B 281 9.21 1.78 8.35
N TRP B 282 8.00 1.27 8.17
CA TRP B 282 7.67 0.44 7.02
C TRP B 282 6.25 0.71 6.55
N THR B 283 6.09 0.73 5.22
CA THR B 283 4.80 0.93 4.58
C THR B 283 4.81 0.11 3.31
N LEU B 284 3.63 0.03 2.68
CA LEU B 284 3.47 -0.67 1.42
C LEU B 284 2.59 0.17 0.50
N ILE B 285 2.69 -0.11 -0.80
CA ILE B 285 1.80 0.46 -1.79
C ILE B 285 1.47 -0.61 -2.82
N PRO B 286 0.19 -0.90 -3.07
CA PRO B 286 -0.15 -1.79 -4.19
C PRO B 286 0.05 -1.09 -5.53
N MET B 287 0.62 -1.82 -6.48
CA MET B 287 0.94 -1.27 -7.80
C MET B 287 -0.32 -1.26 -8.67
N ARG B 288 -1.27 -0.40 -8.29
CA ARG B 288 -2.54 -0.33 -9.00
C ARG B 288 -2.30 -0.21 -10.50
N GLY B 289 -3.10 -0.93 -11.28
CA GLY B 289 -2.81 -1.15 -12.69
C GLY B 289 -3.15 0.03 -13.59
N HIS B 290 -4.45 0.21 -13.84
CA HIS B 290 -4.91 1.28 -14.70
C HIS B 290 -4.85 2.62 -13.96
N TYR B 291 -4.72 3.69 -14.75
CA TYR B 291 -4.51 5.02 -14.18
C TYR B 291 -5.66 5.44 -13.28
N ASN B 292 -6.86 4.89 -13.46
CA ASN B 292 -7.96 5.24 -12.56
C ASN B 292 -8.76 4.01 -12.12
N VAL B 293 -8.10 2.88 -11.88
CA VAL B 293 -8.77 1.80 -11.16
C VAL B 293 -8.98 2.21 -9.70
N THR B 294 -7.97 2.87 -9.11
CA THR B 294 -8.11 3.36 -7.74
C THR B 294 -9.27 4.33 -7.60
N GLY B 295 -9.51 5.14 -8.63
CA GLY B 295 -10.59 6.10 -8.56
C GLY B 295 -11.96 5.46 -8.45
N PHE B 296 -12.20 4.37 -9.19
CA PHE B 296 -13.52 3.74 -9.09
C PHE B 296 -13.74 3.20 -7.70
N ASN B 297 -12.72 2.57 -7.11
CA ASN B 297 -12.89 2.03 -5.77
C ASN B 297 -13.12 3.14 -4.76
N GLN B 298 -12.48 4.31 -4.94
CA GLN B 298 -12.75 5.44 -4.07
C GLN B 298 -14.21 5.86 -4.19
N VAL B 299 -14.67 6.13 -5.41
CA VAL B 299 -16.02 6.65 -5.63
C VAL B 299 -17.05 5.69 -5.08
N CYS B 300 -16.96 4.43 -5.50
CA CYS B 300 -17.93 3.42 -5.09
C CYS B 300 -17.99 3.30 -3.57
N THR B 301 -16.83 3.31 -2.92
CA THR B 301 -16.79 3.17 -1.46
C THR B 301 -17.52 4.33 -0.79
N TRP B 302 -17.24 5.57 -1.21
CA TRP B 302 -17.80 6.71 -0.51
C TRP B 302 -19.27 6.93 -0.81
N GLU B 303 -19.76 6.41 -1.93
CA GLU B 303 -21.18 6.54 -2.26
C GLU B 303 -22.02 5.42 -1.65
N SER B 304 -21.53 4.19 -1.70
CA SER B 304 -22.29 3.02 -1.26
C SER B 304 -21.76 2.41 0.02
N GLY B 305 -20.51 2.68 0.39
CA GLY B 305 -19.88 2.08 1.55
C GLY B 305 -18.99 0.89 1.23
N TYR B 306 -19.07 0.35 0.01
CA TYR B 306 -18.30 -0.81 -0.43
C TYR B 306 -17.48 -0.48 -1.69
N PRO B 307 -16.32 -1.14 -1.88
CA PRO B 307 -15.37 -0.72 -2.93
C PRO B 307 -15.58 -1.31 -4.32
N TYR B 308 -16.09 -2.54 -4.42
CA TYR B 308 -16.28 -3.22 -5.70
C TYR B 308 -17.10 -4.48 -5.42
N CYS B 309 -17.49 -5.18 -6.47
CA CYS B 309 -18.44 -6.30 -6.35
C CYS B 309 -19.68 -5.87 -5.56
N VAL B 310 -20.26 -4.73 -5.92
CA VAL B 310 -21.38 -4.18 -5.18
C VAL B 310 -22.67 -4.57 -5.87
N ASP B 311 -23.58 -5.19 -5.11
CA ASP B 311 -24.86 -5.65 -5.62
C ASP B 311 -25.95 -4.74 -5.07
N PHE B 312 -26.70 -4.11 -5.97
CA PHE B 312 -27.83 -3.28 -5.58
C PHE B 312 -29.17 -3.96 -5.83
N SER B 313 -29.16 -5.28 -6.06
CA SER B 313 -30.39 -6.00 -6.38
C SER B 313 -31.45 -5.83 -5.30
N GLY B 314 -31.05 -5.72 -4.04
CA GLY B 314 -31.98 -5.57 -2.94
C GLY B 314 -32.23 -4.14 -2.51
N GLY B 315 -31.71 -3.15 -3.24
CA GLY B 315 -31.82 -1.77 -2.85
C GLY B 315 -30.68 -1.36 -1.94
N GLU B 316 -30.62 -1.97 -0.76
CA GLU B 316 -29.45 -1.83 0.08
C GLU B 316 -28.21 -2.30 -0.68
N PRO B 317 -27.07 -1.65 -0.49
CA PRO B 317 -25.83 -2.21 -1.05
C PRO B 317 -25.40 -3.44 -0.27
N ARG B 318 -24.99 -4.47 -1.01
CA ARG B 318 -24.50 -5.71 -0.44
C ARG B 318 -23.23 -6.12 -1.17
N TYR B 319 -22.37 -6.87 -0.49
CA TYR B 319 -20.99 -7.03 -0.92
C TYR B 319 -20.49 -8.42 -0.54
N ASN B 320 -20.08 -9.20 -1.55
CA ASN B 320 -19.57 -10.55 -1.31
C ASN B 320 -18.65 -10.97 -2.44
N PRO B 321 -17.44 -10.44 -2.54
CA PRO B 321 -16.49 -10.96 -3.55
C PRO B 321 -16.38 -12.48 -3.45
N GLY B 322 -16.45 -13.14 -4.61
CA GLY B 322 -16.65 -14.57 -4.70
C GLY B 322 -18.06 -14.93 -5.14
N GLU B 323 -19.02 -14.03 -4.90
CA GLU B 323 -20.38 -14.11 -5.43
C GLU B 323 -20.67 -12.96 -6.37
N THR B 324 -20.48 -11.72 -5.93
CA THR B 324 -20.92 -10.54 -6.66
C THR B 324 -19.80 -9.92 -7.49
N GLY B 325 -18.73 -10.68 -7.75
CA GLY B 325 -17.71 -10.23 -8.68
C GLY B 325 -18.07 -10.55 -10.12
N ALA B 326 -17.43 -9.83 -11.03
CA ALA B 326 -17.72 -9.97 -12.46
C ALA B 326 -17.52 -11.41 -12.93
N ASN B 327 -16.38 -12.02 -12.59
CA ASN B 327 -16.12 -13.37 -13.07
C ASN B 327 -17.01 -14.39 -12.38
N ASP B 328 -17.49 -14.09 -11.17
CA ASP B 328 -18.40 -15.00 -10.50
C ASP B 328 -19.77 -15.02 -11.19
N LEU B 329 -20.33 -13.86 -11.49
CA LEU B 329 -21.64 -13.81 -12.14
C LEU B 329 -21.60 -14.41 -13.54
N LEU B 330 -20.49 -14.28 -14.24
CA LEU B 330 -20.39 -14.87 -15.57
C LEU B 330 -20.17 -16.37 -15.50
N GLN B 331 -19.20 -16.83 -14.70
CA GLN B 331 -18.84 -18.23 -14.68
C GLN B 331 -19.95 -19.09 -14.06
N ASN B 332 -20.69 -18.55 -13.11
CA ASN B 332 -21.84 -19.24 -12.57
C ASN B 332 -23.11 -18.96 -13.36
N ARG B 333 -23.00 -18.19 -14.45
CA ARG B 333 -24.10 -17.94 -15.37
C ARG B 333 -25.24 -17.19 -14.70
N GLU B 334 -24.92 -16.35 -13.71
CA GLU B 334 -25.93 -15.54 -13.04
C GLU B 334 -26.36 -14.34 -13.88
N ALA B 335 -25.42 -13.69 -14.58
CA ALA B 335 -25.74 -12.46 -15.28
C ALA B 335 -26.46 -12.74 -16.59
N ASP B 336 -27.47 -11.92 -16.89
CA ASP B 336 -28.19 -12.01 -18.14
C ASP B 336 -27.95 -10.81 -19.06
N ALA B 337 -27.12 -9.85 -18.64
CA ALA B 337 -26.70 -8.76 -19.51
C ALA B 337 -25.42 -8.18 -18.96
N MET B 338 -24.52 -7.74 -19.84
CA MET B 338 -23.24 -7.17 -19.43
C MET B 338 -23.03 -5.85 -20.12
N MET B 339 -22.78 -4.82 -19.32
CA MET B 339 -22.40 -3.50 -19.81
C MET B 339 -20.93 -3.31 -19.49
N VAL B 340 -20.11 -3.09 -20.52
CA VAL B 340 -18.67 -2.94 -20.39
C VAL B 340 -18.30 -1.51 -20.75
N ILE B 341 -17.60 -0.84 -19.85
CA ILE B 341 -17.17 0.54 -20.09
C ILE B 341 -15.70 0.67 -19.74
N ALA B 342 -14.88 1.07 -20.71
CA ALA B 342 -13.48 1.38 -20.46
C ALA B 342 -12.72 0.16 -19.95
N SER B 343 -12.98 -0.99 -20.58
CA SER B 343 -12.31 -2.23 -20.21
C SER B 343 -12.49 -3.22 -21.34
N ASP B 344 -11.66 -4.25 -21.35
CA ASP B 344 -11.67 -5.26 -22.39
C ASP B 344 -11.69 -6.65 -21.76
N PRO B 345 -12.82 -7.05 -21.17
CA PRO B 345 -12.93 -8.42 -20.64
C PRO B 345 -12.84 -9.51 -21.70
N GLY B 346 -13.16 -9.19 -22.97
CA GLY B 346 -12.97 -10.17 -24.02
C GLY B 346 -11.54 -10.63 -24.15
N ALA B 347 -10.59 -9.70 -24.02
CA ALA B 347 -9.19 -10.05 -24.10
C ALA B 347 -8.67 -10.62 -22.80
N HIS B 348 -9.28 -10.24 -21.68
CA HIS B 348 -8.64 -10.36 -20.39
C HIS B 348 -9.47 -11.08 -19.33
N PHE B 349 -10.58 -11.70 -19.71
CA PHE B 349 -11.23 -12.67 -18.83
C PHE B 349 -10.91 -14.08 -19.30
N PRO B 350 -11.04 -15.07 -18.42
CA PRO B 350 -10.79 -16.46 -18.82
C PRO B 350 -11.91 -16.99 -19.70
N GLN B 351 -11.60 -18.11 -20.37
CA GLN B 351 -12.52 -18.68 -21.35
C GLN B 351 -13.88 -18.99 -20.75
N ARG B 352 -13.91 -19.44 -19.49
CA ARG B 352 -15.18 -19.79 -18.86
C ARG B 352 -16.08 -18.57 -18.72
N ALA B 353 -15.51 -17.40 -18.49
CA ALA B 353 -16.30 -16.17 -18.49
C ALA B 353 -16.69 -15.77 -19.91
N LEU B 354 -15.76 -15.91 -20.87
CA LEU B 354 -16.09 -15.58 -22.26
C LEU B 354 -17.23 -16.43 -22.78
N GLU B 355 -17.33 -17.69 -22.30
CA GLU B 355 -18.43 -18.56 -22.72
C GLU B 355 -19.78 -17.96 -22.37
N ARG B 356 -19.85 -17.19 -21.28
CA ARG B 356 -21.13 -16.62 -20.86
C ARG B 356 -21.41 -15.32 -21.60
N MET B 357 -20.38 -14.50 -21.83
CA MET B 357 -20.57 -13.27 -22.58
C MET B 357 -21.11 -13.53 -23.98
N ALA B 358 -20.81 -14.71 -24.55
CA ALA B 358 -21.34 -15.03 -25.87
C ALA B 358 -22.82 -15.34 -25.84
N GLU B 359 -23.37 -15.71 -24.68
CA GLU B 359 -24.78 -16.06 -24.54
C GLU B 359 -25.66 -14.88 -24.16
N ILE B 360 -25.10 -13.75 -23.74
CA ILE B 360 -25.92 -12.69 -23.18
C ILE B 360 -25.70 -11.41 -23.98
N PRO B 361 -26.62 -10.46 -23.87
CA PRO B 361 -26.41 -9.15 -24.49
C PRO B 361 -25.21 -8.45 -23.89
N VAL B 362 -24.38 -7.87 -24.75
CA VAL B 362 -23.17 -7.19 -24.31
C VAL B 362 -23.15 -5.79 -24.90
N ILE B 363 -22.98 -4.79 -24.03
CA ILE B 363 -22.91 -3.39 -24.41
C ILE B 363 -21.50 -2.90 -24.12
N ALA B 364 -20.89 -2.21 -25.07
CA ALA B 364 -19.48 -1.80 -24.95
C ALA B 364 -19.33 -0.30 -25.20
N ILE B 365 -18.92 0.43 -24.17
CA ILE B 365 -18.50 1.83 -24.30
C ILE B 365 -16.99 1.79 -24.56
N GLU B 366 -16.62 1.75 -25.84
CA GLU B 366 -15.26 1.46 -26.22
C GLU B 366 -14.87 2.30 -27.44
N PRO B 367 -13.73 2.98 -27.41
CA PRO B 367 -13.35 3.81 -28.56
C PRO B 367 -12.63 3.04 -29.64
N HIS B 368 -12.05 1.90 -29.30
CA HIS B 368 -11.20 1.15 -30.22
C HIS B 368 -11.81 -0.21 -30.51
N ARG B 369 -11.20 -0.92 -31.45
CA ARG B 369 -11.62 -2.28 -31.79
C ARG B 369 -10.86 -3.25 -30.89
N THR B 370 -11.60 -4.03 -30.11
CA THR B 370 -11.05 -5.00 -29.18
C THR B 370 -11.78 -6.33 -29.30
N PRO B 371 -11.23 -7.38 -28.68
CA PRO B 371 -12.00 -8.62 -28.51
C PRO B 371 -13.36 -8.43 -27.86
N THR B 372 -13.51 -7.44 -26.98
CA THR B 372 -14.81 -7.17 -26.38
C THR B 372 -15.79 -6.67 -27.45
N THR B 373 -15.36 -5.72 -28.29
CA THR B 373 -16.26 -5.23 -29.33
C THR B 373 -16.64 -6.34 -30.31
N GLU B 374 -15.83 -7.40 -30.41
CA GLU B 374 -16.21 -8.55 -31.22
C GLU B 374 -17.36 -9.33 -30.59
N MET B 375 -17.42 -9.39 -29.27
CA MET B 375 -18.49 -10.07 -28.56
C MET B 375 -19.67 -9.17 -28.31
N ALA B 376 -19.67 -7.95 -28.85
CA ALA B 376 -20.63 -6.94 -28.43
C ALA B 376 -21.85 -6.91 -29.35
N ASP B 377 -22.96 -6.40 -28.81
CA ASP B 377 -24.18 -6.18 -29.55
C ASP B 377 -24.51 -4.70 -29.74
N ILE B 378 -23.96 -3.82 -28.91
CA ILE B 378 -24.00 -2.39 -29.12
C ILE B 378 -22.62 -1.83 -28.83
N ILE B 379 -22.18 -0.87 -29.62
CA ILE B 379 -20.88 -0.21 -29.43
C ILE B 379 -21.14 1.30 -29.37
N ILE B 380 -20.58 1.95 -28.36
CA ILE B 380 -20.80 3.39 -28.17
C ILE B 380 -19.46 4.10 -27.98
N PRO B 381 -18.93 4.75 -29.01
CA PRO B 381 -17.59 5.35 -28.91
C PRO B 381 -17.60 6.63 -28.10
N PRO B 382 -16.72 6.77 -27.09
CA PRO B 382 -16.69 7.99 -26.27
C PRO B 382 -15.51 8.90 -26.59
N ALA B 383 -15.46 10.04 -25.91
CA ALA B 383 -14.23 10.81 -25.86
C ALA B 383 -13.28 10.19 -24.83
N ILE B 384 -12.00 10.23 -25.14
CA ILE B 384 -11.00 9.55 -24.32
C ILE B 384 -10.55 10.49 -23.21
N VAL B 385 -10.55 9.97 -21.98
CA VAL B 385 -10.17 10.74 -20.81
C VAL B 385 -8.68 11.01 -20.81
N GLY B 386 -8.30 12.24 -20.45
CA GLY B 386 -6.90 12.61 -20.44
C GLY B 386 -6.36 12.99 -21.80
N MET B 387 -7.18 12.95 -22.84
CA MET B 387 -6.77 13.40 -24.15
C MET B 387 -7.85 14.30 -24.72
N GLU B 388 -9.10 13.83 -24.69
CA GLU B 388 -10.23 14.56 -25.23
C GLU B 388 -11.27 14.94 -24.18
N ALA B 389 -11.08 14.54 -22.93
CA ALA B 389 -12.04 14.85 -21.86
C ALA B 389 -11.31 14.88 -20.53
N GLU B 390 -11.85 15.65 -19.58
CA GLU B 390 -11.20 15.82 -18.30
C GLU B 390 -12.03 15.19 -17.19
N GLY B 391 -11.40 15.10 -16.03
CA GLY B 391 -12.03 14.53 -14.86
C GLY B 391 -10.98 13.94 -13.93
N THR B 392 -11.43 13.64 -12.72
CA THR B 392 -10.50 13.20 -11.67
C THR B 392 -10.04 11.77 -11.90
N ALA B 393 -8.77 11.52 -11.58
CA ALA B 393 -8.22 10.18 -11.47
C ALA B 393 -7.45 10.06 -10.17
N TYR B 394 -7.24 8.82 -9.72
CA TYR B 394 -6.53 8.56 -8.48
C TYR B 394 -5.31 7.68 -8.75
N ARG B 395 -4.15 8.21 -8.41
CA ARG B 395 -2.90 7.47 -8.46
C ARG B 395 -2.97 6.25 -7.53
N MET B 396 -1.99 5.35 -7.69
CA MET B 396 -2.03 4.06 -7.02
C MET B 396 -2.03 4.18 -5.50
N GLU B 397 -1.53 5.27 -4.93
CA GLU B 397 -1.56 5.47 -3.49
C GLU B 397 -2.52 6.58 -3.08
N GLY B 398 -3.55 6.84 -3.90
CA GLY B 398 -4.69 7.63 -3.48
C GLY B 398 -4.62 9.10 -3.80
N VAL B 399 -3.61 9.55 -4.52
CA VAL B 399 -3.47 10.98 -4.80
C VAL B 399 -4.38 11.36 -5.97
N PRO B 400 -5.32 12.28 -5.77
CA PRO B 400 -6.25 12.68 -6.85
C PRO B 400 -5.60 13.70 -7.75
N ILE B 401 -5.54 13.40 -9.05
CA ILE B 401 -5.00 14.32 -10.05
C ILE B 401 -6.03 14.44 -11.17
N ARG B 402 -6.30 15.68 -11.58
CA ARG B 402 -7.33 15.93 -12.59
C ARG B 402 -6.76 15.71 -13.99
N MET B 403 -7.35 14.76 -14.72
CA MET B 403 -6.96 14.53 -16.10
C MET B 403 -7.33 15.76 -16.93
N LYS B 404 -6.63 15.93 -18.04
CA LYS B 404 -6.76 17.15 -18.82
C LYS B 404 -7.24 16.87 -20.24
N LYS B 405 -8.01 17.79 -20.77
CA LYS B 405 -8.52 17.72 -22.14
C LYS B 405 -7.52 18.45 -23.04
N VAL B 406 -6.77 17.68 -23.84
CA VAL B 406 -5.73 18.25 -24.69
C VAL B 406 -6.27 18.67 -26.05
N VAL B 407 -7.23 17.91 -26.60
CA VAL B 407 -7.79 18.19 -27.92
C VAL B 407 -9.31 18.04 -27.87
N ASP B 408 -9.97 18.57 -28.89
CA ASP B 408 -11.42 18.53 -28.98
C ASP B 408 -11.87 17.30 -29.76
N SER B 409 -13.11 16.91 -29.52
CA SER B 409 -13.69 15.73 -30.12
C SER B 409 -15.18 15.97 -30.32
N ASP B 410 -15.70 15.53 -31.46
CA ASP B 410 -17.14 15.56 -31.69
C ASP B 410 -17.87 14.51 -30.88
N LEU B 411 -17.15 13.56 -30.30
CA LEU B 411 -17.76 12.44 -29.61
C LEU B 411 -18.22 12.85 -28.22
N LEU B 412 -19.21 12.10 -27.71
CA LEU B 412 -19.65 12.27 -26.35
C LEU B 412 -18.64 11.69 -25.37
N SER B 413 -18.64 12.22 -24.16
CA SER B 413 -17.82 11.71 -23.08
C SER B 413 -18.56 10.58 -22.36
N ASP B 414 -17.79 9.78 -21.63
CA ASP B 414 -18.38 8.71 -20.83
C ASP B 414 -19.50 9.25 -19.95
N ARG B 415 -19.22 10.34 -19.23
CA ARG B 415 -20.21 10.90 -18.31
C ARG B 415 -21.50 11.23 -19.05
N GLU B 416 -21.41 11.84 -20.23
CA GLU B 416 -22.61 12.20 -20.98
C GLU B 416 -23.42 10.97 -21.36
N ILE B 417 -22.75 9.96 -21.92
CA ILE B 417 -23.42 8.73 -22.34
C ILE B 417 -24.17 8.09 -21.18
N LEU B 418 -23.51 7.96 -20.03
CA LEU B 418 -24.13 7.32 -18.87
C LEU B 418 -25.30 8.14 -18.35
N GLU B 419 -25.17 9.47 -18.34
CA GLU B 419 -26.25 10.31 -17.85
C GLU B 419 -27.52 10.13 -18.68
N ARG B 420 -27.38 10.12 -20.01
CA ARG B 420 -28.52 9.85 -20.87
C ARG B 420 -29.02 8.42 -20.66
N LEU B 421 -28.11 7.45 -20.57
CA LEU B 421 -28.51 6.07 -20.33
C LEU B 421 -29.30 5.95 -19.03
N LEU B 422 -28.79 6.54 -17.94
CA LEU B 422 -29.50 6.52 -16.67
C LEU B 422 -30.92 7.03 -16.84
N GLU B 423 -31.08 8.18 -17.48
CA GLU B 423 -32.39 8.78 -17.68
C GLU B 423 -33.34 7.81 -18.39
N LYS B 424 -32.84 7.07 -19.38
CA LYS B 424 -33.70 6.16 -20.13
C LYS B 424 -34.03 4.91 -19.35
N VAL B 425 -33.13 4.46 -18.46
CA VAL B 425 -33.41 3.29 -17.64
C VAL B 425 -34.49 3.61 -16.61
N ARG B 426 -34.39 4.77 -15.96
CA ARG B 426 -35.49 5.23 -15.11
C ARG B 426 -36.81 5.15 -15.86
N GLU B 427 -36.84 5.67 -17.09
CA GLU B 427 -38.06 5.67 -17.87
C GLU B 427 -38.62 4.27 -18.01
N TYR B 428 -37.83 3.34 -18.56
CA TYR B 428 -38.28 1.99 -18.86
C TYR B 428 -38.72 1.21 -17.62
N LYS B 429 -39.10 1.90 -16.55
CA LYS B 429 -39.62 1.26 -15.35
C LYS B 429 -40.71 2.14 -14.73
N SER C 2 -44.31 -31.72 12.34
CA SER C 2 -45.10 -31.32 11.19
C SER C 2 -44.19 -31.08 9.99
N GLU C 3 -44.45 -31.80 8.91
CA GLU C 3 -43.64 -31.72 7.70
C GLU C 3 -44.31 -30.81 6.67
N ILE C 4 -43.52 -29.92 6.08
CA ILE C 4 -43.98 -29.01 5.03
C ILE C 4 -43.08 -29.23 3.82
N ILE C 5 -43.67 -29.64 2.70
CA ILE C 5 -42.93 -30.03 1.52
C ILE C 5 -42.86 -28.83 0.57
N LEU C 6 -41.65 -28.46 0.19
CA LEU C 6 -41.42 -27.55 -0.92
C LEU C 6 -40.92 -28.35 -2.11
N THR C 7 -41.66 -28.34 -3.21
CA THR C 7 -41.27 -29.08 -4.39
C THR C 7 -40.84 -28.09 -5.47
N PRO C 8 -39.56 -28.05 -5.82
CA PRO C 8 -39.07 -27.00 -6.73
C PRO C 8 -39.61 -27.15 -8.15
N LYS C 9 -40.06 -26.03 -8.71
CA LYS C 9 -40.23 -25.94 -10.16
C LYS C 9 -38.86 -25.70 -10.80
N GLU C 10 -38.81 -25.58 -12.12
CA GLU C 10 -37.53 -25.39 -12.79
C GLU C 10 -36.78 -24.22 -12.17
N GLN C 11 -35.53 -24.46 -11.78
CA GLN C 11 -34.73 -23.41 -11.16
C GLN C 11 -34.28 -22.41 -12.23
N PRO C 12 -34.29 -21.12 -11.94
CA PRO C 12 -33.89 -20.11 -12.93
C PRO C 12 -32.39 -19.93 -13.00
N GLU C 13 -31.92 -19.45 -14.17
CA GLU C 13 -30.50 -19.16 -14.32
C GLU C 13 -30.07 -18.02 -13.40
N VAL C 14 -30.93 -17.01 -13.23
CA VAL C 14 -30.72 -15.93 -12.26
C VAL C 14 -31.10 -16.47 -10.88
N PRO C 15 -30.16 -16.66 -9.96
CA PRO C 15 -30.46 -17.41 -8.74
C PRO C 15 -31.51 -16.75 -7.86
N LEU C 16 -32.05 -17.56 -6.95
CA LEU C 16 -32.96 -17.10 -5.91
C LEU C 16 -32.20 -16.88 -4.61
N GLU C 17 -32.64 -15.88 -3.84
CA GLU C 17 -32.27 -15.73 -2.44
C GLU C 17 -33.53 -15.91 -1.62
N ALA C 18 -33.51 -16.87 -0.71
CA ALA C 18 -34.70 -17.21 0.06
C ALA C 18 -34.34 -17.47 1.50
N PRO C 19 -33.83 -16.46 2.21
CA PRO C 19 -33.61 -16.62 3.66
C PRO C 19 -34.88 -16.85 4.44
N ASN C 20 -36.04 -16.50 3.90
CA ASN C 20 -37.28 -16.76 4.62
C ASN C 20 -37.67 -18.24 4.63
N ILE C 21 -36.96 -19.09 3.90
CA ILE C 21 -37.17 -20.54 4.00
C ILE C 21 -36.50 -21.02 5.27
N LYS C 22 -37.22 -20.98 6.38
CA LYS C 22 -36.71 -21.52 7.64
C LYS C 22 -37.89 -21.70 8.58
N PRO C 23 -37.81 -22.66 9.51
CA PRO C 23 -38.94 -22.86 10.43
C PRO C 23 -39.41 -21.59 11.11
N ASP C 24 -38.49 -20.69 11.46
CA ASP C 24 -38.88 -19.49 12.18
C ASP C 24 -39.95 -18.70 11.44
N VAL C 25 -39.86 -18.67 10.10
CA VAL C 25 -40.84 -17.91 9.31
C VAL C 25 -42.09 -18.73 9.03
N PHE C 26 -41.93 -20.04 8.81
CA PHE C 26 -43.08 -20.87 8.50
C PHE C 26 -44.04 -20.97 9.69
N ALA C 27 -43.52 -20.91 10.90
CA ALA C 27 -44.34 -21.07 12.09
C ALA C 27 -45.50 -20.08 12.10
N GLY C 28 -46.68 -20.57 12.47
CA GLY C 28 -47.86 -19.75 12.60
C GLY C 28 -48.59 -19.46 11.31
N LYS C 29 -48.19 -20.09 10.20
CA LYS C 29 -48.71 -19.75 8.89
C LYS C 29 -49.31 -20.95 8.19
N SER C 30 -50.41 -20.71 7.48
CA SER C 30 -51.05 -21.75 6.69
C SER C 30 -50.21 -22.05 5.44
N ILE C 31 -50.59 -23.14 4.77
CA ILE C 31 -49.92 -23.51 3.53
C ILE C 31 -49.99 -22.37 2.53
N GLU C 32 -51.13 -21.66 2.50
CA GLU C 32 -51.32 -20.59 1.52
C GLU C 32 -50.47 -19.37 1.86
N GLU C 33 -50.42 -19.00 3.14
CA GLU C 33 -49.57 -17.89 3.54
C GLU C 33 -48.11 -18.20 3.23
N ILE C 34 -47.70 -19.46 3.40
CA ILE C 34 -46.33 -19.86 3.06
C ILE C 34 -46.06 -19.60 1.59
N LYS C 35 -47.08 -19.77 0.74
CA LYS C 35 -46.87 -19.56 -0.69
C LYS C 35 -46.60 -18.10 -1.01
N ASN C 36 -47.15 -17.17 -0.21
CA ASN C 36 -47.00 -15.75 -0.47
C ASN C 36 -45.72 -15.17 0.15
N ILE C 37 -44.86 -16.03 0.70
CA ILE C 37 -43.64 -15.56 1.34
C ILE C 37 -42.71 -14.91 0.32
N GLN C 38 -42.03 -13.84 0.75
CA GLN C 38 -41.10 -13.13 -0.12
C GLN C 38 -39.82 -13.93 -0.32
N ILE C 39 -39.38 -14.03 -1.57
CA ILE C 39 -38.00 -14.40 -1.90
C ILE C 39 -37.53 -13.44 -2.99
N MET C 40 -36.22 -13.41 -3.20
CA MET C 40 -35.63 -12.59 -4.24
C MET C 40 -35.38 -13.43 -5.49
N HIS C 41 -35.66 -12.85 -6.65
CA HIS C 41 -35.31 -13.40 -7.96
C HIS C 41 -34.56 -12.29 -8.69
N GLY C 42 -33.24 -12.24 -8.53
CA GLY C 42 -32.49 -11.12 -9.04
C GLY C 42 -32.94 -9.85 -8.36
N ASN C 43 -33.05 -8.78 -9.14
CA ASN C 43 -33.55 -7.50 -8.65
C ASN C 43 -35.08 -7.45 -8.57
N GLU C 44 -35.76 -8.59 -8.47
CA GLU C 44 -37.20 -8.66 -8.34
C GLU C 44 -37.56 -9.43 -7.09
N VAL C 45 -38.51 -8.92 -6.32
CA VAL C 45 -39.13 -9.67 -5.24
C VAL C 45 -40.26 -10.51 -5.83
N VAL C 46 -40.28 -11.79 -5.48
CA VAL C 46 -41.30 -12.69 -5.98
C VAL C 46 -41.83 -13.50 -4.81
N LYS C 47 -42.88 -14.27 -5.08
CA LYS C 47 -43.48 -15.10 -4.05
C LYS C 47 -42.87 -16.50 -4.10
N LEU C 48 -42.78 -17.12 -2.92
CA LEU C 48 -42.25 -18.48 -2.84
C LEU C 48 -42.99 -19.42 -3.78
N GLY C 49 -44.31 -19.26 -3.88
CA GLY C 49 -45.12 -20.12 -4.74
C GLY C 49 -44.85 -19.96 -6.22
N ASP C 50 -44.14 -18.90 -6.62
CA ASP C 50 -43.76 -18.74 -8.02
C ASP C 50 -42.71 -19.77 -8.43
N PHE C 51 -41.99 -20.35 -7.47
CA PHE C 51 -40.93 -21.31 -7.76
C PHE C 51 -41.04 -22.60 -6.96
N PHE C 52 -42.04 -22.72 -6.09
CA PHE C 52 -42.19 -23.93 -5.28
C PHE C 52 -43.66 -24.28 -5.14
N GLU C 53 -43.97 -25.55 -5.34
CA GLU C 53 -45.23 -26.09 -4.83
C GLU C 53 -45.09 -26.26 -3.32
N VAL C 54 -46.21 -26.12 -2.61
CA VAL C 54 -46.20 -26.15 -1.14
C VAL C 54 -47.33 -27.04 -0.66
N SER C 55 -47.03 -27.93 0.29
CA SER C 55 -48.03 -28.81 0.88
C SER C 55 -47.56 -29.21 2.27
N GLY C 56 -48.44 -29.91 3.00
CA GLY C 56 -48.14 -30.41 4.32
C GLY C 56 -49.06 -29.82 5.37
N GLU C 57 -48.68 -30.04 6.64
CA GLU C 57 -49.47 -29.49 7.74
C GLU C 57 -48.69 -28.39 8.46
N PRO C 58 -49.34 -27.28 8.81
CA PRO C 58 -48.65 -26.22 9.55
C PRO C 58 -48.37 -26.57 11.01
N ALA C 59 -47.72 -25.65 11.72
CA ALA C 59 -47.48 -25.77 13.14
C ALA C 59 -47.19 -24.39 13.71
N ASP C 60 -47.52 -24.20 14.99
CA ASP C 60 -47.33 -22.90 15.63
C ASP C 60 -45.88 -22.65 16.03
N ALA C 61 -45.13 -23.71 16.36
CA ALA C 61 -43.82 -23.53 16.93
C ALA C 61 -42.72 -23.94 15.94
N PRO C 62 -41.62 -23.18 15.86
CA PRO C 62 -40.54 -23.58 14.95
C PRO C 62 -39.89 -24.91 15.29
N GLU C 63 -39.83 -25.29 16.57
CA GLU C 63 -39.23 -26.57 16.94
C GLU C 63 -39.93 -27.73 16.23
N ASP C 64 -41.21 -27.57 15.96
CA ASP C 64 -42.06 -28.64 15.47
C ASP C 64 -42.15 -28.70 13.95
N ILE C 65 -41.56 -27.75 13.25
CA ILE C 65 -41.65 -27.72 11.79
C ILE C 65 -40.44 -28.44 11.19
N LYS C 66 -40.71 -29.22 10.15
CA LYS C 66 -39.67 -29.92 9.39
C LYS C 66 -39.90 -29.57 7.93
N ILE C 67 -39.04 -28.72 7.38
CA ILE C 67 -39.14 -28.34 5.98
C ILE C 67 -38.41 -29.37 5.13
N ILE C 68 -39.09 -29.91 4.13
CA ILE C 68 -38.51 -30.84 3.18
C ILE C 68 -38.53 -30.18 1.81
N ILE C 69 -37.34 -29.86 1.29
CA ILE C 69 -37.21 -29.38 -0.09
C ILE C 69 -37.01 -30.62 -0.97
N ASP C 70 -38.08 -31.06 -1.62
CA ASP C 70 -38.12 -32.34 -2.33
C ASP C 70 -37.68 -32.14 -3.78
N GLY C 71 -36.40 -31.83 -3.93
CA GLY C 71 -35.84 -31.57 -5.24
C GLY C 71 -34.54 -30.81 -5.14
N ASP C 72 -33.95 -30.56 -6.31
CA ASP C 72 -32.66 -29.87 -6.40
C ASP C 72 -32.88 -28.37 -6.47
N VAL C 73 -32.22 -27.63 -5.57
CA VAL C 73 -32.29 -26.18 -5.58
C VAL C 73 -30.87 -25.63 -5.66
N TYR C 74 -30.13 -26.09 -6.66
CA TYR C 74 -28.73 -25.71 -6.83
C TYR C 74 -28.56 -24.20 -6.98
N ASN C 75 -29.62 -23.47 -7.33
CA ASN C 75 -29.55 -22.05 -7.56
C ASN C 75 -30.40 -21.27 -6.55
N THR C 76 -30.51 -21.78 -5.33
CA THR C 76 -31.23 -21.10 -4.25
C THR C 76 -30.26 -20.80 -3.11
N LYS C 77 -30.18 -19.54 -2.74
CA LYS C 77 -29.22 -19.06 -1.75
C LYS C 77 -29.90 -18.78 -0.42
N ARG C 78 -29.12 -18.94 0.65
CA ARG C 78 -29.51 -18.51 1.99
C ARG C 78 -30.67 -19.33 2.57
N ILE C 79 -30.81 -20.59 2.15
CA ILE C 79 -31.80 -21.46 2.80
C ILE C 79 -31.42 -21.63 4.25
N GLY C 80 -32.38 -21.39 5.15
CA GLY C 80 -32.15 -21.59 6.57
C GLY C 80 -31.31 -20.52 7.23
N GLN C 81 -31.15 -19.37 6.59
CA GLN C 81 -30.33 -18.32 7.16
C GLN C 81 -30.92 -17.85 8.49
N GLU C 82 -30.10 -17.92 9.54
CA GLU C 82 -30.43 -17.41 10.87
C GLU C 82 -31.64 -18.11 11.48
N MET C 83 -31.89 -19.36 11.08
CA MET C 83 -32.91 -20.16 11.75
C MET C 83 -32.45 -20.53 13.14
N THR C 84 -33.41 -20.74 14.03
CA THR C 84 -33.13 -20.98 15.44
C THR C 84 -33.64 -22.32 15.95
N ALA C 85 -34.48 -23.00 15.18
CA ALA C 85 -35.11 -24.23 15.63
C ALA C 85 -35.70 -24.93 14.42
N GLY C 86 -36.12 -26.17 14.63
CA GLY C 86 -36.71 -26.92 13.55
C GLY C 86 -35.67 -27.59 12.70
N GLU C 87 -36.11 -28.02 11.51
CA GLU C 87 -35.27 -28.83 10.64
C GLU C 87 -35.56 -28.50 9.19
N ILE C 88 -34.53 -28.53 8.36
CA ILE C 88 -34.65 -28.43 6.91
C ILE C 88 -33.89 -29.59 6.29
N ILE C 89 -34.54 -30.30 5.37
CA ILE C 89 -33.90 -31.37 4.58
C ILE C 89 -34.03 -31.00 3.12
N VAL C 90 -32.89 -30.95 2.42
CA VAL C 90 -32.84 -30.60 1.00
C VAL C 90 -32.45 -31.85 0.24
N ARG C 91 -33.37 -32.38 -0.56
CA ARG C 91 -33.11 -33.58 -1.36
C ARG C 91 -32.48 -33.19 -2.69
N GLY C 92 -31.29 -32.62 -2.59
CA GLY C 92 -30.59 -32.11 -3.75
C GLY C 92 -29.52 -31.11 -3.33
N ASN C 93 -29.03 -30.40 -4.33
CA ASN C 93 -27.98 -29.42 -4.09
C ASN C 93 -28.57 -28.09 -3.61
N VAL C 94 -27.69 -27.25 -3.04
CA VAL C 94 -28.02 -25.89 -2.70
C VAL C 94 -26.90 -24.99 -3.21
N ASN C 95 -27.20 -23.69 -3.30
CA ASN C 95 -26.22 -22.68 -3.69
C ASN C 95 -25.50 -22.17 -2.43
N MET C 96 -25.26 -20.86 -2.33
CA MET C 96 -24.41 -20.31 -1.28
C MET C 96 -25.21 -20.00 -0.02
N TYR C 97 -24.49 -19.91 1.10
CA TYR C 97 -24.97 -19.42 2.40
C TYR C 97 -25.99 -20.35 3.06
N VAL C 98 -25.97 -21.66 2.80
CA VAL C 98 -26.90 -22.52 3.53
C VAL C 98 -26.57 -22.45 5.00
N GLY C 99 -27.58 -22.13 5.81
CA GLY C 99 -27.41 -22.06 7.25
C GLY C 99 -26.61 -20.89 7.76
N ALA C 100 -26.32 -19.90 6.93
CA ALA C 100 -25.54 -18.75 7.37
C ALA C 100 -26.13 -18.16 8.65
N GLY C 101 -25.32 -18.09 9.69
CA GLY C 101 -25.71 -17.43 10.91
C GLY C 101 -26.76 -18.14 11.75
N MET C 102 -27.02 -19.43 11.50
CA MET C 102 -28.06 -20.11 12.26
C MET C 102 -27.66 -20.27 13.72
N LYS C 103 -28.67 -20.20 14.58
CA LYS C 103 -28.49 -20.31 16.02
C LYS C 103 -28.94 -21.66 16.58
N GLY C 104 -29.78 -22.39 15.87
CA GLY C 104 -30.23 -23.69 16.34
C GLY C 104 -30.95 -24.45 15.24
N GLY C 105 -31.36 -25.67 15.57
CA GLY C 105 -32.00 -26.54 14.60
C GLY C 105 -30.99 -27.35 13.81
N LYS C 106 -31.47 -28.00 12.76
CA LYS C 106 -30.60 -28.84 11.94
C LYS C 106 -30.93 -28.66 10.47
N ILE C 107 -29.89 -28.64 9.64
CA ILE C 107 -30.03 -28.60 8.19
C ILE C 107 -29.27 -29.77 7.60
N THR C 108 -29.91 -30.49 6.69
CA THR C 108 -29.31 -31.60 5.95
C THR C 108 -29.41 -31.29 4.46
N VAL C 109 -28.27 -31.25 3.79
CA VAL C 109 -28.21 -31.12 2.34
C VAL C 109 -27.74 -32.46 1.79
N GLU C 110 -28.62 -33.17 1.09
CA GLU C 110 -28.27 -34.49 0.60
C GLU C 110 -27.41 -34.43 -0.66
N GLY C 111 -27.28 -33.25 -1.27
CA GLY C 111 -26.35 -33.05 -2.37
C GLY C 111 -25.18 -32.16 -2.01
N ASN C 112 -24.80 -31.29 -2.95
CA ASN C 112 -23.68 -30.38 -2.79
C ASN C 112 -24.13 -29.00 -2.30
N ALA C 113 -23.23 -28.30 -1.63
CA ALA C 113 -23.49 -26.94 -1.16
C ALA C 113 -22.43 -25.99 -1.69
N GLY C 114 -22.86 -24.79 -2.03
CA GLY C 114 -21.94 -23.75 -2.46
C GLY C 114 -21.09 -23.23 -1.32
N SER C 115 -20.44 -22.11 -1.59
CA SER C 115 -19.55 -21.50 -0.63
C SER C 115 -20.33 -20.84 0.50
N TRP C 116 -19.66 -20.64 1.62
CA TRP C 116 -20.20 -19.97 2.81
C TRP C 116 -21.32 -20.78 3.48
N ALA C 117 -21.30 -22.11 3.33
CA ALA C 117 -22.15 -22.95 4.15
C ALA C 117 -21.83 -22.74 5.62
N GLY C 118 -22.84 -22.38 6.41
CA GLY C 118 -22.61 -22.17 7.82
C GLY C 118 -21.74 -20.98 8.18
N GLN C 119 -21.65 -20.00 7.30
CA GLN C 119 -20.96 -18.76 7.63
C GLN C 119 -21.56 -18.15 8.90
N ASP C 120 -20.68 -17.70 9.81
CA ASP C 120 -21.11 -17.03 11.02
C ASP C 120 -22.06 -17.89 11.86
N MET C 121 -21.93 -19.22 11.75
CA MET C 121 -22.73 -20.12 12.56
C MET C 121 -22.57 -19.81 14.04
N ARG C 122 -23.71 -19.80 14.75
CA ARG C 122 -23.71 -19.59 16.19
C ARG C 122 -24.04 -20.84 16.97
N GLY C 123 -24.83 -21.74 16.38
CA GLY C 123 -25.21 -22.99 17.00
C GLY C 123 -26.03 -23.81 16.02
N GLY C 124 -26.33 -25.05 16.41
CA GLY C 124 -27.07 -25.96 15.55
C GLY C 124 -26.16 -26.91 14.78
N GLU C 125 -26.77 -27.63 13.83
CA GLU C 125 -26.07 -28.60 13.01
C GLU C 125 -26.37 -28.37 11.53
N ILE C 126 -25.33 -28.51 10.73
CA ILE C 126 -25.45 -28.58 9.28
C ILE C 126 -24.76 -29.86 8.84
N GLU C 127 -25.45 -30.67 8.03
CA GLU C 127 -24.86 -31.90 7.52
C GLU C 127 -24.99 -31.91 6.01
N ILE C 128 -23.86 -31.92 5.33
CA ILE C 128 -23.78 -31.90 3.88
C ILE C 128 -23.23 -33.25 3.43
N LEU C 129 -24.06 -34.01 2.70
CA LEU C 129 -23.66 -35.35 2.28
C LEU C 129 -22.78 -35.36 1.05
N GLY C 130 -22.82 -34.30 0.25
CA GLY C 130 -21.94 -34.17 -0.90
C GLY C 130 -20.73 -33.31 -0.60
N ASP C 131 -20.32 -32.52 -1.59
CA ASP C 131 -19.19 -31.62 -1.46
C ASP C 131 -19.67 -30.21 -1.11
N ALA C 132 -18.72 -29.42 -0.61
CA ALA C 132 -18.95 -28.01 -0.30
C ALA C 132 -17.91 -27.19 -1.02
N GLY C 133 -18.17 -25.89 -1.09
CA GLY C 133 -17.22 -24.99 -1.73
C GLY C 133 -16.29 -24.35 -0.74
N ASP C 134 -15.93 -23.10 -0.99
CA ASP C 134 -15.02 -22.39 -0.10
C ASP C 134 -15.77 -21.87 1.14
N TYR C 135 -15.00 -21.59 2.18
CA TYR C 135 -15.49 -20.81 3.32
C TYR C 135 -16.58 -21.54 4.09
N VAL C 136 -16.46 -22.86 4.24
CA VAL C 136 -17.29 -23.56 5.21
C VAL C 136 -17.01 -22.97 6.58
N GLY C 137 -18.06 -22.48 7.25
CA GLY C 137 -17.94 -22.00 8.62
C GLY C 137 -17.04 -20.79 8.78
N SER C 138 -17.08 -19.86 7.82
CA SER C 138 -16.18 -18.72 7.82
C SER C 138 -16.82 -17.51 8.51
N SER C 139 -16.10 -16.39 8.47
CA SER C 139 -16.62 -15.08 8.85
C SER C 139 -17.03 -14.31 7.60
N TYR C 140 -17.50 -13.08 7.82
CA TYR C 140 -17.76 -12.15 6.73
C TYR C 140 -16.56 -11.24 6.52
N ARG C 141 -16.40 -10.77 5.28
CA ARG C 141 -15.29 -9.89 4.94
C ARG C 141 -15.13 -8.79 5.98
N GLY C 142 -13.89 -8.61 6.44
CA GLY C 142 -13.54 -7.53 7.35
C GLY C 142 -13.75 -7.86 8.82
N ASP C 143 -14.71 -8.72 9.12
CA ASP C 143 -15.01 -9.02 10.51
C ASP C 143 -14.03 -10.08 11.01
N TRP C 144 -13.34 -9.77 12.10
CA TRP C 144 -12.38 -10.65 12.73
C TRP C 144 -13.04 -11.61 13.72
N ARG C 145 -14.36 -11.52 13.87
CA ARG C 145 -15.15 -12.40 14.72
C ARG C 145 -15.95 -13.31 13.81
N GLY C 146 -15.61 -14.59 13.81
CA GLY C 146 -16.27 -15.53 12.92
C GLY C 146 -17.23 -16.46 13.62
N MET C 147 -17.33 -17.68 13.08
CA MET C 147 -18.15 -18.73 13.67
C MET C 147 -17.80 -18.91 15.15
N SER C 148 -18.84 -19.02 15.98
CA SER C 148 -18.65 -19.11 17.44
C SER C 148 -19.33 -20.31 18.06
N GLY C 149 -20.04 -21.13 17.29
CA GLY C 149 -20.64 -22.33 17.82
C GLY C 149 -21.36 -23.09 16.73
N GLY C 150 -21.82 -24.30 17.09
CA GLY C 150 -22.46 -25.19 16.15
C GLY C 150 -21.50 -26.21 15.58
N THR C 151 -22.04 -27.10 14.76
CA THR C 151 -21.25 -28.17 14.15
C THR C 151 -21.64 -28.28 12.68
N ILE C 152 -20.63 -28.36 11.82
CA ILE C 152 -20.82 -28.59 10.39
C ILE C 152 -20.08 -29.86 9.99
N THR C 153 -20.73 -30.68 9.16
CA THR C 153 -20.16 -31.93 8.70
C THR C 153 -20.31 -32.03 7.19
N VAL C 154 -19.20 -32.12 6.49
CA VAL C 154 -19.17 -32.35 5.05
C VAL C 154 -18.65 -33.75 4.81
N HIS C 155 -19.50 -34.61 4.22
CA HIS C 155 -19.09 -35.99 3.99
C HIS C 155 -18.20 -36.12 2.78
N GLY C 156 -18.35 -35.22 1.82
CA GLY C 156 -17.49 -35.20 0.66
C GLY C 156 -16.26 -34.31 0.86
N ASN C 157 -15.89 -33.62 -0.20
CA ASN C 157 -14.77 -32.69 -0.19
C ASN C 157 -15.25 -31.27 0.03
N ALA C 158 -14.32 -30.43 0.47
CA ALA C 158 -14.51 -28.98 0.50
C ALA C 158 -13.28 -28.33 -0.13
N ASP C 159 -13.27 -27.00 -0.21
CA ASP C 159 -12.22 -26.29 -0.93
C ASP C 159 -11.33 -25.43 -0.02
N ASN C 160 -11.37 -24.11 -0.18
CA ASN C 160 -10.39 -23.21 0.44
C ASN C 160 -10.96 -22.57 1.69
N GLU C 161 -10.07 -22.27 2.62
CA GLU C 161 -10.36 -21.36 3.74
C GLU C 161 -11.55 -21.83 4.55
N ILE C 162 -11.76 -23.13 4.65
CA ILE C 162 -12.78 -23.61 5.56
C ILE C 162 -12.34 -23.28 6.98
N GLY C 163 -13.27 -22.79 7.80
CA GLY C 163 -12.94 -22.37 9.15
C GLY C 163 -12.26 -21.02 9.27
N GLU C 164 -12.32 -20.19 8.24
CA GLU C 164 -11.71 -18.87 8.27
C GLU C 164 -12.17 -18.08 9.48
N TYR C 165 -11.20 -17.60 10.26
CA TYR C 165 -11.44 -16.75 11.43
C TYR C 165 -12.35 -17.44 12.45
N MET C 166 -12.36 -18.78 12.45
CA MET C 166 -13.18 -19.53 13.38
C MET C 166 -12.93 -19.13 14.83
N ASN C 167 -14.00 -19.09 15.61
CA ASN C 167 -13.91 -18.68 17.01
C ASN C 167 -14.75 -19.57 17.91
N GLY C 168 -14.83 -20.87 17.58
CA GLY C 168 -15.66 -21.80 18.31
C GLY C 168 -16.35 -22.79 17.41
N GLY C 169 -17.01 -23.80 17.98
CA GLY C 169 -17.71 -24.78 17.19
C GLY C 169 -16.77 -25.80 16.60
N LYS C 170 -17.32 -26.61 15.70
CA LYS C 170 -16.61 -27.76 15.15
C LYS C 170 -16.95 -27.95 13.68
N ILE C 171 -15.93 -28.18 12.86
CA ILE C 171 -16.10 -28.49 11.45
C ILE C 171 -15.41 -29.81 11.18
N ILE C 172 -16.13 -30.73 10.53
CA ILE C 172 -15.61 -32.04 10.14
C ILE C 172 -15.75 -32.17 8.62
N ILE C 173 -14.62 -32.39 7.94
CA ILE C 173 -14.61 -32.71 6.51
C ILE C 173 -14.12 -34.14 6.37
N LYS C 174 -14.99 -35.04 5.93
CA LYS C 174 -14.61 -36.44 5.81
C LYS C 174 -13.75 -36.71 4.59
N GLY C 175 -13.83 -35.86 3.58
CA GLY C 175 -13.00 -35.95 2.39
C GLY C 175 -11.76 -35.07 2.47
N ASP C 176 -11.31 -34.59 1.32
CA ASP C 176 -10.15 -33.73 1.20
C ASP C 176 -10.56 -32.25 1.15
N VAL C 177 -9.59 -31.39 1.48
CA VAL C 177 -9.73 -29.95 1.27
C VAL C 177 -8.55 -29.46 0.46
N ASN C 178 -8.68 -28.25 -0.08
CA ASN C 178 -7.61 -27.69 -0.88
C ASN C 178 -6.58 -26.97 0.00
N ILE C 179 -6.58 -25.64 0.06
CA ILE C 179 -5.54 -24.94 0.80
C ILE C 179 -6.17 -24.09 1.89
N MET C 180 -5.35 -23.81 2.90
CA MET C 180 -5.62 -22.84 3.97
C MET C 180 -6.85 -23.17 4.81
N PRO C 181 -7.05 -24.42 5.25
CA PRO C 181 -8.07 -24.64 6.28
C PRO C 181 -7.60 -24.06 7.60
N GLY C 182 -8.51 -23.37 8.28
CA GLY C 182 -8.21 -22.76 9.54
C GLY C 182 -7.45 -21.46 9.47
N ILE C 183 -7.48 -20.78 8.32
CA ILE C 183 -6.77 -19.51 8.20
C ILE C 183 -7.32 -18.55 9.25
N HIS C 184 -6.41 -17.92 10.00
CA HIS C 184 -6.73 -16.94 11.04
C HIS C 184 -7.62 -17.51 12.13
N MET C 185 -7.62 -18.83 12.29
CA MET C 185 -8.41 -19.49 13.33
C MET C 185 -8.04 -18.98 14.71
N ASN C 186 -9.06 -18.63 15.50
CA ASN C 186 -8.88 -18.25 16.90
C ASN C 186 -9.28 -19.34 17.86
N ASN C 187 -10.27 -20.14 17.51
CA ASN C 187 -10.80 -21.12 18.45
C ASN C 187 -11.66 -22.12 17.67
N GLY C 188 -11.99 -23.20 18.35
CA GLY C 188 -12.79 -24.25 17.75
C GLY C 188 -11.94 -25.41 17.31
N LEU C 189 -12.59 -26.35 16.62
CA LEU C 189 -11.95 -27.59 16.21
C LEU C 189 -12.30 -27.87 14.75
N ILE C 190 -11.27 -28.17 13.95
CA ILE C 190 -11.44 -28.61 12.57
C ILE C 190 -10.78 -29.98 12.41
N ILE C 191 -11.54 -30.93 11.91
CA ILE C 191 -11.05 -32.27 11.60
C ILE C 191 -11.17 -32.47 10.10
N ILE C 192 -10.06 -32.84 9.47
CA ILE C 192 -10.07 -33.20 8.08
C ILE C 192 -9.57 -34.64 8.01
N GLU C 193 -10.46 -35.54 7.60
CA GLU C 193 -10.13 -36.95 7.57
C GLU C 193 -9.37 -37.33 6.32
N GLY C 194 -9.49 -36.52 5.26
CA GLY C 194 -8.69 -36.70 4.07
C GLY C 194 -7.40 -35.90 4.10
N ASN C 195 -7.03 -35.34 2.96
CA ASN C 195 -5.75 -34.67 2.78
C ASN C 195 -5.92 -33.15 2.72
N VAL C 196 -4.79 -32.46 2.87
CA VAL C 196 -4.70 -31.01 2.72
C VAL C 196 -3.59 -30.72 1.73
N VAL C 197 -3.85 -29.84 0.77
CA VAL C 197 -2.82 -29.46 -0.19
C VAL C 197 -1.75 -28.59 0.47
N ALA C 198 -2.17 -27.55 1.21
CA ALA C 198 -1.18 -26.67 1.82
C ALA C 198 -1.83 -25.71 2.81
N ARG C 199 -0.99 -25.19 3.70
CA ARG C 199 -1.26 -23.99 4.48
C ARG C 199 -2.30 -24.23 5.58
N ALA C 200 -2.40 -25.47 6.05
CA ALA C 200 -3.22 -25.74 7.22
C ALA C 200 -2.77 -24.87 8.39
N GLY C 201 -3.74 -24.20 9.02
CA GLY C 201 -3.45 -23.39 10.19
C GLY C 201 -2.81 -22.06 9.90
N GLY C 202 -2.66 -21.68 8.63
CA GLY C 202 -2.07 -20.41 8.28
C GLY C 202 -2.52 -19.26 9.15
N GLU C 203 -1.57 -18.58 9.81
CA GLU C 203 -1.85 -17.43 10.66
C GLU C 203 -2.89 -17.74 11.73
N MET C 204 -2.96 -18.98 12.20
CA MET C 204 -3.88 -19.27 13.30
C MET C 204 -3.29 -18.75 14.60
N ALA C 205 -4.17 -18.25 15.46
CA ALA C 205 -3.79 -17.79 16.79
C ALA C 205 -4.17 -18.77 17.88
N GLY C 206 -5.14 -19.64 17.62
CA GLY C 206 -5.56 -20.64 18.58
C GLY C 206 -6.49 -21.63 17.90
N GLY C 207 -7.03 -22.54 18.70
CA GLY C 207 -7.87 -23.59 18.17
C GLY C 207 -7.04 -24.82 17.80
N THR C 208 -7.73 -25.82 17.25
CA THR C 208 -7.13 -27.12 16.98
C THR C 208 -7.54 -27.60 15.60
N ILE C 209 -6.57 -28.10 14.85
CA ILE C 209 -6.80 -28.67 13.53
C ILE C 209 -6.20 -30.06 13.54
N VAL C 210 -6.96 -31.04 13.05
CA VAL C 210 -6.50 -32.42 12.94
C VAL C 210 -6.59 -32.83 11.48
N VAL C 211 -5.51 -33.37 10.95
CA VAL C 211 -5.47 -33.89 9.59
C VAL C 211 -5.11 -35.36 9.70
N LYS C 212 -6.03 -36.23 9.27
CA LYS C 212 -5.81 -37.68 9.31
C LYS C 212 -5.18 -38.21 8.03
N GLY C 213 -5.25 -37.46 6.94
CA GLY C 213 -4.56 -37.81 5.71
C GLY C 213 -3.23 -37.08 5.61
N MET C 214 -2.83 -36.78 4.38
CA MET C 214 -1.54 -36.18 4.10
C MET C 214 -1.67 -34.67 3.87
N MET C 215 -0.84 -33.90 4.55
CA MET C 215 -0.60 -32.51 4.18
C MET C 215 0.57 -32.49 3.21
N GLN C 216 0.33 -32.07 1.97
CA GLN C 216 1.40 -32.05 0.98
C GLN C 216 2.46 -31.03 1.35
N GLU C 217 2.05 -29.84 1.79
CA GLU C 217 2.95 -28.81 2.28
C GLU C 217 2.44 -28.26 3.60
N PHE C 218 3.38 -27.84 4.43
CA PHE C 218 3.03 -27.21 5.69
C PHE C 218 3.71 -25.84 5.80
N LEU C 219 3.98 -25.37 7.02
CA LEU C 219 4.36 -23.99 7.22
C LEU C 219 5.52 -23.89 8.19
N ALA C 220 6.51 -23.07 7.84
CA ALA C 220 7.73 -22.97 8.63
C ALA C 220 7.51 -22.30 9.99
N GLY C 221 6.37 -21.67 10.19
CA GLY C 221 6.10 -20.96 11.41
C GLY C 221 5.52 -21.80 12.53
N PHE C 222 5.40 -23.10 12.34
CA PHE C 222 4.89 -23.99 13.38
C PHE C 222 6.07 -24.66 14.07
N LYS C 223 6.01 -24.73 15.40
CA LYS C 223 7.01 -25.44 16.17
C LYS C 223 6.56 -26.89 16.33
N TYR C 224 7.52 -27.80 16.23
CA TYR C 224 7.25 -29.23 16.40
C TYR C 224 7.32 -29.57 17.87
N LEU C 225 6.25 -30.18 18.39
CA LEU C 225 6.18 -30.54 19.80
C LEU C 225 6.38 -32.03 20.05
N GLY C 226 6.29 -32.87 19.03
CA GLY C 226 6.52 -34.29 19.19
C GLY C 226 5.38 -35.12 18.66
N VAL C 227 5.13 -36.26 19.31
CA VAL C 227 4.11 -37.21 18.89
C VAL C 227 3.20 -37.47 20.07
N GLU C 228 1.89 -37.48 19.83
CA GLU C 228 0.91 -37.96 20.77
C GLU C 228 0.09 -39.06 20.12
N LYS C 229 -0.25 -40.07 20.90
CA LYS C 229 -1.06 -41.18 20.43
C LYS C 229 -2.42 -41.13 21.10
N ASP C 230 -3.44 -41.59 20.37
CA ASP C 230 -4.80 -41.74 20.88
C ASP C 230 -5.24 -40.49 21.66
N ILE C 231 -5.55 -39.45 20.91
CA ILE C 231 -5.91 -38.16 21.49
C ILE C 231 -7.42 -37.96 21.37
N GLU C 232 -7.95 -37.08 22.23
CA GLU C 232 -9.37 -36.73 22.23
C GLU C 232 -9.50 -35.22 22.34
N VAL C 233 -10.11 -34.60 21.33
CA VAL C 233 -10.29 -33.15 21.28
C VAL C 233 -11.77 -32.83 21.20
N ASP C 234 -12.26 -32.05 22.17
CA ASP C 234 -13.66 -31.59 22.21
C ASP C 234 -14.65 -32.73 22.01
N GLY C 235 -14.43 -33.82 22.75
CA GLY C 235 -15.34 -34.95 22.70
C GLY C 235 -15.17 -35.83 21.48
N GLU C 236 -14.08 -35.66 20.72
CA GLU C 236 -13.80 -36.44 19.53
C GLU C 236 -12.50 -37.20 19.75
N GLU C 237 -12.58 -38.53 19.74
CA GLU C 237 -11.40 -39.37 19.94
C GLU C 237 -10.90 -39.90 18.61
N LEU C 238 -9.59 -39.79 18.40
CA LEU C 238 -8.95 -40.26 17.18
C LEU C 238 -7.79 -41.18 17.56
N PRO C 239 -7.88 -42.46 17.26
CA PRO C 239 -6.78 -43.37 17.60
C PRO C 239 -5.56 -43.15 16.72
N GLY C 240 -4.46 -43.80 17.10
CA GLY C 240 -3.22 -43.72 16.36
C GLY C 240 -2.38 -42.52 16.80
N ALA C 241 -1.20 -42.44 16.20
CA ALA C 241 -0.24 -41.42 16.56
C ALA C 241 -0.36 -40.20 15.63
N PHE C 242 -0.13 -39.03 16.20
CA PHE C 242 -0.16 -37.77 15.46
C PHE C 242 1.09 -36.97 15.76
N TYR C 243 1.63 -36.32 14.74
CA TYR C 243 2.60 -35.26 14.96
C TYR C 243 1.86 -34.03 15.48
N LYS C 244 2.47 -33.36 16.46
CA LYS C 244 1.86 -32.21 17.10
C LYS C 244 2.69 -30.97 16.82
N PHE C 245 2.02 -29.91 16.35
CA PHE C 245 2.64 -28.64 16.01
C PHE C 245 1.90 -27.49 16.69
N GLU C 246 2.66 -26.46 17.06
CA GLU C 246 2.13 -25.25 17.67
C GLU C 246 2.48 -24.04 16.81
N GLY C 247 1.52 -23.15 16.63
CA GLY C 247 1.72 -21.98 15.78
C GLY C 247 0.43 -21.20 15.64
N ASP C 248 0.28 -20.35 14.62
CA ASP C 248 1.32 -19.99 13.65
C ASP C 248 2.13 -18.84 14.22
N HIS C 249 3.42 -19.06 14.45
CA HIS C 249 4.22 -18.08 15.18
C HIS C 249 4.64 -16.88 14.34
N ALA C 250 4.15 -16.77 13.11
CA ALA C 250 4.06 -15.46 12.47
C ALA C 250 3.13 -14.53 13.24
N ILE C 251 2.14 -15.09 13.95
CA ILE C 251 1.21 -14.34 14.78
C ILE C 251 1.78 -14.21 16.18
N LYS C 252 1.57 -13.06 16.80
CA LYS C 252 2.05 -12.83 18.16
C LYS C 252 1.16 -13.55 19.17
N GLY C 253 1.80 -14.22 20.13
CA GLY C 253 1.08 -14.95 21.16
C GLY C 253 0.32 -16.19 20.71
N ALA C 254 0.61 -16.74 19.54
CA ALA C 254 -0.20 -17.80 18.97
C ALA C 254 -0.12 -19.10 19.78
N LYS C 255 -1.28 -19.74 19.95
CA LYS C 255 -1.42 -20.96 20.73
C LYS C 255 -2.08 -22.08 19.92
N GLY C 256 -2.20 -21.95 18.61
CA GLY C 256 -2.88 -22.95 17.83
C GLY C 256 -2.13 -24.27 17.83
N ILE C 257 -2.89 -25.36 17.65
CA ILE C 257 -2.36 -26.72 17.56
C ILE C 257 -2.78 -27.32 16.23
N VAL C 258 -1.83 -27.99 15.58
CA VAL C 258 -2.10 -28.82 14.42
C VAL C 258 -1.64 -30.24 14.72
N TYR C 259 -2.52 -31.20 14.52
CA TYR C 259 -2.22 -32.62 14.61
C TYR C 259 -2.24 -33.20 13.21
N ALA C 260 -1.21 -33.98 12.87
CA ALA C 260 -1.14 -34.63 11.56
C ALA C 260 -0.75 -36.09 11.75
N ALA C 261 -1.58 -37.00 11.23
CA ALA C 261 -1.34 -38.43 11.36
C ALA C 261 0.08 -38.78 10.94
N VAL C 262 0.76 -39.56 11.78
CA VAL C 262 2.14 -39.91 11.50
C VAL C 262 2.27 -40.71 10.21
N GLY C 263 1.27 -41.53 9.89
CA GLY C 263 1.36 -42.40 8.73
C GLY C 263 1.70 -41.67 7.45
N CYS C 264 0.97 -40.60 7.15
CA CYS C 264 1.05 -39.98 5.83
C CYS C 264 1.83 -38.68 5.82
N ASN C 265 2.48 -38.30 6.92
CA ASN C 265 3.08 -36.97 7.01
C ASN C 265 4.53 -37.01 7.49
N GLY C 266 5.23 -38.12 7.28
CA GLY C 266 6.62 -38.19 7.69
C GLY C 266 7.47 -37.07 7.13
N HIS C 267 7.20 -36.68 5.87
CA HIS C 267 7.95 -35.61 5.22
C HIS C 267 7.73 -34.27 5.89
N ILE C 268 6.68 -34.12 6.70
CA ILE C 268 6.36 -32.83 7.30
C ILE C 268 7.20 -32.58 8.55
N ALA C 269 7.54 -33.63 9.29
CA ALA C 269 8.41 -33.48 10.43
C ALA C 269 9.76 -32.92 9.97
N PRO C 270 10.42 -32.07 10.77
CA PRO C 270 11.63 -31.37 10.34
C PRO C 270 12.81 -32.30 10.03
N MET D 1 5.34 -31.82 -23.66
CA MET D 1 6.09 -31.59 -22.40
C MET D 1 5.23 -30.81 -21.41
N ARG D 2 5.22 -31.27 -20.15
CA ARG D 2 4.41 -30.63 -19.11
C ARG D 2 5.21 -29.49 -18.48
N VAL D 3 4.71 -28.26 -18.63
CA VAL D 3 5.39 -27.07 -18.13
C VAL D 3 4.43 -26.26 -17.27
N ILE D 4 4.97 -25.27 -16.59
CA ILE D 4 4.18 -24.31 -15.80
C ILE D 4 4.04 -23.03 -16.62
N LEU D 5 2.78 -22.60 -16.83
CA LEU D 5 2.46 -21.40 -17.61
C LEU D 5 2.28 -20.20 -16.68
N ASN D 6 3.16 -19.21 -16.86
CA ASN D 6 3.07 -17.91 -16.21
C ASN D 6 2.68 -16.87 -17.25
N THR D 7 1.89 -15.88 -16.85
CA THR D 7 1.38 -14.88 -17.77
C THR D 7 1.46 -13.50 -17.11
N GLY D 8 1.48 -12.46 -17.93
CA GLY D 8 1.57 -11.10 -17.42
C GLY D 8 2.01 -10.13 -18.50
N ARG D 9 2.50 -8.99 -18.04
CA ARG D 9 2.79 -7.86 -18.92
C ARG D 9 4.16 -7.96 -19.61
N THR D 10 4.24 -7.33 -20.78
CA THR D 10 5.50 -7.00 -21.42
C THR D 10 5.36 -5.59 -21.99
N ILE D 11 6.48 -4.88 -22.10
CA ILE D 11 6.41 -3.53 -22.62
C ILE D 11 5.84 -3.54 -24.04
N TRP D 12 6.15 -4.60 -24.81
CA TRP D 12 5.69 -4.68 -26.20
C TRP D 12 4.20 -4.95 -26.27
N GLN D 13 3.67 -5.77 -25.37
CA GLN D 13 2.24 -5.98 -25.34
C GLN D 13 1.52 -4.70 -24.91
N GLY D 14 2.14 -3.94 -23.99
CA GLY D 14 1.56 -2.66 -23.61
C GLY D 14 1.50 -1.67 -24.76
N GLN D 15 2.58 -1.58 -25.54
CA GLN D 15 2.55 -0.72 -26.71
C GLN D 15 1.50 -1.18 -27.70
N ALA D 16 1.28 -2.49 -27.79
CA ALA D 16 0.39 -3.04 -28.80
C ALA D 16 -1.07 -2.76 -28.47
N ILE D 17 -1.45 -2.86 -27.19
CA ILE D 17 -2.85 -2.69 -26.82
C ILE D 17 -3.26 -1.23 -26.94
N GLU D 18 -2.34 -0.29 -26.74
CA GLU D 18 -2.69 1.12 -26.87
C GLU D 18 -2.55 1.62 -28.30
N SER D 19 -1.95 0.84 -29.20
CA SER D 19 -2.04 1.13 -30.62
C SER D 19 -3.34 0.58 -31.20
N GLY D 20 -3.61 -0.70 -30.97
CA GLY D 20 -4.82 -1.33 -31.43
C GLY D 20 -4.78 -2.85 -31.33
N LYS D 21 -5.79 -3.42 -30.68
CA LYS D 21 -5.91 -4.87 -30.63
C LYS D 21 -6.12 -5.48 -32.00
N ASP D 22 -6.52 -4.67 -32.98
CA ASP D 22 -6.80 -5.13 -34.33
C ASP D 22 -5.55 -5.22 -35.19
N LEU D 23 -4.44 -4.61 -34.76
CA LEU D 23 -3.22 -4.57 -35.55
C LEU D 23 -2.46 -5.90 -35.44
N LYS D 24 -1.64 -6.18 -36.47
CA LYS D 24 -0.76 -7.35 -36.41
C LYS D 24 0.20 -7.23 -35.25
N MET D 25 0.49 -6.00 -34.84
CA MET D 25 1.38 -5.73 -33.72
C MET D 25 0.96 -6.50 -32.48
N TYR D 26 -0.35 -6.65 -32.29
CA TYR D 26 -0.85 -7.28 -31.07
C TYR D 26 -0.64 -8.78 -31.11
N VAL D 27 -0.86 -9.40 -32.28
CA VAL D 27 -0.62 -10.83 -32.42
C VAL D 27 0.85 -11.14 -32.20
N ASP D 28 1.74 -10.33 -32.79
CA ASP D 28 3.17 -10.57 -32.67
C ASP D 28 3.68 -10.42 -31.24
N ALA D 29 2.95 -9.69 -30.38
CA ALA D 29 3.41 -9.41 -29.03
C ALA D 29 2.67 -10.17 -27.95
N ALA D 30 1.45 -10.64 -28.20
CA ALA D 30 0.67 -11.34 -27.20
C ALA D 30 0.30 -12.77 -27.59
N ALA D 31 0.39 -13.14 -28.86
CA ALA D 31 0.15 -14.52 -29.30
C ALA D 31 1.46 -15.30 -29.39
N ILE D 32 2.28 -15.19 -28.35
CA ILE D 32 3.61 -15.79 -28.33
C ILE D 32 3.74 -16.59 -27.05
N ILE D 33 4.78 -17.41 -26.99
CA ILE D 33 5.12 -18.14 -25.76
C ILE D 33 6.64 -18.03 -25.57
N GLN D 34 7.06 -17.32 -24.52
CA GLN D 34 8.47 -17.16 -24.21
C GLN D 34 8.99 -18.41 -23.54
N MET D 35 10.13 -18.92 -24.01
CA MET D 35 10.72 -20.13 -23.49
C MET D 35 12.23 -19.95 -23.36
N ASN D 36 12.81 -20.68 -22.42
CA ASN D 36 14.26 -20.65 -22.31
C ASN D 36 14.88 -21.39 -23.49
N PRO D 37 16.04 -20.94 -23.97
CA PRO D 37 16.69 -21.61 -25.10
C PRO D 37 16.82 -23.12 -24.93
N GLU D 38 17.12 -23.58 -23.71
CA GLU D 38 17.35 -24.99 -23.46
C GLU D 38 16.07 -25.80 -23.57
N MET D 39 14.93 -25.21 -23.19
CA MET D 39 13.66 -25.91 -23.35
C MET D 39 13.28 -26.05 -24.82
N MET D 40 13.65 -25.08 -25.65
CA MET D 40 13.37 -25.15 -27.07
C MET D 40 14.19 -26.24 -27.74
N LYS D 41 15.41 -26.48 -27.24
CA LYS D 41 16.24 -27.55 -27.77
C LYS D 41 15.62 -28.91 -27.48
N GLN D 42 15.26 -29.15 -26.21
CA GLN D 42 14.71 -30.45 -25.81
C GLN D 42 13.41 -30.76 -26.55
N LEU D 43 12.70 -29.75 -27.02
CA LEU D 43 11.44 -29.93 -27.72
C LEU D 43 11.61 -29.90 -29.23
N GLY D 44 12.78 -29.50 -29.72
CA GLY D 44 13.05 -29.50 -31.14
C GLY D 44 12.39 -28.38 -31.91
N ILE D 45 12.32 -27.18 -31.34
CA ILE D 45 11.74 -26.03 -32.01
C ILE D 45 12.77 -24.91 -32.01
N ALA D 46 12.52 -23.93 -32.87
CA ALA D 46 13.34 -22.72 -32.95
C ALA D 46 12.43 -21.51 -32.85
N GLU D 47 13.05 -20.34 -32.74
CA GLU D 47 12.26 -19.11 -32.76
C GLU D 47 11.43 -19.07 -34.03
N GLY D 48 10.17 -18.68 -33.89
CA GLY D 48 9.24 -18.60 -34.98
C GLY D 48 8.36 -19.81 -35.15
N ASP D 49 8.79 -20.97 -34.64
CA ASP D 49 7.95 -22.16 -34.70
C ASP D 49 6.73 -22.01 -33.81
N ASN D 50 5.60 -22.57 -34.25
CA ASN D 50 4.35 -22.47 -33.51
C ASN D 50 4.19 -23.63 -32.54
N VAL D 51 3.47 -23.38 -31.45
CA VAL D 51 3.35 -24.31 -30.33
C VAL D 51 1.87 -24.48 -30.00
N LYS D 52 1.47 -25.73 -29.80
CA LYS D 52 0.13 -26.04 -29.31
C LYS D 52 0.19 -26.10 -27.79
N VAL D 53 -0.66 -25.31 -27.13
CA VAL D 53 -0.73 -25.28 -25.68
C VAL D 53 -2.06 -25.86 -25.26
N ILE D 54 -2.03 -26.95 -24.51
CA ILE D 54 -3.23 -27.61 -24.00
C ILE D 54 -3.19 -27.56 -22.48
N SER D 55 -4.30 -27.17 -21.87
CA SER D 55 -4.48 -27.26 -20.43
C SER D 55 -5.80 -27.98 -20.16
N GLU D 56 -6.11 -28.08 -18.87
CA GLU D 56 -7.38 -28.63 -18.42
C GLU D 56 -8.55 -27.73 -18.76
N TYR D 57 -8.30 -26.48 -19.16
CA TYR D 57 -9.36 -25.51 -19.37
C TYR D 57 -9.48 -25.04 -20.82
N GLY D 58 -8.59 -25.46 -21.71
CA GLY D 58 -8.71 -25.10 -23.11
C GLY D 58 -7.42 -25.39 -23.87
N ASP D 59 -7.35 -24.85 -25.09
CA ASP D 59 -6.20 -25.01 -25.97
C ASP D 59 -5.99 -23.75 -26.80
N VAL D 60 -4.75 -23.55 -27.25
CA VAL D 60 -4.42 -22.38 -28.06
C VAL D 60 -3.14 -22.67 -28.84
N VAL D 61 -2.91 -21.91 -29.92
CA VAL D 61 -1.68 -21.98 -30.71
C VAL D 61 -0.97 -20.64 -30.63
N VAL D 62 0.31 -20.68 -30.23
CA VAL D 62 1.12 -19.47 -30.11
C VAL D 62 2.50 -19.71 -30.72
N LYS D 63 3.15 -18.62 -31.07
CA LYS D 63 4.47 -18.67 -31.68
C LYS D 63 5.54 -18.69 -30.60
N ALA D 64 6.49 -19.61 -30.73
CA ALA D 64 7.57 -19.74 -29.75
C ALA D 64 8.60 -18.63 -29.95
N VAL D 65 9.20 -18.21 -28.84
CA VAL D 65 10.07 -17.05 -28.79
C VAL D 65 11.04 -17.23 -27.64
N GLU D 66 12.31 -16.93 -27.88
CA GLU D 66 13.29 -17.00 -26.82
C GLU D 66 13.04 -15.89 -25.80
N ALA D 67 13.06 -16.24 -24.53
CA ALA D 67 12.77 -15.30 -23.46
C ALA D 67 14.01 -14.45 -23.19
N LYS D 68 13.89 -13.14 -23.40
CA LYS D 68 14.94 -12.22 -22.97
C LYS D 68 14.93 -12.03 -21.46
N GLU D 69 13.83 -12.34 -20.78
CA GLU D 69 13.77 -12.34 -19.32
C GLU D 69 13.80 -13.79 -18.83
N PRO D 70 14.96 -14.32 -18.44
CA PRO D 70 15.08 -15.77 -18.22
C PRO D 70 14.06 -16.29 -17.22
N LEU D 71 13.58 -17.52 -17.49
CA LEU D 71 12.59 -18.23 -16.71
C LEU D 71 13.25 -19.32 -15.87
N PRO D 72 12.64 -19.70 -14.75
CA PRO D 72 13.13 -20.88 -14.03
C PRO D 72 12.82 -22.14 -14.81
N GLU D 73 13.52 -23.21 -14.47
CA GLU D 73 13.34 -24.46 -15.18
C GLU D 73 11.89 -24.91 -15.09
N GLY D 74 11.33 -25.32 -16.22
CA GLY D 74 9.99 -25.85 -16.29
C GLY D 74 8.89 -24.83 -16.47
N MET D 75 9.22 -23.55 -16.61
CA MET D 75 8.23 -22.49 -16.72
C MET D 75 8.27 -21.88 -18.12
N VAL D 76 7.10 -21.48 -18.61
CA VAL D 76 6.97 -20.73 -19.84
C VAL D 76 6.13 -19.49 -19.55
N TYR D 77 6.14 -18.55 -20.49
CA TYR D 77 5.49 -17.27 -20.28
C TYR D 77 4.72 -16.89 -21.53
N ILE D 78 3.41 -16.66 -21.38
CA ILE D 78 2.59 -16.14 -22.46
C ILE D 78 2.03 -14.79 -22.00
N PRO D 79 2.22 -13.71 -22.75
CA PRO D 79 1.70 -12.41 -22.32
C PRO D 79 0.19 -12.39 -22.22
N MET D 80 -0.31 -11.52 -21.34
CA MET D 80 -1.75 -11.42 -21.10
C MET D 80 -2.47 -11.06 -22.40
N GLY D 81 -3.62 -11.69 -22.60
CA GLY D 81 -4.39 -11.51 -23.80
C GLY D 81 -5.32 -12.68 -24.02
N PRO D 82 -6.11 -12.61 -25.09
CA PRO D 82 -7.10 -13.67 -25.34
C PRO D 82 -6.50 -15.03 -25.62
N TRP D 83 -5.28 -15.08 -26.18
CA TRP D 83 -4.61 -16.36 -26.40
C TRP D 83 -4.20 -16.99 -25.08
N ALA D 84 -3.59 -16.20 -24.19
CA ALA D 84 -3.23 -16.71 -22.88
C ALA D 84 -4.46 -17.13 -22.09
N ASN D 85 -5.56 -16.41 -22.26
CA ASN D 85 -6.76 -16.67 -21.48
C ASN D 85 -7.61 -17.79 -22.06
N ARG D 86 -7.10 -18.46 -23.10
CA ARG D 86 -7.69 -19.71 -23.56
C ARG D 86 -7.40 -20.86 -22.59
N VAL D 87 -6.29 -20.81 -21.86
CA VAL D 87 -5.75 -21.99 -21.19
C VAL D 87 -5.56 -21.81 -19.68
N ILE D 88 -5.57 -20.60 -19.15
CA ILE D 88 -5.28 -20.42 -17.74
C ILE D 88 -6.50 -20.80 -16.91
N ARG D 89 -6.32 -20.90 -15.59
CA ARG D 89 -7.37 -21.45 -14.73
C ARG D 89 -8.43 -20.39 -14.44
N PRO D 90 -9.71 -20.64 -14.76
CA PRO D 90 -10.74 -19.60 -14.57
C PRO D 90 -11.22 -19.41 -13.13
N TYR D 91 -11.22 -20.50 -12.35
CA TYR D 91 -11.85 -20.49 -11.03
C TYR D 91 -11.20 -19.47 -10.10
N THR D 92 -12.02 -18.86 -9.26
CA THR D 92 -11.60 -17.74 -8.43
C THR D 92 -11.44 -18.11 -6.97
N ASP D 93 -11.80 -19.35 -6.58
CA ASP D 93 -11.73 -19.76 -5.18
C ASP D 93 -12.54 -18.81 -4.30
N SER D 94 -13.67 -18.36 -4.82
CA SER D 94 -14.59 -17.49 -4.10
C SER D 94 -13.94 -16.17 -3.70
N THR D 95 -13.06 -15.63 -4.57
CA THR D 95 -12.50 -14.30 -4.41
C THR D 95 -12.87 -13.35 -5.53
N ALA D 96 -13.44 -13.84 -6.64
CA ALA D 96 -13.74 -13.11 -7.85
C ALA D 96 -12.53 -13.02 -8.79
N THR D 97 -11.34 -13.41 -8.34
CA THR D 97 -10.13 -13.23 -9.14
C THR D 97 -9.68 -14.56 -9.73
N PRO D 98 -9.67 -14.71 -11.04
CA PRO D 98 -9.21 -15.95 -11.66
C PRO D 98 -7.72 -16.19 -11.42
N SER D 99 -7.32 -17.46 -11.56
CA SER D 99 -5.91 -17.85 -11.44
C SER D 99 -5.19 -17.65 -12.79
N PHE D 100 -4.71 -16.44 -13.03
CA PHE D 100 -4.05 -16.13 -14.30
C PHE D 100 -2.61 -16.63 -14.37
N LYS D 101 -2.00 -17.01 -13.26
CA LYS D 101 -0.56 -17.28 -13.21
C LYS D 101 -0.26 -18.66 -12.65
N ASN D 102 0.69 -19.34 -13.31
CA ASN D 102 1.31 -20.58 -12.82
C ASN D 102 0.39 -21.78 -12.94
N ILE D 103 0.08 -22.16 -14.18
CA ILE D 103 -0.93 -23.15 -14.49
C ILE D 103 -0.26 -24.31 -15.21
N PRO D 104 -0.48 -25.56 -14.80
CA PRO D 104 0.09 -26.71 -15.52
C PRO D 104 -0.52 -26.86 -16.90
N VAL D 105 0.34 -26.90 -17.91
CA VAL D 105 -0.09 -27.07 -19.30
C VAL D 105 0.85 -28.04 -20.00
N GLU D 106 0.36 -28.57 -21.11
CA GLU D 106 1.14 -29.39 -22.02
C GLU D 106 1.48 -28.54 -23.24
N ILE D 107 2.74 -28.60 -23.69
CA ILE D 107 3.15 -27.88 -24.88
C ILE D 107 3.75 -28.86 -25.87
N ILE D 108 3.35 -28.74 -27.13
CA ILE D 108 3.90 -29.57 -28.20
C ILE D 108 4.04 -28.74 -29.46
N PRO D 109 5.00 -29.08 -30.31
CA PRO D 109 5.11 -28.38 -31.59
C PRO D 109 3.88 -28.60 -32.44
N THR D 110 3.66 -27.69 -33.39
CA THR D 110 2.54 -27.83 -34.31
C THR D 110 2.82 -27.00 -35.56
N ASP D 111 2.43 -27.56 -36.71
CA ASP D 111 2.43 -26.81 -37.96
C ASP D 111 1.20 -25.93 -38.11
N GLU D 112 0.26 -26.03 -37.17
CA GLU D 112 -0.96 -25.22 -37.23
C GLU D 112 -0.64 -23.73 -37.14
N GLU D 113 -1.60 -22.94 -37.59
CA GLU D 113 -1.45 -21.49 -37.68
C GLU D 113 -1.87 -20.81 -36.36
N VAL D 114 -1.35 -19.62 -36.15
CA VAL D 114 -1.80 -18.75 -35.07
C VAL D 114 -3.02 -17.99 -35.54
N LEU D 115 -4.11 -18.05 -34.77
CA LEU D 115 -5.31 -17.30 -35.09
C LEU D 115 -5.11 -15.83 -34.77
N ASP D 116 -5.58 -14.96 -35.66
CA ASP D 116 -5.54 -13.53 -35.40
C ASP D 116 -6.66 -13.17 -34.42
N MET D 117 -6.85 -11.87 -34.17
CA MET D 117 -7.72 -11.46 -33.07
C MET D 117 -9.19 -11.76 -33.38
N PRO D 118 -9.77 -11.29 -34.48
CA PRO D 118 -11.20 -11.58 -34.73
C PRO D 118 -11.49 -13.06 -34.85
N THR D 119 -10.55 -13.83 -35.40
CA THR D 119 -10.75 -15.25 -35.63
C THR D 119 -10.68 -16.03 -34.32
N LEU D 120 -9.75 -15.68 -33.45
CA LEU D 120 -9.64 -16.40 -32.18
C LEU D 120 -10.93 -16.28 -31.39
N MET D 121 -11.54 -15.10 -31.39
CA MET D 121 -12.75 -14.90 -30.61
C MET D 121 -13.92 -15.70 -31.13
N LYS D 122 -13.83 -16.21 -32.37
CA LYS D 122 -14.91 -17.01 -32.94
C LYS D 122 -15.12 -18.31 -32.19
N VAL D 123 -14.12 -18.80 -31.46
CA VAL D 123 -14.26 -20.06 -30.75
C VAL D 123 -15.34 -19.99 -29.68
N TYR D 124 -15.80 -18.80 -29.31
CA TYR D 124 -16.81 -18.65 -28.27
C TYR D 124 -18.23 -18.56 -28.84
N GLY D 125 -18.41 -18.83 -30.13
CA GLY D 125 -19.73 -19.04 -30.69
C GLY D 125 -20.75 -17.96 -30.39
N LYS D 126 -20.36 -16.71 -30.58
CA LYS D 126 -21.24 -15.56 -30.34
C LYS D 126 -22.44 -15.59 -31.27
N GLU E 2 62.30 2.87 -38.35
CA GLU E 2 60.83 2.98 -38.39
C GLU E 2 60.15 2.48 -37.11
N THR E 3 59.17 3.24 -36.63
CA THR E 3 58.42 2.85 -35.45
C THR E 3 57.15 2.11 -35.86
N THR E 4 56.86 1.01 -35.15
CA THR E 4 55.74 0.13 -35.45
C THR E 4 54.90 -0.07 -34.19
N GLU E 5 53.81 -0.82 -34.32
CA GLU E 5 52.92 -1.08 -33.19
C GLU E 5 52.17 -2.38 -33.43
N VAL E 6 52.05 -3.16 -32.37
CA VAL E 6 51.28 -4.39 -32.36
C VAL E 6 50.32 -4.34 -31.17
N ILE E 7 49.06 -4.68 -31.41
CA ILE E 7 48.01 -4.67 -30.40
C ILE E 7 47.59 -6.12 -30.18
N GLU E 8 48.07 -6.74 -29.09
CA GLU E 8 47.70 -8.10 -28.73
C GLU E 8 46.62 -8.04 -27.66
N GLY E 9 45.39 -8.33 -28.06
CA GLY E 9 44.27 -8.20 -27.14
C GLY E 9 44.08 -6.75 -26.79
N LYS E 10 44.07 -6.46 -25.49
CA LYS E 10 44.01 -5.08 -25.02
C LYS E 10 45.37 -4.41 -24.99
N ASN E 11 46.45 -5.18 -24.96
CA ASN E 11 47.78 -4.63 -24.75
C ASN E 11 48.34 -3.96 -26.01
N ILE E 12 49.24 -3.00 -25.80
CA ILE E 12 49.88 -2.24 -26.87
C ILE E 12 51.39 -2.38 -26.73
N THR E 13 52.07 -2.61 -27.86
CA THR E 13 53.53 -2.61 -27.91
C THR E 13 53.98 -1.71 -29.06
N VAL E 14 54.93 -0.82 -28.77
CA VAL E 14 55.49 0.10 -29.77
C VAL E 14 57.00 -0.14 -29.80
N GLU E 15 57.53 -0.46 -30.98
CA GLU E 15 58.93 -0.89 -31.09
C GLU E 15 59.68 -0.09 -32.15
N ARG E 16 60.93 0.25 -31.82
CA ARG E 16 61.90 0.81 -32.76
C ARG E 16 63.14 -0.06 -32.71
N THR E 17 63.50 -0.65 -33.84
CA THR E 17 64.70 -1.46 -33.96
C THR E 17 65.87 -0.60 -34.43
N GLY E 18 67.07 -1.17 -34.33
CA GLY E 18 68.29 -0.48 -34.69
C GLY E 18 69.41 -0.87 -33.75
N GLU E 19 70.48 -0.06 -33.76
CA GLU E 19 71.60 -0.31 -32.84
C GLU E 19 71.14 -0.36 -31.40
N GLU E 20 70.15 0.46 -31.06
CA GLU E 20 69.52 0.42 -29.75
C GLU E 20 68.05 0.07 -29.97
N ASN E 21 67.60 -1.00 -29.33
CA ASN E 21 66.21 -1.42 -29.42
C ASN E 21 65.39 -0.80 -28.29
N ARG E 22 64.20 -0.33 -28.63
CA ARG E 22 63.29 0.27 -27.66
C ARG E 22 61.90 -0.31 -27.85
N ARG E 23 61.28 -0.73 -26.74
CA ARG E 23 59.93 -1.30 -26.76
C ARG E 23 59.13 -0.72 -25.60
N LEU E 24 58.02 -0.05 -25.92
CA LEU E 24 57.07 0.43 -24.93
C LEU E 24 55.92 -0.55 -24.82
N ILE E 25 55.67 -1.07 -23.62
CA ILE E 25 54.66 -2.09 -23.38
C ILE E 25 53.61 -1.54 -22.44
N PHE E 26 52.34 -1.66 -22.84
CA PHE E 26 51.21 -1.21 -22.04
C PHE E 26 50.35 -2.39 -21.67
N GLN E 27 50.23 -2.66 -20.37
CA GLN E 27 49.32 -3.69 -19.85
C GLN E 27 48.00 -3.03 -19.49
N ASP E 28 46.95 -3.31 -20.26
CA ASP E 28 45.65 -2.69 -20.01
C ASP E 28 45.14 -3.00 -18.61
N CYS E 29 45.41 -4.22 -18.11
CA CYS E 29 44.81 -4.65 -16.84
C CYS E 29 45.31 -3.86 -15.65
N LEU E 30 46.42 -3.13 -15.78
CA LEU E 30 47.00 -2.34 -14.70
C LEU E 30 46.66 -0.86 -14.80
N CYS E 31 46.15 -0.41 -15.92
CA CYS E 31 45.88 1.01 -16.11
C CYS E 31 44.63 1.41 -15.33
N ALA E 32 44.76 2.41 -14.46
CA ALA E 32 43.65 3.00 -13.76
C ALA E 32 43.03 4.17 -14.53
N VAL E 33 43.48 4.40 -15.76
CA VAL E 33 42.91 5.41 -16.66
C VAL E 33 42.99 6.79 -16.00
N CYS E 34 44.11 7.09 -15.34
CA CYS E 34 44.26 8.38 -14.68
C CYS E 34 44.64 9.50 -15.64
N GLY E 35 45.21 9.17 -16.80
CA GLY E 35 45.47 10.15 -17.83
C GLY E 35 46.82 10.83 -17.79
N LEU E 36 47.67 10.50 -16.81
CA LEU E 36 48.93 11.23 -16.64
C LEU E 36 49.88 11.03 -17.82
N CYS E 37 49.93 9.82 -18.38
CA CYS E 37 50.81 9.55 -19.51
C CYS E 37 50.51 10.49 -20.67
N GLY E 38 49.22 10.68 -21.00
CA GLY E 38 48.87 11.55 -22.10
C GLY E 38 49.16 13.00 -21.83
N GLU E 39 49.15 13.41 -20.56
CA GLU E 39 49.48 14.80 -20.25
C GLU E 39 50.97 15.05 -20.38
N ILE E 40 51.79 14.10 -19.93
CA ILE E 40 53.24 14.32 -19.91
C ILE E 40 53.85 14.10 -21.28
N CYS E 41 53.17 13.40 -22.18
CA CYS E 41 53.75 13.04 -23.46
C CYS E 41 54.20 14.28 -24.20
N PRO E 42 55.49 14.41 -24.53
CA PRO E 42 55.97 15.62 -25.20
C PRO E 42 55.51 15.75 -26.64
N VAL E 43 55.06 14.67 -27.29
CA VAL E 43 54.66 14.71 -28.69
C VAL E 43 53.17 14.40 -28.86
N SER E 44 52.40 14.46 -27.78
CA SER E 44 50.97 14.18 -27.82
C SER E 44 50.67 12.92 -28.63
N ALA E 45 51.41 11.85 -28.33
CA ALA E 45 51.19 10.55 -28.96
C ALA E 45 50.11 9.74 -28.29
N ILE E 46 49.79 10.00 -27.02
CA ILE E 46 48.87 9.19 -26.25
C ILE E 46 47.53 9.90 -26.13
N GLU E 47 46.45 9.17 -26.39
CA GLU E 47 45.10 9.64 -26.12
C GLU E 47 44.43 8.62 -25.20
N VAL E 48 43.99 9.08 -24.03
CA VAL E 48 43.41 8.23 -23.00
C VAL E 48 41.89 8.29 -23.13
N ASN E 49 41.25 7.11 -23.02
CA ASN E 49 39.80 7.04 -23.10
C ASN E 49 39.15 7.48 -21.79
N PRO E 50 37.84 7.78 -21.81
CA PRO E 50 37.19 8.30 -20.61
C PRO E 50 37.30 7.35 -19.43
N THR E 51 37.66 7.91 -18.27
CA THR E 51 37.95 7.08 -17.11
C THR E 51 36.71 6.34 -16.62
N GLY E 52 35.55 7.00 -16.62
CA GLY E 52 34.33 6.33 -16.20
C GLY E 52 33.95 5.18 -17.11
N ALA E 53 33.93 5.42 -18.42
CA ALA E 53 33.46 4.42 -19.38
C ALA E 53 34.34 3.18 -19.37
N MET E 54 35.65 3.34 -19.18
CA MET E 54 36.54 2.19 -19.17
C MET E 54 36.42 1.36 -17.91
N VAL E 55 35.75 1.86 -16.88
CA VAL E 55 35.63 1.19 -15.60
C VAL E 55 34.24 0.62 -15.38
N ARG E 56 33.20 1.34 -15.81
CA ARG E 56 31.82 0.97 -15.50
C ARG E 56 31.11 0.24 -16.65
N THR E 57 31.64 0.27 -17.86
CA THR E 57 31.07 -0.41 -19.01
C THR E 57 32.12 -1.34 -19.61
N GLU E 58 31.66 -2.27 -20.44
CA GLU E 58 32.56 -3.18 -21.13
C GLU E 58 32.96 -2.55 -22.46
N GLN E 59 34.26 -2.47 -22.71
CA GLN E 59 34.80 -1.87 -23.92
C GLN E 59 35.71 -2.87 -24.64
N GLU E 60 35.63 -2.88 -25.98
CA GLU E 60 36.54 -3.70 -26.76
C GLU E 60 37.92 -3.04 -26.86
N LYS E 61 37.97 -1.72 -26.94
CA LYS E 61 39.23 -1.02 -27.10
C LYS E 61 40.01 -0.95 -25.78
N SER E 62 41.29 -0.64 -25.89
CA SER E 62 42.14 -0.45 -24.73
C SER E 62 41.83 0.88 -24.06
N LYS E 63 42.38 1.04 -22.85
CA LYS E 63 42.17 2.27 -22.08
C LYS E 63 42.89 3.45 -22.71
N ILE E 64 44.06 3.23 -23.31
CA ILE E 64 44.77 4.30 -24.01
C ILE E 64 45.00 3.87 -25.45
N ALA E 65 45.48 4.82 -26.25
CA ALA E 65 45.88 4.60 -27.63
C ALA E 65 47.17 5.36 -27.87
N ILE E 66 48.15 4.70 -28.47
CA ILE E 66 49.45 5.30 -28.77
C ILE E 66 49.58 5.46 -30.27
N ASP E 67 50.03 6.64 -30.70
CA ASP E 67 50.29 6.92 -32.11
C ASP E 67 51.75 6.61 -32.41
N GLU E 68 51.96 5.50 -33.11
CA GLU E 68 53.30 5.06 -33.50
C GLU E 68 54.02 6.14 -34.29
N ASN E 69 53.28 6.90 -35.11
CA ASN E 69 53.89 7.91 -35.97
C ASN E 69 54.47 9.07 -35.18
N LYS E 70 53.94 9.33 -33.98
CA LYS E 70 54.42 10.40 -33.12
C LYS E 70 55.34 9.91 -32.01
N CYS E 71 55.14 8.68 -31.55
CA CYS E 71 55.95 8.15 -30.46
C CYS E 71 57.41 8.10 -30.84
N VAL E 72 58.25 8.69 -29.98
CA VAL E 72 59.71 8.67 -30.15
C VAL E 72 60.40 7.80 -29.12
N LEU E 73 59.63 7.13 -28.25
CA LEU E 73 60.14 6.12 -27.31
C LEU E 73 61.09 6.70 -26.29
N CYS E 74 60.78 7.92 -25.81
CA CYS E 74 61.57 8.52 -24.75
C CYS E 74 61.27 7.90 -23.40
N GLY E 75 60.02 7.51 -23.17
CA GLY E 75 59.64 6.85 -21.93
C GLY E 75 59.35 7.76 -20.75
N MET E 76 58.95 9.00 -20.99
CA MET E 76 58.46 9.80 -19.87
C MET E 76 57.18 9.19 -19.30
N CYS E 77 56.34 8.62 -20.16
CA CYS E 77 55.08 8.02 -19.73
C CYS E 77 55.32 6.88 -18.75
N SER E 78 56.28 6.00 -19.07
CA SER E 78 56.60 4.89 -18.19
C SER E 78 57.22 5.37 -16.89
N SER E 79 57.86 6.54 -16.92
CA SER E 79 58.51 7.05 -15.72
C SER E 79 57.50 7.63 -14.73
N ILE E 80 56.42 8.20 -15.23
CA ILE E 80 55.46 8.87 -14.37
C ILE E 80 54.39 7.92 -13.86
N CYS E 81 54.05 6.90 -14.64
CA CYS E 81 52.86 6.12 -14.35
C CYS E 81 52.93 5.54 -12.93
N PRO E 82 52.03 5.91 -12.03
CA PRO E 82 52.06 5.35 -10.67
C PRO E 82 51.33 4.01 -10.51
N PHE E 83 50.91 3.38 -11.59
CA PHE E 83 50.25 2.07 -11.54
C PHE E 83 51.07 0.99 -12.24
N GLN E 84 52.30 1.31 -12.65
CA GLN E 84 53.21 0.33 -13.26
C GLN E 84 52.61 -0.28 -14.52
N ALA E 85 51.85 0.52 -15.27
CA ALA E 85 51.16 0.02 -16.46
C ALA E 85 51.94 0.25 -17.75
N LEU E 86 52.96 1.11 -17.74
CA LEU E 86 53.79 1.38 -18.90
C LEU E 86 55.24 1.10 -18.58
N ASP E 87 55.92 0.41 -19.48
CA ASP E 87 57.31 0.07 -19.29
C ASP E 87 58.07 0.32 -20.59
N LEU E 88 59.19 1.02 -20.48
CA LEU E 88 60.11 1.19 -21.59
C LEU E 88 61.31 0.26 -21.35
N GLN E 89 61.59 -0.58 -22.32
CA GLN E 89 62.73 -1.49 -22.28
C GLN E 89 63.75 -1.08 -23.32
N ILE E 90 65.01 -1.03 -22.94
CA ILE E 90 66.08 -0.57 -23.81
C ILE E 90 67.10 -1.70 -23.89
N ASP E 91 67.26 -2.28 -25.07
CA ASP E 91 68.12 -3.45 -25.27
C ASP E 91 67.71 -4.56 -24.29
N GLY E 92 66.39 -4.71 -24.11
CA GLY E 92 65.85 -5.75 -23.27
C GLY E 92 65.73 -5.41 -21.81
N THR E 93 66.21 -4.25 -21.39
CA THR E 93 66.23 -3.88 -19.98
C THR E 93 65.26 -2.73 -19.73
N SER E 94 64.45 -2.87 -18.70
CA SER E 94 63.49 -1.84 -18.33
C SER E 94 64.20 -0.61 -17.76
N ILE E 95 63.62 0.57 -18.00
CA ILE E 95 64.21 1.80 -17.51
C ILE E 95 64.19 1.87 -15.98
N LYS E 96 63.30 1.12 -15.33
CA LYS E 96 63.32 1.06 -13.87
C LYS E 96 64.65 0.54 -13.35
N GLU E 97 65.42 -0.15 -14.20
CA GLU E 97 66.74 -0.66 -13.83
C GLU E 97 67.87 0.29 -14.19
N LEU E 98 67.56 1.42 -14.82
CA LEU E 98 68.57 2.33 -15.33
C LEU E 98 68.53 3.61 -14.51
N ALA E 99 69.63 3.88 -13.79
CA ALA E 99 69.69 5.03 -12.89
C ALA E 99 69.64 6.35 -13.65
N GLU E 100 70.17 6.39 -14.87
CA GLU E 100 70.08 7.61 -15.67
C GLU E 100 68.63 7.99 -15.93
N TYR E 101 67.66 7.05 -15.75
CA TYR E 101 66.27 7.35 -16.01
C TYR E 101 65.52 7.66 -14.72
N PRO E 102 64.66 8.68 -14.72
CA PRO E 102 63.93 9.02 -13.50
C PRO E 102 62.97 7.91 -13.09
N LYS E 103 62.75 7.81 -11.78
CA LYS E 103 61.86 6.82 -11.19
C LYS E 103 61.13 7.49 -10.04
N ILE E 104 59.80 7.38 -10.00
CA ILE E 104 59.07 7.94 -8.88
C ILE E 104 59.42 7.14 -7.62
N ILE E 105 59.38 7.80 -6.48
CA ILE E 105 59.83 7.24 -5.21
C ILE E 105 58.60 6.84 -4.40
N LYS E 106 58.49 5.55 -4.09
CA LYS E 106 57.35 4.99 -3.38
C LYS E 106 57.74 3.63 -2.83
N SER E 107 57.06 3.21 -1.76
CA SER E 107 57.36 1.91 -1.16
C SER E 107 56.19 1.45 -0.30
N ALA E 108 56.29 0.20 0.13
CA ALA E 108 55.29 -0.45 0.96
C ALA E 108 55.87 -1.73 1.56
N GLU E 109 56.09 -1.75 2.87
CA GLU E 109 56.76 -2.86 3.53
C GLU E 109 56.00 -3.28 4.78
N ILE E 110 56.09 -4.56 5.11
CA ILE E 110 55.54 -5.13 6.33
C ILE E 110 56.67 -5.72 7.14
N ASP E 111 56.86 -5.21 8.36
CA ASP E 111 57.79 -5.77 9.33
C ASP E 111 57.25 -7.12 9.81
N ASP E 112 57.86 -8.22 9.35
CA ASP E 112 57.35 -9.54 9.67
C ASP E 112 57.48 -9.87 11.16
N GLU E 113 58.46 -9.28 11.85
CA GLU E 113 58.58 -9.53 13.28
C GLU E 113 57.39 -8.96 14.05
N THR E 114 56.92 -7.79 13.64
CA THR E 114 55.82 -7.12 14.33
C THR E 114 54.47 -7.71 13.94
N CYS E 115 54.33 -8.06 12.67
CA CYS E 115 53.08 -8.57 12.13
C CYS E 115 52.61 -9.79 12.91
N ILE E 116 51.32 -9.79 13.28
CA ILE E 116 50.69 -10.87 14.03
C ILE E 116 49.69 -11.63 13.16
N GLN E 117 49.71 -11.44 11.85
CA GLN E 117 48.93 -12.28 10.94
C GLN E 117 47.43 -12.11 11.18
N CYS E 118 47.00 -10.87 11.42
CA CYS E 118 45.59 -10.59 11.68
C CYS E 118 44.76 -10.53 10.41
N LYS E 119 45.40 -10.29 9.26
CA LYS E 119 44.81 -10.28 7.93
C LYS E 119 43.99 -9.04 7.62
N ALA E 120 44.02 -8.01 8.48
CA ALA E 120 43.28 -6.79 8.19
C ALA E 120 43.77 -6.11 6.92
N CYS E 121 45.09 -6.02 6.74
CA CYS E 121 45.62 -5.37 5.54
C CYS E 121 45.18 -6.11 4.28
N GLU E 122 45.24 -7.45 4.31
CA GLU E 122 44.83 -8.23 3.14
C GLU E 122 43.39 -7.90 2.74
N THR E 123 42.50 -7.85 3.73
CA THR E 123 41.12 -7.46 3.50
C THR E 123 41.01 -6.03 2.96
N ALA E 124 41.77 -5.10 3.54
CA ALA E 124 41.60 -3.68 3.20
C ALA E 124 42.31 -3.28 1.92
N CYS E 125 43.24 -4.07 1.43
CA CYS E 125 43.99 -3.66 0.25
C CYS E 125 43.05 -3.50 -0.95
N PRO E 126 42.95 -2.32 -1.55
CA PRO E 126 42.04 -2.13 -2.68
C PRO E 126 42.53 -2.71 -4.00
N GLN E 127 43.76 -3.21 -4.06
CA GLN E 127 44.28 -3.84 -5.28
C GLN E 127 44.52 -5.33 -5.09
N ASP E 128 44.14 -5.88 -3.95
CA ASP E 128 44.40 -7.28 -3.62
C ASP E 128 45.87 -7.62 -3.92
N ALA E 129 46.76 -6.75 -3.45
CA ALA E 129 48.18 -6.91 -3.64
C ALA E 129 48.88 -7.53 -2.43
N ILE E 130 48.15 -7.79 -1.34
CA ILE E 130 48.72 -8.35 -0.12
C ILE E 130 48.25 -9.79 0.03
N THR E 131 49.17 -10.68 0.33
CA THR E 131 48.87 -12.06 0.71
C THR E 131 49.35 -12.29 2.14
N ILE E 132 48.44 -12.71 3.01
CA ILE E 132 48.80 -13.08 4.38
C ILE E 132 48.48 -14.55 4.58
N THR E 133 49.50 -15.34 4.85
CA THR E 133 49.33 -16.74 5.22
C THR E 133 49.50 -16.88 6.73
N ARG E 134 48.78 -17.82 7.34
CA ARG E 134 49.01 -18.08 8.76
C ARG E 134 48.69 -19.52 9.11
N GLU E 135 49.48 -20.05 10.03
CA GLU E 135 49.36 -21.42 10.54
C GLU E 135 48.88 -21.36 11.98
N LEU E 136 47.65 -21.81 12.21
CA LEU E 136 47.14 -21.91 13.56
C LEU E 136 47.59 -23.21 14.22
N PRO E 137 47.67 -23.24 15.55
CA PRO E 137 47.98 -24.50 16.23
C PRO E 137 46.87 -25.52 16.03
N GLU E 138 47.21 -26.80 16.18
CA GLU E 138 46.19 -27.83 16.17
C GLU E 138 45.27 -27.64 17.36
N ARG E 139 43.97 -27.87 17.14
CA ARG E 139 42.99 -27.72 18.21
C ARG E 139 43.43 -28.45 19.48
N LYS E 140 43.89 -29.69 19.34
CA LYS E 140 44.26 -30.50 20.50
C LYS E 140 45.28 -29.81 21.40
N ASP E 141 46.02 -28.83 20.87
CA ASP E 141 47.01 -28.08 21.63
C ASP E 141 46.43 -26.91 22.38
N LEU E 142 45.21 -26.49 22.06
CA LEU E 142 44.53 -25.40 22.75
C LEU E 142 43.63 -25.90 23.87
N VAL E 143 43.66 -27.20 24.18
CA VAL E 143 42.94 -27.76 25.31
C VAL E 143 43.86 -28.79 25.98
N THR E 144 43.79 -28.87 27.30
CA THR E 144 44.57 -29.84 28.06
C THR E 144 43.65 -30.55 29.06
N GLY E 145 43.71 -31.86 29.06
CA GLY E 145 42.90 -32.62 29.99
C GLY E 145 43.01 -34.11 29.73
N GLU E 146 42.62 -34.89 30.71
CA GLU E 146 42.57 -36.34 30.54
C GLU E 146 41.12 -36.79 30.60
N ILE E 147 40.83 -37.85 29.88
CA ILE E 147 39.48 -38.40 29.84
C ILE E 147 39.57 -39.89 29.60
N GLU E 148 38.92 -40.67 30.44
CA GLU E 148 38.87 -42.11 30.21
C GLU E 148 37.48 -42.64 30.54
N ILE E 149 37.05 -43.60 29.74
CA ILE E 149 35.75 -44.24 29.90
C ILE E 149 36.01 -45.64 30.44
N ASP E 150 35.37 -45.96 31.56
CA ASP E 150 35.39 -47.32 32.14
C ASP E 150 34.45 -48.19 31.32
N LYS E 151 35.02 -49.01 30.43
CA LYS E 151 34.17 -49.78 29.52
C LYS E 151 33.42 -50.90 30.22
N ASP E 152 33.74 -51.21 31.49
CA ASP E 152 32.93 -52.18 32.23
C ASP E 152 31.67 -51.51 32.81
N THR E 153 31.85 -50.38 33.48
CA THR E 153 30.70 -49.65 34.02
C THR E 153 29.75 -49.20 32.91
N CYS E 154 30.30 -48.76 31.79
CA CYS E 154 29.51 -48.30 30.67
C CYS E 154 28.44 -49.32 30.30
N ILE E 155 27.20 -48.83 30.17
CA ILE E 155 26.05 -49.62 29.74
C ILE E 155 25.64 -49.29 28.30
N TYR E 156 26.39 -48.43 27.61
CA TYR E 156 26.24 -48.24 26.17
C TYR E 156 24.90 -47.59 25.80
N CYS E 157 24.37 -46.76 26.70
CA CYS E 157 23.14 -46.03 26.41
C CYS E 157 23.30 -45.09 25.23
N GLY E 158 24.52 -44.67 24.91
CA GLY E 158 24.74 -43.87 23.73
C GLY E 158 24.46 -42.38 23.89
N MET E 159 24.26 -41.90 25.11
CA MET E 159 23.92 -40.50 25.33
C MET E 159 25.14 -39.59 25.16
N CYS E 160 26.29 -40.00 25.68
CA CYS E 160 27.53 -39.25 25.44
C CYS E 160 27.78 -39.08 23.94
N GLU E 161 27.63 -40.16 23.18
CA GLU E 161 27.91 -40.13 21.75
C GLU E 161 27.01 -39.11 21.05
N GLU E 162 25.73 -39.07 21.42
CA GLU E 162 24.81 -38.09 20.85
C GLU E 162 25.18 -36.66 21.27
N MET E 163 25.53 -36.46 22.53
CA MET E 163 25.70 -35.13 23.09
C MET E 163 27.09 -34.54 22.85
N CYS E 164 28.07 -35.33 22.45
CA CYS E 164 29.41 -34.78 22.27
C CYS E 164 29.33 -33.69 21.21
N PRO E 165 29.75 -32.45 21.52
CA PRO E 165 29.59 -31.37 20.54
C PRO E 165 30.55 -31.48 19.37
N VAL E 166 31.50 -32.41 19.41
CA VAL E 166 32.53 -32.48 18.37
C VAL E 166 32.68 -33.89 17.84
N ASP E 167 31.72 -34.76 18.16
CA ASP E 167 31.72 -36.15 17.68
C ASP E 167 33.04 -36.85 17.95
N ALA E 168 33.54 -36.70 19.17
CA ALA E 168 34.77 -37.38 19.59
C ALA E 168 34.54 -38.78 20.14
N ILE E 169 33.31 -39.12 20.53
CA ILE E 169 33.02 -40.44 21.09
C ILE E 169 32.38 -41.30 20.01
N GLU E 170 32.89 -42.52 19.87
CA GLU E 170 32.32 -43.48 18.95
C GLU E 170 32.01 -44.77 19.71
N ILE E 171 30.87 -45.37 19.40
CA ILE E 171 30.42 -46.62 19.99
C ILE E 171 30.25 -47.63 18.87
N ASP E 172 30.73 -48.86 19.09
CA ASP E 172 30.60 -49.93 18.11
C ASP E 172 29.31 -50.72 18.41
N HIS E 173 28.21 -50.18 17.90
CA HIS E 173 26.90 -50.78 18.11
C HIS E 173 26.77 -52.07 17.32
N GLN E 174 25.79 -52.89 17.71
CA GLN E 174 25.53 -54.17 17.06
C GLN E 174 24.16 -54.68 17.47
N THR E 175 23.63 -55.60 16.66
CA THR E 175 22.47 -56.38 17.09
C THR E 175 22.95 -57.57 17.92
N PRO E 176 22.40 -57.78 19.12
CA PRO E 176 22.83 -58.92 19.93
C PRO E 176 22.53 -60.26 19.26
N SER E 177 23.28 -61.26 19.70
CA SER E 177 23.04 -62.65 19.37
C SER E 177 23.24 -63.44 20.65
N SER E 178 22.74 -64.68 20.66
CA SER E 178 22.96 -65.50 21.85
C SER E 178 24.45 -65.71 22.09
N ALA E 179 25.27 -65.60 21.04
CA ALA E 179 26.70 -65.77 21.15
C ALA E 179 27.40 -64.48 21.56
N SER E 180 26.73 -63.34 21.39
CA SER E 180 27.31 -62.05 21.73
C SER E 180 26.18 -61.18 22.26
N PRO E 181 25.73 -61.44 23.53
CA PRO E 181 24.51 -60.83 24.08
C PRO E 181 24.70 -59.40 24.58
N VAL E 182 25.20 -58.53 23.72
CA VAL E 182 25.50 -57.15 24.08
C VAL E 182 25.09 -56.24 22.93
N VAL E 183 24.63 -55.02 23.27
CA VAL E 183 24.23 -54.06 22.25
C VAL E 183 25.40 -53.23 21.73
N ALA E 184 26.61 -53.46 22.21
CA ALA E 184 27.78 -52.76 21.69
C ALA E 184 29.03 -53.52 22.14
N THR E 185 30.10 -53.37 21.36
CA THR E 185 31.36 -54.06 21.62
C THR E 185 32.49 -53.14 22.06
N ASP E 186 32.35 -51.81 21.94
CA ASP E 186 33.43 -50.93 22.33
C ASP E 186 32.95 -49.49 22.36
N ILE E 187 33.70 -48.65 23.07
CA ILE E 187 33.49 -47.21 23.12
C ILE E 187 34.85 -46.52 23.15
N ARG E 188 35.00 -45.43 22.40
CA ARG E 188 36.30 -44.77 22.26
C ARG E 188 36.12 -43.25 22.24
N VAL E 189 37.14 -42.56 22.75
CA VAL E 189 37.20 -41.10 22.72
C VAL E 189 38.40 -40.71 21.87
N ASP E 190 38.14 -40.00 20.77
CA ASP E 190 39.19 -39.45 19.92
C ASP E 190 39.72 -38.19 20.60
N GLU E 191 40.84 -38.32 21.31
CA GLU E 191 41.36 -37.20 22.07
C GLU E 191 42.00 -36.14 21.18
N ASP E 192 42.10 -36.38 19.87
CA ASP E 192 42.45 -35.31 18.95
C ASP E 192 41.29 -34.34 18.75
N LYS E 193 40.05 -34.84 18.82
CA LYS E 193 38.85 -34.03 18.63
C LYS E 193 38.31 -33.47 19.94
N CYS E 194 38.49 -34.19 21.03
CA CYS E 194 37.92 -33.80 22.31
C CYS E 194 38.40 -32.41 22.74
N VAL E 195 37.46 -31.57 23.16
CA VAL E 195 37.77 -30.22 23.63
C VAL E 195 37.51 -30.08 25.12
N HIS E 196 37.25 -31.19 25.81
CA HIS E 196 37.25 -31.28 27.28
C HIS E 196 36.22 -30.35 27.91
N CYS E 197 35.01 -30.38 27.37
CA CYS E 197 33.89 -29.62 27.92
C CYS E 197 33.17 -30.36 29.03
N GLY E 198 33.42 -31.65 29.22
CA GLY E 198 32.81 -32.37 30.33
C GLY E 198 31.33 -32.68 30.19
N ILE E 199 30.74 -32.46 29.02
CA ILE E 199 29.32 -32.76 28.83
C ILE E 199 29.07 -34.25 29.00
N CYS E 200 29.93 -35.08 28.40
CA CYS E 200 29.77 -36.54 28.48
C CYS E 200 29.67 -37.00 29.93
N LYS E 201 30.66 -36.63 30.74
CA LYS E 201 30.69 -37.01 32.15
C LYS E 201 29.38 -36.64 32.84
N ARG E 202 28.84 -35.45 32.55
CA ARG E 202 27.65 -34.99 33.25
C ARG E 202 26.36 -35.65 32.76
N ILE E 203 26.35 -36.19 31.55
CA ILE E 203 25.15 -36.88 31.08
C ILE E 203 25.18 -38.36 31.42
N CYS E 204 26.35 -38.93 31.71
CA CYS E 204 26.44 -40.37 31.87
C CYS E 204 25.56 -40.83 33.02
N PRO E 205 24.68 -41.82 32.81
CA PRO E 205 23.81 -42.27 33.90
C PRO E 205 24.45 -43.21 34.90
N VAL E 206 25.66 -43.71 34.64
CA VAL E 206 26.33 -44.66 35.52
C VAL E 206 27.71 -44.18 35.95
N ASP E 207 28.01 -42.91 35.75
CA ASP E 207 29.30 -42.32 36.11
C ASP E 207 30.47 -43.20 35.63
N ALA E 208 30.43 -43.57 34.35
CA ALA E 208 31.50 -44.36 33.75
C ALA E 208 32.63 -43.53 33.16
N ILE E 209 32.49 -42.19 33.12
CA ILE E 209 33.44 -41.34 32.42
C ILE E 209 34.12 -40.45 33.43
N MET E 210 35.45 -40.53 33.50
CA MET E 210 36.28 -39.57 34.22
C MET E 210 36.79 -38.53 33.22
N GLN E 211 36.51 -37.25 33.50
CA GLN E 211 36.97 -36.16 32.64
C GLN E 211 37.38 -35.00 33.52
N VAL E 212 38.62 -34.54 33.38
CA VAL E 212 39.11 -33.40 34.15
C VAL E 212 40.02 -32.55 33.27
N CYS E 213 39.92 -31.22 33.44
CA CYS E 213 40.82 -30.27 32.78
C CYS E 213 42.05 -30.04 33.65
N ARG E 214 43.23 -30.09 33.03
CA ARG E 214 44.49 -29.84 33.74
C ARG E 214 44.72 -28.34 33.92
N TYR E 221 59.94 -29.96 32.94
CA TYR E 221 58.94 -30.22 31.91
C TYR E 221 58.97 -29.08 30.89
N GLU E 222 59.18 -29.43 29.61
CA GLU E 222 59.35 -28.42 28.55
C GLU E 222 58.53 -28.82 27.32
N ILE E 223 57.29 -28.35 27.28
CA ILE E 223 56.42 -28.50 26.12
C ILE E 223 56.47 -27.20 25.33
N LYS E 224 56.60 -27.31 24.01
CA LYS E 224 56.66 -26.11 23.21
C LYS E 224 55.32 -25.38 23.29
N THR E 225 55.40 -24.09 23.61
CA THR E 225 54.20 -23.28 23.68
C THR E 225 53.58 -23.19 22.28
N PRO E 226 52.26 -23.34 22.15
CA PRO E 226 51.64 -23.21 20.83
C PRO E 226 51.56 -21.74 20.42
N GLU E 227 51.95 -21.45 19.18
CA GLU E 227 51.95 -20.07 18.74
C GLU E 227 51.64 -20.02 17.25
N VAL E 228 51.15 -18.87 16.81
CA VAL E 228 50.72 -18.66 15.43
C VAL E 228 51.92 -18.19 14.61
N THR E 229 52.11 -18.79 13.44
CA THR E 229 53.13 -18.38 12.49
C THR E 229 52.47 -17.99 11.18
N GLY E 230 53.20 -17.22 10.36
CA GLY E 230 52.69 -16.85 9.05
C GLY E 230 53.71 -16.05 8.25
N THR E 231 53.28 -15.63 7.07
CA THR E 231 54.11 -14.82 6.18
C THR E 231 53.27 -13.67 5.62
N SER E 232 53.97 -12.74 4.97
CA SER E 232 53.35 -11.56 4.39
C SER E 232 54.05 -11.19 3.09
N TYR E 233 53.29 -11.00 2.02
CA TYR E 233 53.83 -10.64 0.71
C TYR E 233 53.04 -9.47 0.14
N ILE E 234 53.76 -8.48 -0.38
CA ILE E 234 53.17 -7.36 -1.11
C ILE E 234 53.66 -7.44 -2.55
N ASP E 235 52.71 -7.59 -3.47
CA ASP E 235 53.02 -7.61 -4.90
C ASP E 235 53.37 -6.20 -5.39
N PRO E 236 54.63 -5.92 -5.75
CA PRO E 236 54.97 -4.55 -6.20
C PRO E 236 54.30 -4.11 -7.48
N GLU E 237 53.91 -5.05 -8.34
CA GLU E 237 53.24 -4.71 -9.59
C GLU E 237 51.81 -4.24 -9.34
N LEU E 238 51.15 -4.79 -8.32
CA LEU E 238 49.81 -4.40 -7.95
C LEU E 238 49.77 -3.28 -6.93
N CYS E 239 50.77 -3.21 -6.06
CA CYS E 239 50.78 -2.22 -4.99
C CYS E 239 50.75 -0.81 -5.57
N VAL E 240 49.82 -0.02 -5.05
CA VAL E 240 49.55 1.32 -5.53
C VAL E 240 49.96 2.39 -4.51
N ASN E 241 50.33 1.97 -3.28
CA ASN E 241 50.93 2.84 -2.26
C ASN E 241 49.92 3.76 -1.62
N CYS E 242 48.67 3.30 -1.50
CA CYS E 242 47.63 4.10 -0.88
C CYS E 242 47.79 4.19 0.64
N GLY E 243 48.47 3.22 1.26
CA GLY E 243 48.67 3.25 2.70
C GLY E 243 47.52 2.75 3.54
N TRP E 244 46.48 2.14 2.94
CA TRP E 244 45.44 1.48 3.72
C TRP E 244 46.03 0.47 4.70
N CYS E 245 47.04 -0.29 4.26
CA CYS E 245 47.68 -1.25 5.14
C CYS E 245 48.30 -0.56 6.35
N GLN E 246 48.98 0.56 6.12
CA GLN E 246 49.62 1.27 7.21
C GLN E 246 48.60 1.73 8.24
N GLU E 247 47.44 2.21 7.78
CA GLU E 247 46.45 2.77 8.69
C GLU E 247 45.63 1.68 9.39
N ILE E 248 45.28 0.62 8.65
CA ILE E 248 44.45 -0.45 9.20
C ILE E 248 45.20 -1.31 10.20
N CYS E 249 46.53 -1.27 10.18
CA CYS E 249 47.30 -2.22 10.97
C CYS E 249 47.15 -1.92 12.46
N PRO E 250 46.82 -2.92 13.28
CA PRO E 250 46.70 -2.68 14.73
C PRO E 250 48.03 -2.64 15.47
N VAL E 251 49.14 -3.03 14.86
CA VAL E 251 50.42 -3.05 15.54
C VAL E 251 51.47 -2.24 14.80
N ASP E 252 51.04 -1.35 13.89
CA ASP E 252 51.95 -0.45 13.16
C ASP E 252 53.10 -1.21 12.52
N ALA E 253 52.77 -2.31 11.82
CA ALA E 253 53.76 -3.14 11.17
C ALA E 253 53.95 -2.83 9.69
N ALA E 254 53.06 -2.06 9.08
CA ALA E 254 53.12 -1.71 7.66
C ALA E 254 53.55 -0.27 7.50
N THR E 255 54.50 -0.03 6.60
CA THR E 255 54.99 1.31 6.31
C THR E 255 54.86 1.56 4.81
N VAL E 256 54.36 2.74 4.45
CA VAL E 256 54.12 3.12 3.07
C VAL E 256 54.61 4.55 2.85
N THR E 257 55.15 4.82 1.65
CA THR E 257 55.46 6.17 1.23
C THR E 257 54.90 6.39 -0.18
N LYS E 258 54.49 7.62 -0.46
CA LYS E 258 53.78 7.92 -1.69
C LYS E 258 54.63 8.74 -2.66
N PRO E 259 54.33 8.67 -3.95
CA PRO E 259 55.09 9.45 -4.92
C PRO E 259 54.74 10.93 -4.91
N PHE E 260 53.45 11.24 -4.97
CA PHE E 260 52.95 12.60 -5.09
C PHE E 260 52.43 13.13 -3.76
N GLU E 261 52.51 14.45 -3.60
CA GLU E 261 51.80 15.17 -2.57
C GLU E 261 50.78 16.08 -3.25
N GLY E 262 49.69 16.38 -2.56
CA GLY E 262 48.65 17.18 -3.17
C GLY E 262 47.46 17.41 -2.26
N GLU E 263 46.36 17.82 -2.88
CA GLU E 263 45.11 18.13 -2.21
C GLU E 263 43.92 17.64 -3.04
N LEU E 264 42.88 17.21 -2.34
CA LEU E 264 41.59 16.87 -2.92
C LEU E 264 40.57 17.92 -2.53
N ILE E 265 39.80 18.41 -3.50
CA ILE E 265 38.74 19.37 -3.24
C ILE E 265 37.45 18.91 -3.89
N ILE E 266 36.38 18.83 -3.11
CA ILE E 266 35.08 18.36 -3.59
C ILE E 266 34.07 19.49 -3.42
N ASP E 267 33.30 19.75 -4.47
CA ASP E 267 32.15 20.64 -4.41
C ASP E 267 30.89 19.79 -4.18
N GLN E 268 30.45 19.70 -2.92
CA GLN E 268 29.35 18.81 -2.58
C GLN E 268 28.06 19.17 -3.33
N ASP E 269 27.83 20.45 -3.60
CA ASP E 269 26.60 20.89 -4.25
C ASP E 269 26.60 20.59 -5.75
N THR E 270 27.79 20.50 -6.37
CA THR E 270 27.85 20.16 -7.79
C THR E 270 27.74 18.65 -7.98
N CYS E 271 28.39 17.89 -7.12
CA CYS E 271 28.25 16.44 -7.11
C CYS E 271 26.79 16.02 -7.12
N GLN E 272 26.44 15.13 -8.04
CA GLN E 272 25.10 14.57 -8.13
C GLN E 272 25.09 13.12 -7.71
N ALA E 273 26.16 12.65 -7.08
CA ALA E 273 26.24 11.33 -6.45
C ALA E 273 25.92 10.22 -7.44
N CYS E 274 26.59 10.26 -8.60
CA CYS E 274 26.45 9.19 -9.57
C CYS E 274 27.40 8.04 -9.28
N GLU E 275 28.30 8.20 -8.30
CA GLU E 275 29.17 7.15 -7.77
C GLU E 275 30.30 6.79 -8.72
N THR E 276 30.44 7.46 -9.86
CA THR E 276 31.50 7.13 -10.80
C THR E 276 32.88 7.22 -10.16
N CYS E 277 33.16 8.36 -9.53
CA CYS E 277 34.48 8.54 -8.92
C CYS E 277 34.72 7.50 -7.83
N VAL E 278 33.68 7.17 -7.06
CA VAL E 278 33.82 6.15 -6.03
C VAL E 278 34.28 4.83 -6.64
N MET E 279 33.62 4.41 -7.73
CA MET E 279 33.99 3.16 -8.41
C MET E 279 35.37 3.25 -9.06
N VAL E 280 35.78 4.45 -9.48
CA VAL E 280 37.01 4.61 -10.25
C VAL E 280 38.23 4.61 -9.35
N CYS E 281 38.11 5.14 -8.14
CA CYS E 281 39.27 5.39 -7.30
C CYS E 281 39.99 4.09 -6.98
N PRO E 282 41.24 3.92 -7.40
CA PRO E 282 41.99 2.68 -7.11
C PRO E 282 42.50 2.59 -5.69
N CYS E 283 42.26 3.61 -4.86
CA CYS E 283 42.79 3.65 -3.51
C CYS E 283 41.69 3.65 -2.45
N ASN E 284 40.42 3.56 -2.85
CA ASN E 284 39.33 3.53 -1.88
C ASN E 284 39.30 4.79 -1.02
N VAL E 285 39.51 5.95 -1.64
CA VAL E 285 39.47 7.20 -0.90
C VAL E 285 38.03 7.66 -0.69
N LEU E 286 37.17 7.45 -1.67
CA LEU E 286 35.88 8.12 -1.76
C LEU E 286 34.74 7.14 -1.47
N SER E 287 33.70 7.62 -0.79
CA SER E 287 32.62 6.75 -0.35
C SER E 287 31.38 7.56 -0.01
N PHE E 288 30.25 6.84 0.12
CA PHE E 288 28.93 7.40 0.40
C PHE E 288 28.52 7.02 1.82
N PRO E 289 28.81 7.84 2.83
CA PRO E 289 28.43 7.47 4.20
C PRO E 289 26.93 7.28 4.34
N LYS E 290 26.55 6.34 5.16
CA LYS E 290 25.15 6.09 5.48
C LYS E 290 24.76 6.85 6.74
N PRO E 291 23.60 7.49 6.81
CA PRO E 291 23.22 8.18 8.05
C PRO E 291 23.02 7.21 9.20
N GLU E 292 23.47 7.61 10.38
CA GLU E 292 23.30 6.77 11.56
C GLU E 292 21.86 6.78 12.06
N LYS E 293 21.18 7.92 11.94
CA LYS E 293 19.85 8.06 12.49
C LYS E 293 18.86 8.54 11.43
N PRO E 294 17.60 8.11 11.51
CA PRO E 294 16.60 8.63 10.57
C PRO E 294 16.49 10.14 10.67
N GLY E 295 16.53 10.81 9.52
CA GLY E 295 16.48 12.25 9.47
C GLY E 295 17.83 12.92 9.60
N GLU E 296 18.88 12.15 9.84
CA GLU E 296 20.23 12.68 9.91
C GLU E 296 20.78 12.74 8.49
N LYS E 297 21.51 13.82 8.18
CA LYS E 297 22.11 13.98 6.88
C LYS E 297 23.61 13.79 6.97
N THR E 298 24.19 13.33 5.88
CA THR E 298 25.62 13.02 5.79
C THR E 298 26.26 13.85 4.68
N THR E 299 27.59 13.89 4.73
CA THR E 299 28.34 14.42 3.61
C THR E 299 28.08 13.57 2.37
N LYS E 300 27.70 14.24 1.27
CA LYS E 300 27.34 13.52 0.05
C LYS E 300 28.49 12.68 -0.49
N LEU E 301 29.68 13.27 -0.59
CA LEU E 301 30.87 12.57 -1.08
C LEU E 301 31.95 12.71 -0.02
N HIS E 302 32.29 11.60 0.64
CA HIS E 302 33.26 11.60 1.71
C HIS E 302 34.61 11.10 1.19
N LYS E 303 35.68 11.69 1.71
CA LYS E 303 37.04 11.35 1.33
C LYS E 303 37.89 11.16 2.57
N ASP E 304 38.95 10.36 2.43
CA ASP E 304 40.01 10.25 3.45
C ASP E 304 41.34 10.33 2.70
N GLU E 305 41.97 11.51 2.69
CA GLU E 305 43.18 11.69 1.89
C GLU E 305 44.34 10.84 2.38
N ARG E 306 44.26 10.27 3.59
CA ARG E 306 45.26 9.31 4.04
C ARG E 306 45.53 8.23 3.01
N PHE E 307 44.54 7.91 2.18
CA PHE E 307 44.66 6.84 1.20
C PHE E 307 44.85 7.33 -0.23
N CYS E 308 44.80 8.64 -0.43
CA CYS E 308 44.90 9.22 -1.77
C CYS E 308 46.36 9.33 -2.21
N ILE E 309 46.59 9.05 -3.50
CA ILE E 309 47.90 9.19 -4.11
C ILE E 309 47.95 10.31 -5.14
N TYR E 310 46.84 11.01 -5.36
CA TYR E 310 46.78 12.20 -6.20
C TYR E 310 47.08 11.87 -7.66
N CYS E 311 46.54 10.74 -8.14
CA CYS E 311 46.68 10.36 -9.54
C CYS E 311 45.73 11.13 -10.45
N GLY E 312 44.59 11.59 -9.94
CA GLY E 312 43.67 12.38 -10.72
C GLY E 312 42.61 11.61 -11.49
N ALA E 313 42.51 10.30 -11.31
CA ALA E 313 41.50 9.52 -12.04
C ALA E 313 40.08 9.99 -11.72
N CYS E 314 39.80 10.24 -10.44
CA CYS E 314 38.45 10.65 -10.06
C CYS E 314 38.07 11.98 -10.71
N GLU E 315 38.92 13.00 -10.58
CA GLU E 315 38.67 14.29 -11.21
C GLU E 315 38.40 14.11 -12.70
N ARG E 316 39.21 13.29 -13.36
CA ARG E 316 39.04 13.00 -14.77
C ARG E 316 37.70 12.32 -15.08
N SER E 317 37.19 11.50 -14.15
CA SER E 317 35.99 10.73 -14.46
C SER E 317 34.71 11.53 -14.23
N CYS E 318 34.79 12.65 -13.52
CA CYS E 318 33.57 13.33 -13.09
C CYS E 318 33.00 14.19 -14.19
N PRO E 319 31.81 13.89 -14.71
CA PRO E 319 31.27 14.67 -15.83
C PRO E 319 30.83 16.07 -15.46
N VAL E 320 30.66 16.38 -14.18
CA VAL E 320 30.27 17.72 -13.74
C VAL E 320 31.43 18.44 -13.04
N THR E 321 32.64 17.88 -13.10
CA THR E 321 33.82 18.53 -12.54
C THR E 321 33.60 18.94 -11.08
N ALA E 322 33.05 18.03 -10.28
CA ALA E 322 32.84 18.33 -8.87
C ALA E 322 34.09 18.09 -8.02
N ILE E 323 35.07 17.34 -8.54
CA ILE E 323 36.30 17.04 -7.82
C ILE E 323 37.46 17.65 -8.58
N THR E 324 38.39 18.26 -7.84
CA THR E 324 39.63 18.75 -8.41
C THR E 324 40.79 18.25 -7.57
N VAL E 325 41.90 17.92 -8.24
CA VAL E 325 43.04 17.25 -7.64
C VAL E 325 44.24 18.17 -7.81
N LYS E 326 44.66 18.83 -6.72
CA LYS E 326 45.89 19.59 -6.74
C LYS E 326 47.07 18.68 -6.46
N ARG E 327 48.17 18.94 -7.15
CA ARG E 327 49.41 18.18 -7.02
C ARG E 327 50.56 19.15 -6.80
N ASN E 328 51.12 19.18 -5.60
CA ASN E 328 52.15 20.17 -5.30
C ASN E 328 53.56 19.58 -5.31
N ARG E 329 53.73 18.28 -5.50
CA ARG E 329 55.07 17.72 -5.49
C ARG E 329 55.09 16.32 -6.09
N ILE E 330 56.13 16.04 -6.88
CA ILE E 330 56.35 14.71 -7.45
C ILE E 330 57.76 14.27 -7.06
N ASN E 331 57.86 13.28 -6.18
CA ASN E 331 59.14 12.82 -5.68
C ASN E 331 59.71 11.77 -6.64
N THR E 332 60.86 12.08 -7.25
CA THR E 332 61.51 11.19 -8.19
C THR E 332 62.99 11.06 -7.83
N THR E 333 63.62 10.06 -8.45
CA THR E 333 65.06 10.02 -8.52
C THR E 333 65.55 11.19 -9.38
N PRO E 334 66.85 11.45 -9.41
CA PRO E 334 67.35 12.63 -10.12
C PRO E 334 66.92 12.70 -11.57
N ILE E 335 66.33 13.83 -11.94
CA ILE E 335 65.91 14.10 -13.32
C ILE E 335 67.03 14.89 -13.98
N ARG E 336 67.88 14.20 -14.74
CA ARG E 336 69.09 14.80 -15.27
C ARG E 336 68.83 15.70 -16.47
N SER E 337 67.78 15.41 -17.23
CA SER E 337 67.40 16.29 -18.34
C SER E 337 66.56 17.45 -17.83
N LYS E 338 66.94 18.67 -18.19
CA LYS E 338 66.12 19.82 -17.80
C LYS E 338 64.79 19.81 -18.54
N ALA E 339 64.77 19.24 -19.74
CA ALA E 339 63.53 19.14 -20.50
C ALA E 339 62.55 18.18 -19.84
N TRP E 340 63.05 17.03 -19.35
CA TRP E 340 62.20 16.14 -18.56
C TRP E 340 61.70 16.85 -17.30
N LYS E 341 62.58 17.56 -16.61
CA LYS E 341 62.22 18.25 -15.38
C LYS E 341 61.03 19.19 -15.60
N ASN E 342 61.05 19.96 -16.69
CA ASN E 342 59.93 20.85 -16.95
C ASN E 342 58.67 20.06 -17.29
N ALA E 343 58.79 18.90 -17.95
CA ALA E 343 57.61 18.11 -18.29
C ALA E 343 56.98 17.49 -17.03
N PHE E 344 57.80 17.03 -16.09
CA PHE E 344 57.28 16.61 -14.80
C PHE E 344 56.64 17.77 -14.05
N ASP E 345 57.27 18.96 -14.10
CA ASP E 345 56.70 20.15 -13.46
C ASP E 345 55.39 20.58 -14.09
N SER E 346 55.14 20.21 -15.36
CA SER E 346 53.87 20.53 -15.99
C SER E 346 52.70 19.77 -15.37
N LEU E 347 52.96 18.73 -14.58
CA LEU E 347 51.91 17.98 -13.92
C LEU E 347 51.53 18.54 -12.56
N LEU E 348 52.27 19.52 -12.05
CA LEU E 348 51.90 20.19 -10.82
C LEU E 348 50.74 21.16 -11.08
N LYS E 349 49.90 21.34 -10.07
CA LYS E 349 48.73 22.22 -10.21
C LYS E 349 48.19 22.72 -8.86
N ALA F 2 37.33 7.52 -30.01
CA ALA F 2 36.08 8.17 -30.35
C ALA F 2 34.91 7.49 -29.62
N ILE F 3 35.09 7.21 -28.32
CA ILE F 3 34.02 6.62 -27.54
C ILE F 3 33.01 7.70 -27.18
N GLY F 4 31.73 7.41 -27.39
CA GLY F 4 30.69 8.37 -27.09
C GLY F 4 29.36 7.67 -26.84
N LEU F 5 28.36 8.49 -26.53
CA LEU F 5 27.03 7.98 -26.24
C LEU F 5 26.34 7.51 -27.52
N LYS F 6 25.51 6.48 -27.39
CA LYS F 6 24.81 5.89 -28.53
C LYS F 6 23.54 5.21 -28.07
N ALA F 7 22.41 5.62 -28.64
CA ALA F 7 21.10 5.11 -28.28
C ALA F 7 20.66 3.99 -29.21
N TYR F 8 19.79 3.13 -28.68
CA TYR F 8 19.13 2.06 -29.44
C TYR F 8 17.64 2.18 -29.18
N PRO F 9 16.99 3.19 -29.77
CA PRO F 9 15.60 3.47 -29.41
C PRO F 9 14.66 2.30 -29.62
N GLU F 10 15.03 1.34 -30.46
CA GLU F 10 14.18 0.17 -30.71
C GLU F 10 14.23 -0.84 -29.57
N LEU F 11 15.15 -0.68 -28.61
CA LEU F 11 15.20 -1.52 -27.43
C LEU F 11 14.67 -0.81 -26.20
N CYS F 12 14.38 0.48 -26.31
CA CYS F 12 14.15 1.35 -25.17
C CYS F 12 12.71 1.32 -24.72
N HIS F 13 12.51 1.30 -23.40
CA HIS F 13 11.18 1.35 -22.81
C HIS F 13 10.73 2.77 -22.55
N GLY F 14 11.62 3.75 -22.69
CA GLY F 14 11.29 5.11 -22.32
C GLY F 14 11.08 5.24 -20.83
N CYS F 15 11.74 4.39 -20.04
CA CYS F 15 11.49 4.32 -18.61
C CYS F 15 12.08 5.51 -17.85
N GLY F 16 13.10 6.16 -18.41
CA GLY F 16 13.64 7.37 -17.83
C GLY F 16 14.77 7.16 -16.84
N ASN F 17 15.12 5.92 -16.50
CA ASN F 17 16.20 5.69 -15.55
C ASN F 17 17.43 6.52 -15.94
N CYS F 18 17.83 6.41 -17.20
CA CYS F 18 19.06 7.05 -17.65
C CYS F 18 18.98 8.57 -17.47
N VAL F 19 17.86 9.18 -17.87
CA VAL F 19 17.73 10.62 -17.77
C VAL F 19 17.92 11.08 -16.33
N ILE F 20 17.34 10.33 -15.38
CA ILE F 20 17.40 10.74 -13.98
C ILE F 20 18.78 10.49 -13.40
N ALA F 21 19.38 9.34 -13.72
CA ALA F 21 20.66 8.97 -13.14
C ALA F 21 21.78 9.90 -13.60
N CYS F 22 21.63 10.49 -14.77
CA CYS F 22 22.71 11.27 -15.34
C CYS F 22 23.07 12.46 -14.44
N PRO F 23 24.31 12.56 -13.96
CA PRO F 23 24.66 13.71 -13.10
C PRO F 23 24.64 15.04 -13.84
N VAL F 24 24.93 15.03 -15.14
CA VAL F 24 24.86 16.26 -15.92
C VAL F 24 23.42 16.75 -16.02
N ASN F 25 22.49 15.84 -16.36
CA ASN F 25 21.09 16.21 -16.40
C ASN F 25 20.64 16.71 -15.04
N ALA F 26 21.03 16.00 -13.97
CA ALA F 26 20.59 16.36 -12.63
C ALA F 26 21.10 17.74 -12.25
N LEU F 27 22.37 18.04 -12.54
CA LEU F 27 22.92 19.33 -12.19
C LEU F 27 22.14 20.46 -12.85
N ARG F 28 21.70 20.23 -14.09
CA ARG F 28 21.06 21.29 -14.88
C ARG F 28 19.56 21.43 -14.63
N SER F 29 18.90 20.37 -14.19
CA SER F 29 17.45 20.40 -13.96
C SER F 29 17.09 19.83 -12.60
N PRO F 30 16.63 20.67 -11.66
CA PRO F 30 16.12 20.15 -10.38
C PRO F 30 14.97 19.16 -10.56
N GLU F 31 14.17 19.31 -11.62
CA GLU F 31 13.10 18.35 -11.87
C GLU F 31 13.67 16.97 -12.18
N VAL F 32 14.63 16.91 -13.10
CA VAL F 32 15.31 15.64 -13.42
C VAL F 32 15.98 15.08 -12.17
N ALA F 33 16.73 15.92 -11.47
CA ALA F 33 17.39 15.48 -10.24
C ALA F 33 16.42 14.73 -9.35
N GLY F 34 15.16 15.15 -9.33
CA GLY F 34 14.15 14.54 -8.48
C GLY F 34 13.30 13.47 -9.14
N GLY F 35 13.77 12.93 -10.25
CA GLY F 35 13.09 11.83 -10.90
C GLY F 35 12.00 12.23 -11.87
N LYS F 36 11.80 13.52 -12.10
CA LYS F 36 10.79 14.00 -13.02
C LYS F 36 11.40 14.30 -14.38
N GLY F 37 10.59 14.16 -15.42
CA GLY F 37 10.96 14.67 -16.71
C GLY F 37 10.95 16.18 -16.64
N PRO F 38 11.87 16.84 -17.36
CA PRO F 38 11.90 18.30 -17.31
C PRO F 38 10.63 18.87 -17.93
N THR F 39 10.07 19.87 -17.26
CA THR F 39 9.01 20.68 -17.82
C THR F 39 9.53 22.05 -18.20
N ASP F 40 10.29 22.68 -17.32
CA ASP F 40 11.09 23.83 -17.69
C ASP F 40 11.97 23.49 -18.88
N ASP F 41 12.10 24.44 -19.81
CA ASP F 41 13.02 24.29 -20.93
C ASP F 41 14.45 24.31 -20.38
N VAL F 42 15.15 23.20 -20.55
CA VAL F 42 16.54 23.08 -20.12
C VAL F 42 17.27 22.28 -21.19
N GLU F 43 18.57 22.52 -21.29
CA GLU F 43 19.42 21.85 -22.28
C GLU F 43 20.17 20.75 -21.54
N ILE F 44 19.74 19.50 -21.75
CA ILE F 44 20.41 18.36 -21.13
C ILE F 44 20.87 17.39 -22.20
N ILE F 45 21.54 16.31 -21.78
CA ILE F 45 22.14 15.39 -22.73
C ILE F 45 21.08 14.66 -23.52
N MET F 46 20.07 14.14 -22.83
CA MET F 46 19.04 13.36 -23.51
C MET F 46 17.77 13.43 -22.68
N ILE F 47 16.67 13.10 -23.35
CA ILE F 47 15.35 12.97 -22.75
C ILE F 47 14.70 11.73 -23.35
N VAL F 48 13.51 11.42 -22.83
CA VAL F 48 12.60 10.51 -23.49
C VAL F 48 11.66 11.36 -24.35
N GLU F 49 11.70 11.13 -25.66
CA GLU F 49 10.87 11.86 -26.60
C GLU F 49 10.17 10.86 -27.49
N ASP F 50 8.87 11.04 -27.68
CA ASP F 50 8.06 10.10 -28.46
C ASP F 50 8.21 8.68 -27.94
N GLY F 51 8.36 8.56 -26.61
CA GLY F 51 8.40 7.27 -25.96
C GLY F 51 9.76 6.59 -25.90
N VAL F 52 10.81 7.22 -26.41
CA VAL F 52 12.12 6.59 -26.41
C VAL F 52 13.20 7.62 -26.09
N VAL F 53 14.32 7.13 -25.56
CA VAL F 53 15.45 7.99 -25.24
C VAL F 53 15.95 8.65 -26.52
N ASN F 54 16.28 9.93 -26.42
CA ASN F 54 16.67 10.71 -27.60
C ASN F 54 17.78 11.67 -27.20
N ILE F 55 19.00 11.41 -27.68
CA ILE F 55 20.15 12.25 -27.36
C ILE F 55 19.96 13.61 -28.03
N LYS F 56 20.15 14.68 -27.24
CA LYS F 56 19.96 16.05 -27.69
C LYS F 56 21.24 16.86 -27.69
N ASN F 57 22.06 16.75 -26.65
CA ASN F 57 23.28 17.55 -26.51
C ASN F 57 24.42 16.64 -26.10
N PRO F 58 24.89 15.77 -27.01
CA PRO F 58 25.96 14.83 -26.64
C PRO F 58 27.29 15.49 -26.30
N ASP F 59 27.50 16.75 -26.69
CA ASP F 59 28.76 17.42 -26.36
C ASP F 59 28.97 17.55 -24.85
N LEU F 60 27.89 17.47 -24.06
CA LEU F 60 27.96 17.60 -22.60
C LEU F 60 28.30 16.29 -21.90
N CYS F 61 28.18 15.17 -22.61
CA CYS F 61 28.47 13.87 -22.01
C CYS F 61 29.94 13.74 -21.65
N GLY F 62 30.21 13.30 -20.42
CA GLY F 62 31.53 12.98 -19.95
C GLY F 62 31.87 11.51 -19.98
N LYS F 63 31.03 10.68 -20.61
CA LYS F 63 31.27 9.25 -20.76
C LYS F 63 31.65 8.60 -19.43
N CYS F 64 30.79 8.76 -18.44
CA CYS F 64 31.07 8.13 -17.16
C CYS F 64 30.43 6.76 -17.03
N GLY F 65 29.35 6.50 -17.78
CA GLY F 65 28.72 5.20 -17.81
C GLY F 65 27.61 4.99 -16.82
N THR F 66 27.20 6.03 -16.08
CA THR F 66 26.14 5.85 -15.10
C THR F 66 24.83 5.47 -15.77
N CYS F 67 24.45 6.20 -16.82
CA CYS F 67 23.23 5.89 -17.55
C CYS F 67 23.25 4.46 -18.08
N VAL F 68 24.42 4.01 -18.56
CA VAL F 68 24.54 2.66 -19.13
C VAL F 68 24.21 1.63 -18.06
N GLU F 69 24.73 1.81 -16.85
CA GLU F 69 24.55 0.84 -15.78
C GLU F 69 23.15 0.89 -15.19
N SER F 70 22.37 1.90 -15.50
CA SER F 70 21.01 2.02 -14.99
C SER F 70 19.98 1.52 -15.98
N CYS F 71 20.40 1.09 -17.18
CA CYS F 71 19.50 0.52 -18.16
C CYS F 71 19.66 -0.98 -18.20
N PRO F 72 18.58 -1.75 -18.02
CA PRO F 72 18.67 -3.21 -18.05
C PRO F 72 18.54 -3.84 -19.43
N VAL F 73 18.20 -3.06 -20.46
CA VAL F 73 17.88 -3.62 -21.77
C VAL F 73 18.86 -3.13 -22.84
N ASP F 74 20.00 -2.58 -22.43
CA ASP F 74 21.09 -2.23 -23.34
C ASP F 74 20.61 -1.28 -24.44
N ALA F 75 19.68 -0.39 -24.09
CA ALA F 75 19.15 0.58 -25.03
C ALA F 75 19.98 1.86 -25.07
N ILE F 76 20.99 1.99 -24.21
CA ILE F 76 21.91 3.13 -24.27
C ILE F 76 23.28 2.62 -23.89
N ARG F 77 24.29 2.98 -24.69
CA ARG F 77 25.63 2.42 -24.55
C ARG F 77 26.68 3.50 -24.82
N LEU F 78 27.87 3.26 -24.30
CA LEU F 78 29.04 4.06 -24.61
C LEU F 78 29.96 3.22 -25.49
N GLU F 79 30.24 3.68 -26.70
CA GLU F 79 31.05 2.89 -27.61
C GLU F 79 31.64 3.80 -28.69
N GLU F 80 32.43 3.17 -29.57
CA GLU F 80 32.99 3.85 -30.72
C GLU F 80 31.89 4.25 -31.70
N LEU F 81 32.00 5.44 -32.27
CA LEU F 81 30.94 6.00 -33.10
C LEU F 81 31.28 5.96 -34.60
#